data_8IGL
#
_entry.id   8IGL
#
_cell.length_a   54.440
_cell.length_b   65.600
_cell.length_c   115.010
_cell.angle_alpha   99.21
_cell.angle_beta   92.70
_cell.angle_gamma   90.16
#
_symmetry.space_group_name_H-M   'P 1'
#
loop_
_entity.id
_entity.type
_entity.pdbx_description
1 polymer CP2475L
2 water water
#
_entity_poly.entity_id   1
_entity_poly.type   'polypeptide(L)'
_entity_poly.pdbx_seq_one_letter_code
;MHHHHHHHHHHGSDYKDHDGDYKDHDIDYKDDDDKELENLYFQGAGSMKIFLFHETVITGLNLLSAIYVLLNNFRNNIKG
LDLDTIQKSIIEWLRETQAANVNRANLIDWLGRKHGAISEIRNPGLVIKEINMRLSMVYPDPTTEAAAAAQDRNLTTETL
FAWIVPYVGIPAGGGVRPEQELAARYLVDNQRIMQLLLTNIFEMTSSFNKMVQVRFPETSTAQVHLDFTGLISLIDSLMA
DTKYFLDLLRPHIDKNIIQYYENRSNPGSFYWLEEHLIDKLIKPPTDAGGRPLPGGELGLEGVNQIINKTYTLLTKPYNV
LQLRGGAQRRDAANIQINNNPQSSERFEQYGRVFSRLVFYDALENNSGLRVEQVALGDFRLSNLIRTNNAQEENTLSYWD
NIALRTYANVNDAANNLRRYRLYGSDYGIQNNRSMMMVFNQLIASYITRFYDAPSGKIYLNLINAFANGNFSQAVMEMGY
AHPDLARNNNVFGHRGDPTEQSVLLLSLGLILQRLIKDTNRQGLSQHLISTLTEIPIYLKENYRANLPLFNKMFNILISQ
GELLKQFIQYTNVQLARPNLTALLGANNDSVIYYNNNNVPATGLSVGQAALRGIGGVFRPNVTLMPLGDAQNNTSDVVRK
RLVAVIDGIIRGSHTLADSAMEVLHELTDHPIYLETEEHFIQNYMSRYNKEPLMPFSLSLYYLHDLRIENNEVYDPLLYP
NLESGSPEFKLLYGTRKLLGNDPVQLSDMPGVQLIMKNYNETVVAREQITPTRFEHFYTHAIQALRFIINIRSFKTVMMY
NENTFGGVNLISENRDDKPIITAGIGMNAVYSLRKTLQDVISFVESSYQEEQINHIHKIVSPKGQTRTLGSNRERERIFN
LFD
;
_entity_poly.pdbx_strand_id   A,B
#
# COMPACT_ATOMS: atom_id res chain seq x y z
N ILE A 50 -44.34 -21.65 45.11
CA ILE A 50 -44.06 -20.23 45.32
C ILE A 50 -42.55 -20.03 45.25
N PHE A 51 -41.80 -20.69 46.13
CA PHE A 51 -40.34 -20.65 46.05
C PHE A 51 -39.86 -21.22 44.71
N LEU A 52 -40.40 -22.38 44.32
CA LEU A 52 -40.00 -22.98 43.05
C LEU A 52 -40.35 -22.06 41.89
N PHE A 53 -41.51 -21.40 41.94
CA PHE A 53 -41.87 -20.45 40.90
C PHE A 53 -40.82 -19.35 40.79
N HIS A 54 -40.43 -18.78 41.93
CA HIS A 54 -39.37 -17.78 41.93
C HIS A 54 -38.09 -18.31 41.32
N GLU A 55 -37.74 -19.56 41.63
CA GLU A 55 -36.45 -20.10 41.23
C GLU A 55 -36.43 -20.58 39.78
N THR A 56 -37.59 -20.78 39.17
CA THR A 56 -37.66 -21.25 37.78
C THR A 56 -38.24 -20.18 36.87
N VAL A 57 -39.52 -19.81 37.06
CA VAL A 57 -40.16 -18.89 36.13
C VAL A 57 -39.53 -17.51 36.21
N ILE A 58 -39.42 -16.95 37.41
CA ILE A 58 -38.91 -15.60 37.56
C ILE A 58 -37.43 -15.54 37.19
N THR A 59 -36.66 -16.56 37.61
CA THR A 59 -35.25 -16.59 37.27
C THR A 59 -35.05 -16.64 35.76
N GLY A 60 -35.79 -17.52 35.09
CA GLY A 60 -35.66 -17.63 33.64
C GLY A 60 -36.11 -16.37 32.92
N LEU A 61 -37.18 -15.74 33.40
CA LEU A 61 -37.66 -14.53 32.77
C LEU A 61 -36.67 -13.39 32.95
N ASN A 62 -36.04 -13.30 34.13
CA ASN A 62 -35.02 -12.28 34.35
C ASN A 62 -33.82 -12.49 33.46
N LEU A 63 -33.39 -13.75 33.31
CA LEU A 63 -32.23 -14.05 32.46
C LEU A 63 -32.55 -13.74 31.00
N LEU A 64 -33.73 -14.17 30.53
CA LEU A 64 -34.13 -13.86 29.16
C LEU A 64 -34.25 -12.36 28.94
N SER A 65 -34.78 -11.65 29.93
CA SER A 65 -34.90 -10.20 29.81
C SER A 65 -33.52 -9.54 29.73
N ALA A 66 -32.56 -10.03 30.51
CA ALA A 66 -31.20 -9.51 30.43
C ALA A 66 -30.61 -9.77 29.05
N ILE A 67 -30.83 -10.97 28.50
CA ILE A 67 -30.36 -11.27 27.15
C ILE A 67 -30.96 -10.29 26.16
N TYR A 68 -32.26 -10.01 26.30
CA TYR A 68 -32.89 -9.08 25.38
C TYR A 68 -32.26 -7.69 25.48
N VAL A 69 -32.05 -7.21 26.70
CA VAL A 69 -31.50 -5.88 26.89
C VAL A 69 -30.15 -5.76 26.18
N LEU A 70 -29.28 -6.76 26.38
CA LEU A 70 -27.97 -6.73 25.74
C LEU A 70 -28.10 -6.80 24.22
N LEU A 71 -28.97 -7.67 23.71
CA LEU A 71 -29.12 -7.80 22.28
C LEU A 71 -29.72 -6.54 21.66
N ASN A 72 -30.72 -5.95 22.33
CA ASN A 72 -31.35 -4.75 21.80
C ASN A 72 -30.39 -3.56 21.82
N ASN A 73 -29.61 -3.42 22.90
CA ASN A 73 -28.62 -2.35 22.95
C ASN A 73 -27.52 -2.59 21.92
N PHE A 74 -27.13 -3.85 21.73
CA PHE A 74 -26.20 -4.20 20.65
C PHE A 74 -26.75 -3.77 19.31
N ARG A 75 -28.03 -4.04 19.05
CA ARG A 75 -28.65 -3.65 17.80
C ARG A 75 -28.61 -2.15 17.61
N ASN A 76 -28.93 -1.38 18.66
CA ASN A 76 -28.95 0.07 18.54
C ASN A 76 -27.57 0.63 18.27
N ASN A 77 -26.54 0.06 18.91
CA ASN A 77 -25.18 0.53 18.67
C ASN A 77 -24.75 0.26 17.23
N ILE A 78 -24.98 -0.95 16.75
CA ILE A 78 -24.59 -1.30 15.38
C ILE A 78 -25.32 -0.41 14.38
N LYS A 79 -26.62 -0.15 14.63
CA LYS A 79 -27.36 0.76 13.77
C LYS A 79 -26.73 2.15 13.80
N GLY A 80 -26.23 2.57 14.96
CA GLY A 80 -25.57 3.85 15.10
C GLY A 80 -24.27 3.94 14.32
N LEU A 81 -23.63 2.81 14.02
CA LEU A 81 -22.38 2.80 13.27
C LEU A 81 -22.60 2.27 11.84
N ASP A 82 -23.82 2.40 11.32
CA ASP A 82 -24.18 1.84 10.02
C ASP A 82 -23.58 2.72 8.93
N LEU A 83 -22.44 2.29 8.38
CA LEU A 83 -21.70 3.13 7.44
C LEU A 83 -22.40 3.20 6.08
N ASP A 84 -23.04 2.12 5.65
CA ASP A 84 -23.78 2.18 4.39
C ASP A 84 -24.81 3.30 4.43
N THR A 85 -25.58 3.39 5.51
CA THR A 85 -26.58 4.45 5.63
C THR A 85 -25.93 5.82 5.70
N ILE A 86 -24.86 5.94 6.49
CA ILE A 86 -24.18 7.23 6.63
C ILE A 86 -23.70 7.74 5.29
N GLN A 87 -23.06 6.86 4.51
CA GLN A 87 -22.52 7.28 3.21
C GLN A 87 -23.64 7.64 2.24
N LYS A 88 -24.65 6.78 2.13
CA LYS A 88 -25.76 7.06 1.22
C LYS A 88 -26.49 8.33 1.63
N SER A 89 -26.61 8.58 2.94
CA SER A 89 -27.27 9.79 3.41
C SER A 89 -26.45 11.02 3.08
N ILE A 90 -25.13 10.93 3.21
CA ILE A 90 -24.27 12.06 2.86
C ILE A 90 -24.41 12.40 1.39
N ILE A 91 -24.45 11.37 0.53
CA ILE A 91 -24.60 11.59 -0.90
C ILE A 91 -25.96 12.22 -1.18
N GLU A 92 -27.01 11.73 -0.52
CA GLU A 92 -28.33 12.33 -0.67
C GLU A 92 -28.33 13.78 -0.18
N TRP A 93 -27.66 14.05 0.94
CA TRP A 93 -27.56 15.42 1.44
C TRP A 93 -26.94 16.33 0.38
N LEU A 94 -25.85 15.88 -0.25
CA LEU A 94 -25.24 16.68 -1.31
C LEU A 94 -26.15 16.82 -2.51
N ARG A 95 -27.01 15.83 -2.74
CA ARG A 95 -27.92 15.90 -3.88
C ARG A 95 -29.04 16.92 -3.64
N GLU A 96 -29.46 17.11 -2.39
CA GLU A 96 -30.66 17.87 -2.09
C GLU A 96 -30.39 19.16 -1.31
N THR A 97 -29.14 19.59 -1.23
CA THR A 97 -28.78 20.74 -0.41
C THR A 97 -28.35 21.92 -1.27
N GLN A 98 -28.71 23.12 -0.81
CA GLN A 98 -28.28 24.34 -1.47
C GLN A 98 -26.83 24.64 -1.10
N ALA A 99 -26.14 25.38 -1.99
CA ALA A 99 -24.72 25.64 -1.78
C ALA A 99 -24.47 26.43 -0.50
N ALA A 100 -25.37 27.35 -0.16
CA ALA A 100 -25.14 28.18 1.02
C ALA A 100 -25.18 27.38 2.31
N ASN A 101 -25.90 26.26 2.33
CA ASN A 101 -26.07 25.45 3.52
C ASN A 101 -25.09 24.29 3.59
N VAL A 102 -24.00 24.35 2.82
CA VAL A 102 -22.97 23.31 2.87
C VAL A 102 -22.06 23.63 4.06
N ASN A 103 -22.33 22.98 5.18
CA ASN A 103 -21.50 23.13 6.37
C ASN A 103 -21.77 21.93 7.27
N ARG A 104 -20.87 21.69 8.22
CA ARG A 104 -21.01 20.53 9.08
C ARG A 104 -22.33 20.57 9.85
N ALA A 105 -22.75 21.76 10.27
CA ALA A 105 -23.99 21.88 11.03
C ALA A 105 -25.17 21.34 10.22
N ASN A 106 -25.27 21.75 8.96
CA ASN A 106 -26.37 21.30 8.12
C ASN A 106 -26.36 19.79 7.95
N LEU A 107 -25.18 19.20 7.74
CA LEU A 107 -25.10 17.76 7.56
C LEU A 107 -25.49 17.02 8.84
N ILE A 108 -25.08 17.54 10.00
CA ILE A 108 -25.46 16.93 11.27
C ILE A 108 -26.97 16.94 11.41
N ASP A 109 -27.60 18.07 11.06
CA ASP A 109 -29.06 18.12 11.06
C ASP A 109 -29.65 17.09 10.10
N TRP A 110 -29.04 16.93 8.93
CA TRP A 110 -29.53 15.99 7.93
C TRP A 110 -29.51 14.56 8.45
N LEU A 111 -28.33 14.11 8.92
CA LEU A 111 -28.21 12.71 9.34
C LEU A 111 -29.16 12.38 10.48
N GLY A 112 -29.54 13.38 11.27
CA GLY A 112 -30.51 13.18 12.33
C GLY A 112 -31.93 12.98 11.86
N ARG A 113 -32.18 12.95 10.56
CA ARG A 113 -33.52 12.81 10.02
C ARG A 113 -33.58 11.61 9.08
N LYS A 114 -34.80 11.12 8.89
CA LYS A 114 -35.09 10.06 7.93
C LYS A 114 -35.39 10.66 6.56
N HIS A 115 -34.82 10.07 5.52
CA HIS A 115 -35.03 10.53 4.15
C HIS A 115 -35.38 9.31 3.30
N GLY A 116 -36.67 9.02 3.20
CA GLY A 116 -37.11 7.87 2.42
C GLY A 116 -36.61 6.58 3.05
N ALA A 117 -36.07 5.69 2.22
CA ALA A 117 -35.54 4.42 2.72
C ALA A 117 -34.27 4.60 3.54
N ILE A 118 -33.64 5.76 3.49
CA ILE A 118 -32.40 6.01 4.23
C ILE A 118 -32.76 6.32 5.67
N SER A 119 -32.24 5.53 6.60
CA SER A 119 -32.58 5.68 8.01
C SER A 119 -31.78 6.79 8.65
N GLU A 120 -32.40 7.45 9.63
CA GLU A 120 -31.68 8.37 10.50
C GLU A 120 -30.57 7.63 11.24
N ILE A 121 -29.61 8.41 11.73
CA ILE A 121 -28.51 7.91 12.55
C ILE A 121 -28.66 8.47 13.95
N ARG A 122 -28.48 7.61 14.95
CA ARG A 122 -28.74 8.00 16.35
C ARG A 122 -27.91 9.21 16.76
N ASN A 123 -26.63 9.22 16.42
CA ASN A 123 -25.70 10.23 16.90
C ASN A 123 -24.86 10.71 15.73
N PRO A 124 -25.35 11.71 14.98
CA PRO A 124 -24.62 12.13 13.77
C PRO A 124 -23.20 12.61 14.06
N GLY A 125 -23.03 13.42 15.11
CA GLY A 125 -21.73 14.02 15.38
C GLY A 125 -20.63 13.05 15.75
N LEU A 126 -20.99 11.85 16.20
CA LEU A 126 -19.97 10.88 16.59
C LEU A 126 -19.31 10.23 15.37
N VAL A 127 -20.02 10.17 14.24
CA VAL A 127 -19.54 9.49 13.04
C VAL A 127 -19.13 10.46 11.95
N ILE A 128 -19.25 11.77 12.18
CA ILE A 128 -18.77 12.78 11.25
C ILE A 128 -17.56 13.45 11.87
N LYS A 129 -16.53 13.67 11.06
CA LYS A 129 -15.27 14.19 11.58
C LYS A 129 -15.46 15.54 12.26
N GLU A 130 -14.77 15.72 13.38
CA GLU A 130 -14.78 16.98 14.10
C GLU A 130 -14.38 18.12 13.17
N ILE A 131 -14.92 19.30 13.45
CA ILE A 131 -14.79 20.42 12.51
C ILE A 131 -13.33 20.79 12.32
N ASN A 132 -12.53 20.72 13.38
CA ASN A 132 -11.14 21.13 13.32
C ASN A 132 -10.17 19.95 13.35
N MET A 133 -10.63 18.75 13.01
CA MET A 133 -9.73 17.61 12.96
C MET A 133 -8.66 17.87 11.89
N ARG A 134 -7.41 18.03 12.31
CA ARG A 134 -6.33 18.17 11.34
C ARG A 134 -6.27 16.90 10.48
N LEU A 135 -6.48 17.06 9.18
CA LEU A 135 -6.72 15.89 8.32
C LEU A 135 -5.49 15.00 8.21
N SER A 136 -4.28 15.55 8.40
CA SER A 136 -3.08 14.73 8.38
C SER A 136 -3.03 13.76 9.55
N MET A 137 -3.90 13.93 10.55
CA MET A 137 -3.95 13.00 11.66
C MET A 137 -4.48 11.64 11.26
N VAL A 138 -5.24 11.54 10.16
CA VAL A 138 -5.91 10.28 9.70
C VAL A 138 -5.28 9.75 8.41
N TYR A 139 -5.11 10.57 7.38
CA TYR A 139 -4.62 10.08 6.07
C TYR A 139 -3.08 10.21 6.03
N PRO A 140 -2.31 9.13 5.82
CA PRO A 140 -0.86 9.24 5.84
C PRO A 140 -0.22 10.02 4.68
N ASP A 141 1.06 10.38 4.79
CA ASP A 141 1.82 11.21 3.80
C ASP A 141 1.89 10.54 2.42
N THR A 144 -0.97 11.61 0.41
CA THR A 144 -2.30 12.25 0.56
C THR A 144 -2.12 13.52 1.38
N GLU A 145 -1.19 13.54 2.33
CA GLU A 145 -0.90 14.72 3.15
C GLU A 145 0.57 15.12 3.05
N ALA A 146 0.89 16.37 3.36
CA ALA A 146 2.25 16.91 3.51
C ALA A 146 2.23 17.56 4.89
N ALA A 147 2.55 16.79 5.93
CA ALA A 147 2.44 17.32 7.29
C ALA A 147 3.58 18.26 7.67
N ALA A 148 4.60 18.39 6.84
CA ALA A 148 5.79 19.14 7.22
C ALA A 148 5.62 20.65 7.16
N ALA A 149 4.46 21.16 6.77
CA ALA A 149 4.28 22.58 6.55
C ALA A 149 3.35 23.20 7.59
N ALA A 150 3.38 24.53 7.66
CA ALA A 150 2.40 25.32 8.39
C ALA A 150 1.18 25.64 7.53
N GLN A 151 1.06 24.99 6.37
CA GLN A 151 -0.13 25.07 5.53
C GLN A 151 -1.02 23.85 5.68
N ASP A 152 -0.42 22.68 5.93
CA ASP A 152 -1.18 21.53 6.36
C ASP A 152 -1.97 21.81 7.63
N ARG A 153 -1.59 22.86 8.37
CA ARG A 153 -2.34 23.23 9.56
C ARG A 153 -3.71 23.79 9.22
N ASN A 154 -3.82 24.51 8.10
CA ASN A 154 -5.08 25.07 7.65
C ASN A 154 -5.92 24.05 6.87
N LEU A 155 -5.56 22.78 6.91
CA LEU A 155 -6.23 21.71 6.17
C LEU A 155 -6.99 20.86 7.18
N THR A 156 -8.29 21.10 7.31
CA THR A 156 -9.14 20.39 8.26
C THR A 156 -10.41 19.93 7.54
N THR A 157 -11.28 19.24 8.30
CA THR A 157 -12.57 18.86 7.76
C THR A 157 -13.32 20.06 7.21
N GLU A 158 -13.16 21.23 7.85
CA GLU A 158 -13.72 22.46 7.32
C GLU A 158 -13.31 22.68 5.87
N THR A 159 -12.03 22.44 5.56
CA THR A 159 -11.57 22.60 4.19
C THR A 159 -12.33 21.69 3.25
N LEU A 160 -12.63 20.47 3.68
CA LEU A 160 -13.37 19.54 2.83
C LEU A 160 -14.79 20.03 2.59
N PHE A 161 -15.47 20.53 3.64
CA PHE A 161 -16.80 21.09 3.46
C PHE A 161 -16.77 22.27 2.49
N ALA A 162 -15.69 23.07 2.52
CA ALA A 162 -15.55 24.16 1.57
C ALA A 162 -15.23 23.64 0.17
N TRP A 163 -14.58 22.48 0.07
CA TRP A 163 -14.22 21.92 -1.23
C TRP A 163 -15.42 21.32 -1.95
N ILE A 164 -16.40 20.79 -1.19
CA ILE A 164 -17.52 20.08 -1.78
C ILE A 164 -18.68 21.01 -2.16
N VAL A 165 -18.56 22.31 -1.86
CA VAL A 165 -19.66 23.22 -2.19
C VAL A 165 -20.01 23.17 -3.65
N PRO A 166 -19.06 23.17 -4.61
CA PRO A 166 -19.43 23.25 -6.02
C PRO A 166 -20.06 21.98 -6.58
N TYR A 167 -19.98 20.86 -5.86
CA TYR A 167 -20.46 19.58 -6.37
C TYR A 167 -21.71 19.10 -5.65
N VAL A 168 -22.51 20.04 -5.17
CA VAL A 168 -23.87 19.75 -4.76
C VAL A 168 -24.77 19.71 -5.99
N GLY A 169 -25.89 19.02 -5.85
CA GLY A 169 -26.83 18.89 -6.95
C GLY A 169 -26.67 17.57 -7.69
N ILE A 170 -27.62 17.31 -8.56
CA ILE A 170 -27.72 16.06 -9.30
C ILE A 170 -27.36 16.33 -10.75
N PRO A 171 -26.44 15.55 -11.35
CA PRO A 171 -26.21 15.69 -12.79
C PRO A 171 -27.44 15.27 -13.59
N ALA A 172 -27.46 15.65 -14.86
CA ALA A 172 -28.63 15.37 -15.70
C ALA A 172 -28.92 13.88 -15.78
N GLY A 173 -27.87 13.05 -15.76
CA GLY A 173 -28.07 11.61 -15.82
C GLY A 173 -28.70 11.01 -14.57
N GLY A 174 -28.62 11.71 -13.44
CA GLY A 174 -29.14 11.21 -12.20
C GLY A 174 -28.16 10.39 -11.39
N GLY A 175 -26.99 10.09 -11.94
CA GLY A 175 -26.02 9.30 -11.23
C GLY A 175 -25.23 10.09 -10.21
N VAL A 176 -24.54 9.35 -9.34
CA VAL A 176 -23.76 9.96 -8.27
C VAL A 176 -22.54 10.65 -8.86
N ARG A 177 -22.24 11.84 -8.33
CA ARG A 177 -21.01 12.52 -8.73
C ARG A 177 -19.79 11.82 -8.13
N PRO A 178 -18.65 11.84 -8.83
CA PRO A 178 -17.43 11.33 -8.20
C PRO A 178 -17.07 12.07 -6.92
N GLU A 179 -17.29 13.38 -6.90
CA GLU A 179 -16.97 14.18 -5.72
C GLU A 179 -17.88 13.83 -4.55
N GLN A 180 -19.12 13.45 -4.82
CA GLN A 180 -20.02 13.07 -3.75
C GLN A 180 -19.61 11.75 -3.11
N GLU A 181 -19.04 10.84 -3.91
CA GLU A 181 -18.50 9.56 -3.41
C GLU A 181 -17.25 9.83 -2.57
N LEU A 182 -16.38 10.75 -2.99
CA LEU A 182 -15.21 11.12 -2.20
C LEU A 182 -15.63 11.83 -0.91
N ALA A 183 -16.68 12.64 -0.98
CA ALA A 183 -17.16 13.31 0.23
C ALA A 183 -17.73 12.30 1.22
N ALA A 184 -18.46 11.30 0.74
CA ALA A 184 -18.96 10.26 1.63
C ALA A 184 -17.82 9.54 2.35
N ARG A 185 -16.68 9.38 1.68
CA ARG A 185 -15.53 8.75 2.32
C ARG A 185 -14.85 9.69 3.30
N TYR A 186 -14.48 10.89 2.83
CA TYR A 186 -13.55 11.72 3.57
C TYR A 186 -14.17 12.52 4.69
N LEU A 187 -15.50 12.66 4.72
CA LEU A 187 -16.15 13.41 5.78
C LEU A 187 -16.50 12.55 6.98
N VAL A 188 -16.47 11.24 6.84
CA VAL A 188 -16.90 10.33 7.90
C VAL A 188 -15.71 10.01 8.80
N ASP A 189 -15.95 10.02 10.11
CA ASP A 189 -14.93 9.62 11.08
C ASP A 189 -14.83 8.10 11.05
N ASN A 190 -14.18 7.60 9.99
CA ASN A 190 -14.09 6.16 9.79
C ASN A 190 -13.35 5.49 10.93
N GLN A 191 -12.33 6.15 11.47
CA GLN A 191 -11.55 5.56 12.55
C GLN A 191 -12.41 5.32 13.78
N ARG A 192 -13.27 6.28 14.11
CA ARG A 192 -14.17 6.11 15.25
C ARG A 192 -15.15 4.97 15.01
N ILE A 193 -15.67 4.86 13.79
CA ILE A 193 -16.59 3.77 13.47
C ILE A 193 -15.91 2.42 13.67
N MET A 194 -14.71 2.26 13.10
CA MET A 194 -13.99 1.01 13.24
C MET A 194 -13.71 0.70 14.71
N GLN A 195 -13.34 1.72 15.49
CA GLN A 195 -13.03 1.50 16.89
C GLN A 195 -14.26 0.98 17.64
N LEU A 196 -15.40 1.65 17.47
CA LEU A 196 -16.60 1.26 18.19
C LEU A 196 -17.14 -0.08 17.68
N LEU A 197 -17.03 -0.33 16.37
CA LEU A 197 -17.48 -1.61 15.83
C LEU A 197 -16.65 -2.76 16.40
N LEU A 198 -15.33 -2.62 16.38
CA LEU A 198 -14.47 -3.65 16.93
C LEU A 198 -14.75 -3.87 18.41
N THR A 199 -14.88 -2.78 19.17
CA THR A 199 -15.14 -2.92 20.60
C THR A 199 -16.47 -3.61 20.87
N ASN A 200 -17.51 -3.24 20.13
CA ASN A 200 -18.81 -3.87 20.34
C ASN A 200 -18.75 -5.35 20.01
N ILE A 201 -18.10 -5.71 18.89
CA ILE A 201 -17.94 -7.12 18.55
C ILE A 201 -17.15 -7.84 19.63
N PHE A 202 -16.05 -7.23 20.11
CA PHE A 202 -15.20 -7.87 21.09
C PHE A 202 -15.92 -8.06 22.43
N GLU A 203 -16.84 -7.15 22.76
CA GLU A 203 -17.67 -7.37 23.94
C GLU A 203 -18.63 -8.53 23.73
N MET A 204 -19.12 -8.70 22.50
CA MET A 204 -20.14 -9.70 22.21
C MET A 204 -19.57 -11.08 21.99
N THR A 205 -18.37 -11.19 21.42
CA THR A 205 -17.84 -12.48 21.03
C THR A 205 -17.86 -13.47 22.20
N SER A 206 -18.47 -14.64 21.96
CA SER A 206 -18.70 -15.63 23.02
C SER A 206 -18.44 -17.02 22.46
N SER A 207 -17.17 -17.33 22.21
CA SER A 207 -16.81 -18.65 21.71
C SER A 207 -17.18 -19.75 22.69
N PHE A 208 -17.09 -19.46 24.00
CA PHE A 208 -17.47 -20.42 25.02
C PHE A 208 -18.92 -20.82 24.84
N ASN A 209 -19.19 -22.12 24.88
CA ASN A 209 -20.49 -22.71 24.60
C ASN A 209 -20.95 -22.48 23.16
N LYS A 210 -20.04 -22.03 22.29
CA LYS A 210 -20.37 -21.77 20.90
C LYS A 210 -21.59 -20.87 20.77
N MET A 211 -21.67 -19.87 21.64
CA MET A 211 -22.83 -18.98 21.64
C MET A 211 -22.77 -17.99 20.48
N VAL A 212 -21.77 -17.10 20.48
CA VAL A 212 -21.57 -16.11 19.43
C VAL A 212 -20.10 -16.16 18.99
N GLN A 213 -19.90 -16.60 17.73
CA GLN A 213 -18.58 -16.90 17.18
C GLN A 213 -18.21 -16.00 16.00
N VAL A 214 -17.15 -15.22 16.09
CA VAL A 214 -16.76 -14.25 15.02
C VAL A 214 -15.95 -15.04 14.00
N ARG A 215 -16.50 -15.33 12.83
CA ARG A 215 -15.88 -16.17 11.77
C ARG A 215 -15.55 -15.26 10.60
N PHE A 216 -14.49 -15.50 9.89
CA PHE A 216 -14.03 -14.64 8.77
C PHE A 216 -14.13 -15.39 7.45
N PRO A 217 -15.30 -15.49 6.74
CA PRO A 217 -15.22 -16.12 5.41
C PRO A 217 -14.66 -15.22 4.29
N GLU A 218 -13.37 -15.33 3.99
CA GLU A 218 -12.69 -14.33 3.16
C GLU A 218 -13.07 -14.48 1.69
N THR A 219 -14.22 -13.91 1.34
CA THR A 219 -14.69 -13.89 -0.04
C THR A 219 -14.46 -12.50 -0.63
N SER A 220 -15.13 -12.20 -1.75
CA SER A 220 -14.93 -10.91 -2.40
C SER A 220 -15.16 -9.75 -1.43
N THR A 221 -16.28 -9.76 -0.73
CA THR A 221 -16.53 -8.78 0.37
C THR A 221 -15.53 -9.04 1.51
N ALA A 222 -15.17 -8.04 2.33
CA ALA A 222 -14.29 -8.17 3.52
C ALA A 222 -15.18 -8.74 4.58
N GLN A 223 -15.44 -10.02 4.51
CA GLN A 223 -16.48 -10.63 5.31
C GLN A 223 -16.18 -10.83 6.79
N VAL A 224 -17.05 -10.32 7.67
CA VAL A 224 -17.05 -10.59 9.10
C VAL A 224 -18.47 -10.99 9.47
N HIS A 225 -18.63 -12.19 10.02
CA HIS A 225 -19.93 -12.70 10.42
C HIS A 225 -19.94 -13.06 11.89
N LEU A 226 -21.05 -12.72 12.55
CA LEU A 226 -21.30 -13.11 13.93
C LEU A 226 -22.29 -14.27 13.92
N ASP A 227 -21.82 -15.48 14.19
CA ASP A 227 -22.69 -16.64 14.25
C ASP A 227 -23.37 -16.68 15.61
N PHE A 228 -24.68 -16.41 15.63
CA PHE A 228 -25.45 -16.38 16.87
C PHE A 228 -26.19 -17.67 17.15
N THR A 229 -25.96 -18.72 16.35
CA THR A 229 -26.76 -19.94 16.47
C THR A 229 -26.81 -20.45 17.90
N GLY A 230 -25.67 -20.44 18.60
CA GLY A 230 -25.65 -20.96 19.96
C GLY A 230 -26.52 -20.15 20.90
N LEU A 231 -26.37 -18.83 20.88
CA LEU A 231 -27.22 -17.99 21.73
C LEU A 231 -28.69 -18.15 21.37
N ILE A 232 -28.99 -18.31 20.08
CA ILE A 232 -30.37 -18.44 19.64
C ILE A 232 -30.96 -19.76 20.16
N SER A 233 -30.22 -20.85 20.02
CA SER A 233 -30.69 -22.13 20.55
C SER A 233 -30.86 -22.06 22.06
N LEU A 234 -29.98 -21.33 22.74
CA LEU A 234 -30.10 -21.17 24.19
C LEU A 234 -31.34 -20.37 24.55
N ILE A 235 -31.65 -19.33 23.75
CA ILE A 235 -32.84 -18.53 24.00
C ILE A 235 -34.08 -19.40 23.85
N ASP A 236 -34.14 -20.17 22.75
CA ASP A 236 -35.23 -21.11 22.57
C ASP A 236 -35.33 -22.06 23.75
N SER A 237 -34.19 -22.55 24.24
CA SER A 237 -34.19 -23.51 25.34
C SER A 237 -34.79 -22.89 26.60
N LEU A 238 -34.33 -21.69 26.97
CA LEU A 238 -34.80 -21.09 28.21
C LEU A 238 -36.26 -20.64 28.09
N MET A 239 -36.66 -20.16 26.92
CA MET A 239 -38.07 -19.87 26.71
C MET A 239 -38.93 -21.11 26.90
N ALA A 240 -38.49 -22.24 26.33
CA ALA A 240 -39.24 -23.48 26.49
C ALA A 240 -39.28 -23.91 27.95
N ASP A 241 -38.15 -23.83 28.65
CA ASP A 241 -38.13 -24.19 30.06
C ASP A 241 -38.99 -23.23 30.87
N THR A 242 -38.90 -21.94 30.58
CA THR A 242 -39.74 -20.95 31.28
C THR A 242 -41.21 -21.24 31.07
N LYS A 243 -41.62 -21.54 29.84
CA LYS A 243 -43.01 -21.88 29.60
C LYS A 243 -43.39 -23.20 30.29
N TYR A 244 -42.47 -24.17 30.31
CA TYR A 244 -42.78 -25.46 30.91
C TYR A 244 -43.14 -25.32 32.39
N PHE A 245 -42.31 -24.60 33.16
CA PHE A 245 -42.60 -24.47 34.58
C PHE A 245 -43.83 -23.60 34.80
N LEU A 246 -44.09 -22.64 33.91
CA LEU A 246 -45.34 -21.89 33.97
C LEU A 246 -46.54 -22.82 33.87
N ASP A 247 -46.54 -23.69 32.85
CA ASP A 247 -47.65 -24.62 32.68
C ASP A 247 -47.78 -25.56 33.87
N LEU A 248 -46.64 -26.05 34.38
CA LEU A 248 -46.68 -27.01 35.48
C LEU A 248 -47.21 -26.38 36.76
N LEU A 249 -46.84 -25.13 37.03
CA LEU A 249 -47.15 -24.49 38.29
C LEU A 249 -48.44 -23.68 38.24
N ARG A 250 -49.09 -23.60 37.08
CA ARG A 250 -50.33 -22.82 36.99
C ARG A 250 -51.39 -23.29 37.99
N PRO A 251 -51.62 -24.59 38.18
CA PRO A 251 -52.72 -25.00 39.07
C PRO A 251 -52.52 -24.59 40.53
N HIS A 252 -51.29 -24.38 40.98
CA HIS A 252 -51.03 -24.13 42.39
C HIS A 252 -50.68 -22.68 42.70
N ILE A 253 -50.63 -21.81 41.71
CA ILE A 253 -50.30 -20.41 41.93
C ILE A 253 -51.50 -19.56 41.53
N ASP A 254 -51.67 -18.44 42.22
CA ASP A 254 -52.78 -17.55 41.95
C ASP A 254 -52.79 -17.16 40.48
N LYS A 255 -53.99 -17.15 39.89
CA LYS A 255 -54.13 -16.74 38.49
C LYS A 255 -53.57 -15.34 38.26
N ASN A 256 -53.72 -14.45 39.24
CA ASN A 256 -53.23 -13.09 39.08
C ASN A 256 -51.70 -13.07 38.95
N ILE A 257 -51.01 -13.84 39.79
CA ILE A 257 -49.55 -13.89 39.70
C ILE A 257 -49.11 -14.42 38.35
N ILE A 258 -49.75 -15.49 37.87
CA ILE A 258 -49.35 -16.10 36.61
C ILE A 258 -49.55 -15.11 35.46
N GLN A 259 -50.71 -14.46 35.42
CA GLN A 259 -50.94 -13.46 34.39
C GLN A 259 -49.98 -12.29 34.52
N TYR A 260 -49.56 -11.98 35.76
CA TYR A 260 -48.60 -10.91 35.98
C TYR A 260 -47.24 -11.24 35.39
N TYR A 261 -46.88 -12.51 35.36
CA TYR A 261 -45.61 -12.95 34.78
C TYR A 261 -45.77 -13.51 33.37
N GLU A 262 -46.96 -13.44 32.81
CA GLU A 262 -47.19 -13.93 31.45
C GLU A 262 -47.73 -12.87 30.51
N ASN A 263 -48.58 -11.97 30.99
CA ASN A 263 -49.28 -11.04 30.10
C ASN A 263 -48.28 -10.23 29.28
N ARG A 264 -48.49 -10.21 27.97
CA ARG A 264 -47.52 -9.58 27.07
C ARG A 264 -47.39 -8.08 27.31
N SER A 265 -48.42 -7.44 27.87
CA SER A 265 -48.33 -6.01 28.13
C SER A 265 -47.42 -5.69 29.31
N ASN A 266 -47.13 -6.66 30.16
CA ASN A 266 -46.22 -6.44 31.28
C ASN A 266 -44.79 -6.70 30.82
N PRO A 267 -43.91 -5.69 30.81
CA PRO A 267 -42.54 -5.93 30.33
C PRO A 267 -41.84 -6.97 31.18
N GLY A 268 -41.07 -7.83 30.52
CA GLY A 268 -40.37 -8.91 31.18
C GLY A 268 -41.18 -10.17 31.38
N SER A 269 -42.44 -10.19 30.94
CA SER A 269 -43.26 -11.39 31.02
C SER A 269 -42.92 -12.33 29.87
N PHE A 270 -43.40 -13.56 29.97
CA PHE A 270 -43.05 -14.57 28.97
C PHE A 270 -43.48 -14.13 27.57
N TYR A 271 -44.72 -13.68 27.43
CA TYR A 271 -45.24 -13.32 26.12
C TYR A 271 -44.74 -11.95 25.66
N TRP A 272 -44.45 -11.04 26.59
CA TRP A 272 -43.75 -9.82 26.22
C TRP A 272 -42.41 -10.16 25.58
N LEU A 273 -41.68 -11.11 26.17
CA LEU A 273 -40.43 -11.56 25.58
C LEU A 273 -40.67 -12.27 24.27
N GLU A 274 -41.73 -13.10 24.19
CA GLU A 274 -42.06 -13.76 22.94
C GLU A 274 -42.33 -12.76 21.83
N GLU A 275 -42.82 -11.57 22.19
CA GLU A 275 -43.02 -10.52 21.21
C GLU A 275 -41.70 -9.80 20.89
N HIS A 276 -41.07 -9.22 21.90
CA HIS A 276 -39.96 -8.30 21.64
C HIS A 276 -38.65 -9.04 21.43
N LEU A 277 -38.41 -10.11 22.17
CA LEU A 277 -37.12 -10.80 22.07
C LEU A 277 -37.08 -11.74 20.87
N ILE A 278 -38.18 -12.42 20.58
CA ILE A 278 -38.19 -13.42 19.52
C ILE A 278 -38.76 -12.81 18.24
N ASP A 279 -40.00 -12.36 18.30
CA ASP A 279 -40.68 -11.90 17.08
C ASP A 279 -40.01 -10.68 16.49
N LYS A 280 -39.47 -9.79 17.33
CA LYS A 280 -38.95 -8.51 16.86
C LYS A 280 -37.44 -8.42 16.95
N LEU A 281 -36.74 -9.50 17.29
CA LEU A 281 -35.28 -9.45 17.35
C LEU A 281 -34.63 -10.71 16.78
N ILE A 282 -34.81 -11.85 17.45
CA ILE A 282 -34.10 -13.05 17.03
C ILE A 282 -34.60 -13.52 15.66
N LYS A 283 -35.91 -13.70 15.51
CA LYS A 283 -36.50 -14.08 14.23
C LYS A 283 -37.56 -13.03 13.89
N PRO A 284 -37.24 -12.03 13.06
CA PRO A 284 -38.30 -11.15 12.57
C PRO A 284 -39.47 -11.91 11.94
N GLU A 297 -39.20 -5.08 12.34
CA GLU A 297 -38.06 -4.57 13.08
C GLU A 297 -36.76 -5.18 12.57
N LEU A 298 -35.65 -4.53 12.87
CA LEU A 298 -34.34 -5.02 12.45
C LEU A 298 -33.99 -6.28 13.24
N GLY A 299 -33.87 -7.40 12.55
CA GLY A 299 -33.52 -8.65 13.20
C GLY A 299 -32.03 -8.76 13.47
N LEU A 300 -31.65 -9.86 14.13
CA LEU A 300 -30.25 -10.08 14.42
C LEU A 300 -29.46 -10.37 13.14
N GLU A 301 -30.07 -11.08 12.17
CA GLU A 301 -29.40 -11.32 10.91
C GLU A 301 -29.21 -10.02 10.13
N GLY A 302 -30.18 -9.11 10.22
CA GLY A 302 -29.98 -7.79 9.65
C GLY A 302 -28.87 -7.03 10.34
N VAL A 303 -28.75 -7.20 11.66
CA VAL A 303 -27.65 -6.60 12.39
C VAL A 303 -26.32 -7.14 11.87
N ASN A 304 -26.25 -8.46 11.69
CA ASN A 304 -25.05 -9.07 11.11
C ASN A 304 -24.78 -8.49 9.71
N GLN A 305 -25.82 -8.30 8.91
CA GLN A 305 -25.64 -7.71 7.59
C GLN A 305 -25.01 -6.33 7.70
N ILE A 306 -25.45 -5.52 8.67
CA ILE A 306 -24.90 -4.18 8.81
C ILE A 306 -23.46 -4.23 9.30
N ILE A 307 -23.18 -5.14 10.24
CA ILE A 307 -21.80 -5.33 10.68
C ILE A 307 -20.90 -5.62 9.48
N ASN A 308 -21.28 -6.61 8.68
CA ASN A 308 -20.45 -7.01 7.55
C ASN A 308 -20.31 -5.87 6.55
N LYS A 309 -21.42 -5.22 6.19
CA LYS A 309 -21.37 -4.16 5.19
C LYS A 309 -20.53 -2.99 5.68
N THR A 310 -20.66 -2.64 6.96
CA THR A 310 -19.87 -1.54 7.51
C THR A 310 -18.39 -1.87 7.46
N TYR A 311 -18.01 -3.05 7.92
CA TYR A 311 -16.60 -3.43 7.91
C TYR A 311 -16.06 -3.47 6.48
N THR A 312 -16.82 -4.06 5.56
CA THR A 312 -16.43 -4.07 4.16
C THR A 312 -16.24 -2.66 3.63
N LEU A 313 -17.18 -1.77 3.94
CA LEU A 313 -17.08 -0.39 3.47
C LEU A 313 -15.91 0.33 4.12
N LEU A 314 -15.56 -0.05 5.34
CA LEU A 314 -14.40 0.55 6.00
C LEU A 314 -13.09 0.14 5.34
N THR A 315 -13.02 -1.08 4.81
CA THR A 315 -11.78 -1.63 4.28
C THR A 315 -11.74 -1.71 2.76
N LYS A 316 -12.78 -1.27 2.08
CA LYS A 316 -12.81 -1.36 0.62
C LYS A 316 -11.88 -0.30 0.01
N PRO A 317 -11.49 -0.49 -1.26
CA PRO A 317 -10.76 0.56 -1.96
C PRO A 317 -11.67 1.71 -2.35
N TYR A 318 -11.12 2.93 -2.30
CA TYR A 318 -11.84 4.13 -2.68
C TYR A 318 -11.00 4.94 -3.66
N ASN A 319 -11.64 5.88 -4.35
CA ASN A 319 -10.91 6.92 -5.05
C ASN A 319 -10.26 7.85 -4.04
N VAL A 320 -9.26 8.60 -4.50
CA VAL A 320 -8.37 9.32 -3.61
C VAL A 320 -8.38 10.81 -3.94
N LEU A 321 -8.28 11.62 -2.90
CA LEU A 321 -8.10 13.05 -3.02
C LEU A 321 -6.64 13.42 -2.74
N GLN A 322 -6.19 14.51 -3.34
CA GLN A 322 -4.93 15.12 -2.98
C GLN A 322 -5.21 16.15 -1.89
N LEU A 323 -4.95 15.78 -0.63
CA LEU A 323 -5.24 16.68 0.48
C LEU A 323 -3.99 17.52 0.72
N ARG A 324 -3.95 18.65 0.02
CA ARG A 324 -2.98 19.72 0.17
C ARG A 324 -3.83 20.99 0.21
N GLY A 325 -3.52 21.90 1.10
CA GLY A 325 -4.35 23.08 1.22
C GLY A 325 -3.70 24.17 1.98
N GLY A 326 -4.51 25.16 2.34
CA GLY A 326 -4.03 26.22 3.20
C GLY A 326 -3.51 27.42 2.45
N ALA A 327 -4.44 28.23 1.92
CA ALA A 327 -4.04 29.49 1.30
C ALA A 327 -3.66 30.46 2.40
N GLN A 328 -4.63 30.83 3.24
CA GLN A 328 -4.40 31.55 4.48
C GLN A 328 -5.22 30.99 5.64
N ARG A 329 -6.43 30.51 5.41
CA ARG A 329 -7.28 29.95 6.45
C ARG A 329 -7.81 28.60 5.97
N ARG A 330 -8.84 28.11 6.66
CA ARG A 330 -9.31 26.73 6.54
C ARG A 330 -10.45 26.57 5.55
N ASP A 331 -10.81 27.63 4.84
CA ASP A 331 -11.84 27.56 3.80
C ASP A 331 -11.25 27.79 2.41
N ALA A 332 -9.96 27.55 2.23
CA ALA A 332 -9.30 27.64 0.93
C ALA A 332 -8.77 26.27 0.55
N ALA A 333 -8.86 25.93 -0.73
CA ALA A 333 -8.60 24.57 -1.18
C ALA A 333 -7.54 24.55 -2.29
N ASN A 334 -6.41 23.89 -2.00
CA ASN A 334 -5.58 23.29 -3.03
C ASN A 334 -5.89 21.81 -3.19
N ILE A 335 -7.14 21.43 -2.92
CA ILE A 335 -7.58 20.05 -2.96
C ILE A 335 -8.18 19.75 -4.33
N GLN A 336 -7.90 18.56 -4.84
CA GLN A 336 -8.42 18.14 -6.14
C GLN A 336 -8.45 16.63 -6.16
N ILE A 337 -9.16 16.09 -7.17
CA ILE A 337 -9.15 14.65 -7.36
C ILE A 337 -7.76 14.22 -7.78
N ASN A 338 -7.28 13.12 -7.21
CA ASN A 338 -6.00 12.53 -7.57
C ASN A 338 -6.30 11.23 -8.30
N ASN A 339 -6.20 11.27 -9.63
CA ASN A 339 -6.45 10.12 -10.47
C ASN A 339 -5.24 9.21 -10.58
N ASN A 340 -4.12 9.60 -9.96
CA ASN A 340 -2.91 8.79 -9.90
C ASN A 340 -2.54 8.66 -8.44
N PRO A 341 -3.18 7.77 -7.70
CA PRO A 341 -2.82 7.63 -6.28
C PRO A 341 -1.89 6.45 -6.00
N GLN A 342 -1.13 6.54 -4.92
CA GLN A 342 -0.45 5.36 -4.38
C GLN A 342 -1.47 4.42 -3.78
N SER A 343 -1.13 3.12 -3.76
CA SER A 343 -2.09 2.12 -3.32
C SER A 343 -2.56 2.40 -1.89
N SER A 344 -1.64 2.81 -1.02
CA SER A 344 -1.99 3.00 0.39
C SER A 344 -3.05 4.08 0.59
N GLU A 345 -3.21 4.99 -0.37
CA GLU A 345 -4.18 6.06 -0.22
C GLU A 345 -5.60 5.64 -0.56
N ARG A 346 -5.76 4.58 -1.35
CA ARG A 346 -7.09 4.10 -1.70
C ARG A 346 -7.78 3.42 -0.53
N PHE A 347 -7.08 3.21 0.58
CA PHE A 347 -7.61 2.50 1.74
C PHE A 347 -7.55 3.38 2.97
N GLU A 348 -8.61 3.35 3.76
CA GLU A 348 -8.58 3.94 5.09
C GLU A 348 -7.60 3.19 5.98
N GLN A 349 -6.83 3.92 6.77
CA GLN A 349 -5.83 3.35 7.64
C GLN A 349 -6.28 3.46 9.10
N TYR A 350 -6.05 2.39 9.87
CA TYR A 350 -6.52 2.31 11.25
C TYR A 350 -5.39 1.91 12.18
N GLY A 351 -4.16 2.30 11.86
CA GLY A 351 -3.04 1.96 12.72
C GLY A 351 -3.15 2.58 14.09
N ARG A 352 -3.60 3.82 14.16
CA ARG A 352 -3.76 4.48 15.46
C ARG A 352 -4.82 3.78 16.29
N VAL A 353 -5.94 3.39 15.67
CA VAL A 353 -7.02 2.74 16.41
C VAL A 353 -6.53 1.44 17.04
N PHE A 354 -5.94 0.57 16.22
CA PHE A 354 -5.44 -0.70 16.76
C PHE A 354 -4.36 -0.45 17.80
N SER A 355 -3.46 0.51 17.54
CA SER A 355 -2.44 0.84 18.52
C SER A 355 -3.08 1.11 19.88
N ARG A 356 -4.07 2.00 19.91
CA ARG A 356 -4.74 2.32 21.17
C ARG A 356 -5.34 1.06 21.79
N LEU A 357 -5.89 0.17 20.97
CA LEU A 357 -6.47 -1.06 21.50
C LEU A 357 -5.41 -1.91 22.18
N VAL A 358 -4.18 -1.92 21.65
CA VAL A 358 -3.15 -2.82 22.14
C VAL A 358 -2.35 -2.19 23.28
N PHE A 359 -1.65 -1.08 22.99
CA PHE A 359 -0.80 -0.46 24.01
C PHE A 359 -1.19 1.00 24.20
N TYR A 360 -1.02 1.84 23.18
CA TYR A 360 -1.37 3.25 23.29
C TYR A 360 -1.26 3.91 21.92
N ASP A 361 -1.93 5.06 21.79
CA ASP A 361 -1.90 5.88 20.58
C ASP A 361 -0.94 7.03 20.84
N ALA A 362 0.30 6.89 20.37
CA ALA A 362 1.35 7.83 20.73
C ALA A 362 1.08 9.24 20.21
N LEU A 363 0.23 9.40 19.20
CA LEU A 363 0.03 10.73 18.61
C LEU A 363 -0.66 11.69 19.56
N GLU A 364 -1.52 11.19 20.44
CA GLU A 364 -2.26 12.10 21.30
C GLU A 364 -1.46 12.41 22.55
N ASN A 365 -1.90 13.45 23.27
CA ASN A 365 -1.19 13.93 24.45
C ASN A 365 -0.94 12.78 25.43
N ASN A 366 0.32 12.62 25.84
CA ASN A 366 0.72 11.56 26.76
C ASN A 366 0.36 10.19 26.18
N SER A 367 0.55 10.04 24.87
CA SER A 367 0.20 8.81 24.17
C SER A 367 -1.24 8.39 24.47
N GLY A 368 -2.09 9.37 24.78
CA GLY A 368 -3.49 9.11 25.02
C GLY A 368 -3.81 8.38 26.30
N LEU A 369 -2.86 8.25 27.21
CA LEU A 369 -3.08 7.55 28.46
C LEU A 369 -3.31 8.54 29.60
N ARG A 370 -3.72 8.01 30.75
CA ARG A 370 -3.87 8.78 31.99
C ARG A 370 -2.67 8.43 32.85
N VAL A 371 -1.62 9.25 32.77
CA VAL A 371 -0.33 8.89 33.32
C VAL A 371 0.31 10.04 34.07
N GLU A 372 -0.28 10.42 35.19
CA GLU A 372 0.30 11.46 36.03
C GLU A 372 1.42 10.87 36.89
N GLN A 373 2.51 11.63 37.01
CA GLN A 373 3.63 11.21 37.83
C GLN A 373 3.27 11.26 39.31
N VAL A 374 3.40 10.14 40.01
CA VAL A 374 3.09 10.03 41.42
C VAL A 374 4.29 9.44 42.14
N ALA A 375 4.37 9.72 43.44
CA ALA A 375 5.43 9.12 44.25
C ALA A 375 5.36 7.60 44.17
N LEU A 376 6.52 6.97 44.20
CA LEU A 376 6.56 5.51 44.09
C LEU A 376 5.76 4.86 45.21
N GLY A 377 5.68 5.51 46.37
CA GLY A 377 5.01 4.96 47.53
C GLY A 377 3.50 4.89 47.42
N ASP A 378 2.92 5.39 46.34
CA ASP A 378 1.48 5.24 46.12
C ASP A 378 1.11 3.76 46.03
N PHE A 379 2.00 2.93 45.50
CA PHE A 379 1.79 1.50 45.42
C PHE A 379 2.22 0.84 46.73
N ARG A 380 1.44 -0.16 47.15
CA ARG A 380 1.62 -0.83 48.45
C ARG A 380 3.00 -1.44 48.50
N LEU A 381 3.43 -2.06 47.41
CA LEU A 381 4.73 -2.72 47.34
C LEU A 381 5.76 -1.73 46.78
N SER A 382 5.79 -0.45 47.19
CA SER A 382 6.78 0.46 46.64
C SER A 382 8.17 0.17 47.17
N ASN A 383 8.28 -0.39 48.37
CA ASN A 383 9.60 -0.72 48.91
C ASN A 383 10.34 -1.72 48.03
N LEU A 384 9.65 -2.43 47.15
CA LEU A 384 10.26 -3.40 46.20
C LEU A 384 10.46 -2.76 44.82
N ILE A 385 10.06 -1.51 44.59
CA ILE A 385 10.38 -0.80 43.31
C ILE A 385 11.82 -0.39 43.61
N ARG A 386 12.72 -1.36 43.49
CA ARG A 386 14.10 -1.26 43.97
C ARG A 386 15.00 -2.09 43.06
N THR A 387 16.30 -2.04 43.30
CA THR A 387 17.30 -2.69 42.48
C THR A 387 18.19 -3.65 43.24
N ASN A 388 18.04 -3.75 44.56
CA ASN A 388 18.81 -4.65 45.40
C ASN A 388 18.10 -4.75 46.74
N ASN A 389 18.68 -5.51 47.65
CA ASN A 389 18.04 -5.76 48.94
C ASN A 389 17.78 -4.46 49.67
N ALA A 390 16.84 -4.51 50.63
CA ALA A 390 16.46 -3.30 51.34
C ALA A 390 17.60 -2.71 52.14
N GLN A 391 18.51 -3.55 52.68
CA GLN A 391 19.58 -3.02 53.51
C GLN A 391 20.76 -2.54 52.68
N GLU A 392 20.79 -2.82 51.36
CA GLU A 392 21.85 -2.32 50.48
C GLU A 392 21.57 -0.89 50.07
N GLU A 393 22.54 -0.26 49.40
CA GLU A 393 22.34 1.10 48.90
C GLU A 393 21.64 1.04 47.55
N ASN A 394 20.42 1.58 47.49
CA ASN A 394 19.65 1.58 46.25
C ASN A 394 20.45 2.21 45.12
N THR A 395 20.34 1.62 43.93
CA THR A 395 21.00 2.14 42.73
C THR A 395 20.02 2.70 41.71
N LEU A 396 18.72 2.63 41.96
CA LEU A 396 17.74 3.19 41.04
C LEU A 396 17.87 4.70 41.01
N SER A 397 18.15 5.26 39.84
CA SER A 397 18.39 6.69 39.72
C SER A 397 17.91 7.14 38.35
N TYR A 398 18.43 8.28 37.89
CA TYR A 398 18.11 8.83 36.59
C TYR A 398 19.30 9.63 36.09
N TRP A 399 19.35 9.81 34.77
CA TRP A 399 20.48 10.52 34.16
C TRP A 399 20.48 11.98 34.57
N ASP A 400 21.55 12.42 35.23
CA ASP A 400 21.68 13.83 35.61
C ASP A 400 22.23 14.67 34.46
N ASN A 401 23.25 14.17 33.77
CA ASN A 401 23.86 14.88 32.65
C ASN A 401 24.31 13.85 31.62
N ILE A 402 23.90 14.06 30.37
CA ILE A 402 24.18 13.07 29.34
C ILE A 402 25.60 13.22 28.77
N ALA A 403 26.16 14.43 28.81
CA ALA A 403 27.49 14.64 28.26
C ALA A 403 28.54 13.85 29.01
N LEU A 404 28.47 13.87 30.34
CA LEU A 404 29.42 13.13 31.18
C LEU A 404 28.80 11.89 31.79
N ARG A 405 27.54 11.60 31.47
CA ARG A 405 26.86 10.37 31.90
C ARG A 405 26.94 10.20 33.42
N THR A 406 26.56 11.25 34.13
CA THR A 406 26.52 11.23 35.59
C THR A 406 25.10 10.95 36.05
N TYR A 407 24.98 10.21 37.15
CA TYR A 407 23.69 9.85 37.72
C TYR A 407 23.36 10.77 38.89
N ALA A 408 22.06 10.95 39.13
CA ALA A 408 21.62 11.65 40.33
C ALA A 408 22.03 10.83 41.56
N ASN A 409 22.37 11.53 42.64
CA ASN A 409 22.82 10.85 43.84
C ASN A 409 21.64 10.18 44.53
N VAL A 410 21.94 9.53 45.67
CA VAL A 410 20.92 8.72 46.34
C VAL A 410 19.74 9.59 46.78
N ASN A 411 20.03 10.75 47.38
CA ASN A 411 18.96 11.57 47.94
C ASN A 411 18.06 12.14 46.84
N ASP A 412 18.65 12.79 45.83
CA ASP A 412 17.85 13.38 44.77
C ASP A 412 17.12 12.32 43.97
N ALA A 413 17.66 11.10 43.92
CA ALA A 413 16.97 10.02 43.23
C ALA A 413 15.76 9.54 44.03
N ALA A 414 15.93 9.33 45.34
CA ALA A 414 14.82 8.89 46.17
C ALA A 414 13.73 9.94 46.32
N ASN A 415 14.05 11.20 46.07
CA ASN A 415 13.11 12.30 46.26
C ASN A 415 12.48 12.78 44.97
N ASN A 416 13.20 12.69 43.84
CA ASN A 416 12.69 13.20 42.58
C ASN A 416 12.07 12.13 41.69
N LEU A 417 12.39 10.86 41.92
CA LEU A 417 11.87 9.80 41.06
C LEU A 417 10.36 9.68 41.24
N ARG A 418 9.66 9.55 40.12
CA ARG A 418 8.22 9.39 40.11
C ARG A 418 7.87 8.20 39.22
N ARG A 419 6.70 7.62 39.48
CA ARG A 419 6.16 6.55 38.64
C ARG A 419 4.97 7.10 37.86
N TYR A 420 4.93 6.82 36.56
CA TYR A 420 3.74 7.10 35.78
C TYR A 420 2.64 6.13 36.18
N ARG A 421 1.51 6.67 36.65
CA ARG A 421 0.48 5.84 37.28
C ARG A 421 -0.31 5.10 36.20
N LEU A 422 0.29 4.02 35.70
CA LEU A 422 -0.37 3.15 34.76
C LEU A 422 -1.13 2.01 35.44
N TYR A 423 -0.93 1.83 36.74
CA TYR A 423 -1.66 0.84 37.51
C TYR A 423 -1.75 1.32 38.96
N GLY A 424 -2.42 0.55 39.79
CA GLY A 424 -2.60 0.92 41.19
C GLY A 424 -2.94 -0.27 42.03
N SER A 425 -2.67 -0.13 43.33
CA SER A 425 -2.93 -1.21 44.28
C SER A 425 -4.30 -1.12 44.94
N ASP A 426 -4.86 0.08 45.05
CA ASP A 426 -6.09 0.28 45.81
C ASP A 426 -7.35 0.09 44.98
N TYR A 427 -7.23 0.00 43.66
CA TYR A 427 -8.38 -0.14 42.78
C TYR A 427 -8.09 -1.20 41.72
N GLY A 428 -9.14 -1.57 40.99
CA GLY A 428 -9.00 -2.51 39.90
C GLY A 428 -8.71 -1.83 38.58
N ILE A 429 -9.26 -2.37 37.50
CA ILE A 429 -9.10 -1.76 36.18
C ILE A 429 -10.14 -0.65 36.05
N GLN A 430 -9.67 0.60 36.09
CA GLN A 430 -10.54 1.76 35.98
C GLN A 430 -10.04 2.81 35.01
N ASN A 431 -8.84 2.69 34.47
CA ASN A 431 -8.27 3.62 33.49
C ASN A 431 -7.42 2.72 32.59
N ASN A 432 -6.87 3.24 31.50
CA ASN A 432 -5.91 2.53 30.65
C ASN A 432 -6.38 1.14 30.33
N ARG A 433 -7.50 1.08 29.65
CA ARG A 433 -8.12 -0.19 29.30
C ARG A 433 -7.52 -0.74 27.98
N SER A 434 -6.22 -0.48 27.70
CA SER A 434 -5.59 -1.16 26.58
C SER A 434 -5.03 -2.50 27.04
N MET A 435 -4.75 -3.38 26.08
CA MET A 435 -4.31 -4.73 26.42
C MET A 435 -3.07 -4.70 27.31
N MET A 436 -2.09 -3.87 26.96
CA MET A 436 -0.84 -3.83 27.71
C MET A 436 -1.06 -3.33 29.13
N MET A 437 -1.80 -2.23 29.29
CA MET A 437 -1.98 -1.65 30.61
C MET A 437 -2.96 -2.45 31.46
N VAL A 438 -4.00 -3.03 30.86
CA VAL A 438 -4.85 -3.97 31.57
C VAL A 438 -4.01 -5.15 32.07
N PHE A 439 -3.16 -5.67 31.19
CA PHE A 439 -2.22 -6.73 31.52
C PHE A 439 -1.38 -6.39 32.73
N ASN A 440 -0.75 -5.20 32.71
CA ASN A 440 0.16 -4.85 33.81
C ASN A 440 -0.61 -4.55 35.09
N GLN A 441 -1.78 -3.93 34.98
CA GLN A 441 -2.58 -3.69 36.17
C GLN A 441 -3.02 -5.01 36.81
N LEU A 442 -3.29 -6.02 35.99
CA LEU A 442 -3.64 -7.33 36.53
C LEU A 442 -2.46 -7.93 37.28
N ILE A 443 -1.24 -7.81 36.71
CA ILE A 443 -0.05 -8.27 37.41
C ILE A 443 0.11 -7.53 38.73
N ALA A 444 -0.10 -6.21 38.72
CA ALA A 444 0.02 -5.42 39.94
C ALA A 444 -0.93 -5.93 41.02
N SER A 445 -2.21 -6.07 40.67
CA SER A 445 -3.19 -6.57 41.63
C SER A 445 -2.86 -7.99 42.06
N TYR A 446 -2.33 -8.79 41.13
CA TYR A 446 -1.91 -10.16 41.43
C TYR A 446 -0.91 -10.20 42.57
N ILE A 447 0.19 -9.46 42.41
CA ILE A 447 1.23 -9.42 43.44
C ILE A 447 0.71 -8.78 44.71
N THR A 448 -0.12 -7.75 44.57
CA THR A 448 -0.62 -7.04 45.75
C THR A 448 -1.50 -7.95 46.59
N ARG A 449 -2.43 -8.66 45.94
CA ARG A 449 -3.40 -9.46 46.69
C ARG A 449 -2.75 -10.67 47.36
N PHE A 450 -1.71 -11.23 46.76
CA PHE A 450 -1.13 -12.48 47.25
C PHE A 450 0.20 -12.30 47.96
N TYR A 451 0.69 -11.08 48.10
CA TYR A 451 1.83 -10.81 48.97
C TYR A 451 1.29 -10.41 50.34
N ASP A 452 1.47 -11.29 51.33
CA ASP A 452 0.99 -11.02 52.68
C ASP A 452 1.96 -10.10 53.38
N ALA A 453 1.49 -8.88 53.69
CA ALA A 453 2.41 -7.87 54.23
C ALA A 453 2.89 -8.20 55.63
N PRO A 454 2.03 -8.56 56.58
CA PRO A 454 2.53 -8.86 57.94
C PRO A 454 3.65 -9.89 57.95
N SER A 455 3.49 -10.98 57.18
CA SER A 455 4.55 -11.97 57.06
C SER A 455 5.61 -11.58 56.04
N GLY A 456 5.26 -10.74 55.07
CA GLY A 456 6.19 -10.35 54.03
C GLY A 456 6.53 -11.47 53.07
N LYS A 457 5.57 -12.34 52.76
CA LYS A 457 5.82 -13.52 51.96
C LYS A 457 4.77 -13.64 50.86
N ILE A 458 5.19 -14.22 49.74
CA ILE A 458 4.30 -14.63 48.66
C ILE A 458 4.64 -16.08 48.32
N TYR A 459 3.63 -16.82 47.86
CA TYR A 459 3.86 -18.20 47.46
C TYR A 459 4.66 -18.23 46.16
N LEU A 460 5.73 -19.02 46.15
CA LEU A 460 6.68 -18.98 45.04
C LEU A 460 6.05 -19.48 43.75
N ASN A 461 5.17 -20.49 43.84
CA ASN A 461 4.59 -21.06 42.62
C ASN A 461 3.70 -20.07 41.89
N LEU A 462 3.25 -19.01 42.56
CA LEU A 462 2.41 -18.02 41.89
C LEU A 462 3.18 -17.28 40.80
N ILE A 463 4.44 -16.94 41.06
CA ILE A 463 5.21 -16.07 40.17
C ILE A 463 6.41 -16.76 39.56
N ASN A 464 6.72 -18.00 39.95
CA ASN A 464 7.98 -18.61 39.52
C ASN A 464 8.05 -18.76 38.00
N ALA A 465 7.00 -19.32 37.40
CA ALA A 465 7.01 -19.51 35.96
C ALA A 465 7.12 -18.19 35.21
N PHE A 466 6.55 -17.12 35.78
CA PHE A 466 6.53 -15.83 35.10
C PHE A 466 7.89 -15.15 35.20
N ALA A 467 8.46 -15.10 36.40
CA ALA A 467 9.70 -14.36 36.63
C ALA A 467 10.95 -15.17 36.32
N ASN A 468 10.89 -16.49 36.45
CA ASN A 468 12.03 -17.34 36.17
C ASN A 468 11.89 -18.14 34.88
N GLY A 469 10.80 -17.95 34.15
CA GLY A 469 10.56 -18.73 32.95
C GLY A 469 10.28 -17.90 31.72
N ASN A 470 9.04 -18.00 31.22
CA ASN A 470 8.70 -17.39 29.94
C ASN A 470 9.03 -15.90 29.92
N PHE A 471 8.81 -15.20 31.03
CA PHE A 471 9.12 -13.78 31.12
C PHE A 471 10.31 -13.49 32.01
N SER A 472 11.24 -14.45 32.11
CA SER A 472 12.46 -14.20 32.84
C SER A 472 13.23 -13.01 32.26
N GLN A 473 13.08 -12.77 30.96
CA GLN A 473 13.82 -11.67 30.34
C GLN A 473 13.30 -10.31 30.79
N ALA A 474 11.98 -10.18 30.90
CA ALA A 474 11.40 -8.91 31.33
C ALA A 474 11.67 -8.63 32.80
N VAL A 475 11.97 -9.65 33.60
CA VAL A 475 12.12 -9.50 35.03
C VAL A 475 13.59 -9.44 35.45
N MET A 476 14.44 -10.23 34.79
CA MET A 476 15.83 -10.35 35.20
C MET A 476 16.79 -9.52 34.36
N GLU A 477 16.43 -9.19 33.13
CA GLU A 477 17.28 -8.40 32.24
C GLU A 477 16.67 -7.03 32.03
N MET A 478 17.54 -6.05 31.78
CA MET A 478 17.11 -4.67 31.63
C MET A 478 16.93 -4.33 30.15
N GLY A 479 16.02 -3.40 29.88
CA GLY A 479 15.62 -3.07 28.54
C GLY A 479 14.38 -3.80 28.06
N TYR A 480 14.03 -4.92 28.69
CA TYR A 480 12.88 -5.72 28.29
C TYR A 480 11.64 -5.38 29.10
N ALA A 481 11.41 -4.09 29.31
CA ALA A 481 10.26 -3.61 30.06
C ALA A 481 10.03 -2.15 29.68
N HIS A 482 8.80 -1.70 29.80
CA HIS A 482 8.48 -0.33 29.47
C HIS A 482 8.95 0.59 30.59
N PRO A 483 9.69 1.68 30.27
CA PRO A 483 10.22 2.54 31.35
C PRO A 483 9.17 3.45 31.94
N ASP A 484 8.55 3.02 33.06
CA ASP A 484 7.51 3.78 33.71
C ASP A 484 8.01 4.50 34.97
N LEU A 485 9.31 4.72 35.08
CA LEU A 485 9.90 5.50 36.15
C LEU A 485 10.75 6.62 35.54
N ALA A 486 10.75 7.79 36.18
CA ALA A 486 11.50 8.93 35.68
C ALA A 486 11.48 10.03 36.73
N ARG A 487 12.43 10.97 36.60
CA ARG A 487 12.45 12.15 37.42
C ARG A 487 11.21 13.00 37.21
N ASN A 488 10.81 13.72 38.25
CA ASN A 488 9.66 14.60 38.19
C ASN A 488 9.82 15.64 37.07
N ASN A 489 8.69 16.24 36.70
CA ASN A 489 8.64 17.25 35.66
C ASN A 489 9.07 16.67 34.32
N ASN A 490 8.80 15.39 34.11
CA ASN A 490 9.00 14.73 32.82
C ASN A 490 7.71 13.95 32.52
N VAL A 491 6.89 14.47 31.62
CA VAL A 491 5.61 13.85 31.32
C VAL A 491 5.83 12.56 30.55
N PHE A 492 4.76 11.75 30.42
CA PHE A 492 4.85 10.50 29.68
C PHE A 492 5.16 10.76 28.21
N GLY A 493 4.51 11.77 27.61
CA GLY A 493 4.84 12.16 26.26
C GLY A 493 4.32 11.20 25.21
N HIS A 494 4.91 11.34 24.02
CA HIS A 494 4.56 10.52 22.86
C HIS A 494 5.62 9.45 22.71
N ARG A 495 5.20 8.19 22.77
CA ARG A 495 6.12 7.07 22.93
C ARG A 495 5.99 6.07 21.79
N GLY A 496 7.13 5.54 21.35
CA GLY A 496 7.16 4.59 20.27
C GLY A 496 6.57 3.26 20.68
N ASP A 497 6.66 2.31 19.75
CA ASP A 497 6.06 0.99 19.97
C ASP A 497 6.93 0.16 20.89
N PRO A 498 6.36 -0.52 21.89
CA PRO A 498 7.10 -1.60 22.56
C PRO A 498 7.36 -2.73 21.57
N THR A 499 8.15 -3.70 22.01
CA THR A 499 8.41 -4.90 21.25
C THR A 499 7.75 -6.08 21.96
N GLU A 500 7.89 -7.27 21.38
CA GLU A 500 7.33 -8.45 22.03
C GLU A 500 7.88 -8.64 23.44
N GLN A 501 9.06 -8.08 23.74
CA GLN A 501 9.76 -8.34 24.97
C GLN A 501 9.75 -7.16 25.94
N SER A 502 8.97 -6.12 25.67
CA SER A 502 8.91 -4.95 26.54
C SER A 502 7.46 -4.55 26.81
N VAL A 503 6.58 -5.54 26.96
CA VAL A 503 5.20 -5.24 27.31
C VAL A 503 4.98 -5.19 28.82
N LEU A 504 5.91 -5.71 29.62
CA LEU A 504 5.84 -5.57 31.06
C LEU A 504 6.35 -4.20 31.48
N LEU A 505 5.69 -3.61 32.48
CA LEU A 505 6.13 -2.34 33.02
C LEU A 505 7.37 -2.56 33.90
N LEU A 506 8.43 -1.79 33.60
CA LEU A 506 9.70 -1.95 34.30
C LEU A 506 9.51 -1.99 35.82
N SER A 507 8.63 -1.15 36.36
CA SER A 507 8.46 -1.09 37.81
C SER A 507 8.02 -2.45 38.36
N LEU A 508 7.03 -3.06 37.70
CA LEU A 508 6.58 -4.38 38.14
C LEU A 508 7.65 -5.43 37.95
N GLY A 509 8.46 -5.31 36.90
CA GLY A 509 9.58 -6.23 36.73
C GLY A 509 10.58 -6.13 37.88
N LEU A 510 10.90 -4.91 38.30
CA LEU A 510 11.79 -4.74 39.44
C LEU A 510 11.19 -5.33 40.71
N ILE A 511 9.89 -5.13 40.91
CA ILE A 511 9.22 -5.73 42.07
C ILE A 511 9.40 -7.24 42.05
N LEU A 512 9.08 -7.87 40.92
CA LEU A 512 9.21 -9.31 40.81
C LEU A 512 10.66 -9.76 40.96
N GLN A 513 11.63 -8.99 40.45
CA GLN A 513 13.07 -9.28 40.60
C GLN A 513 13.40 -9.26 42.10
N ARG A 514 12.98 -8.24 42.84
CA ARG A 514 13.14 -8.17 44.32
C ARG A 514 12.44 -9.39 44.94
N LEU A 515 11.27 -9.83 44.45
CA LEU A 515 10.51 -10.95 45.04
C LEU A 515 11.30 -12.26 44.91
N ILE A 516 11.93 -12.49 43.76
CA ILE A 516 12.64 -13.73 43.50
C ILE A 516 14.00 -13.74 44.17
N LYS A 517 14.69 -12.60 44.20
CA LYS A 517 16.12 -12.58 44.50
C LYS A 517 16.46 -12.06 45.89
N ASP A 518 15.63 -11.22 46.48
CA ASP A 518 15.98 -10.63 47.77
C ASP A 518 16.31 -11.71 48.80
N THR A 519 17.35 -11.45 49.59
CA THR A 519 17.83 -12.42 50.57
C THR A 519 18.19 -11.70 51.86
N ASN A 520 17.97 -12.39 52.98
CA ASN A 520 18.34 -11.85 54.29
C ASN A 520 19.84 -12.04 54.54
N ARG A 521 20.32 -11.46 55.63
CA ARG A 521 21.76 -11.47 55.91
C ARG A 521 22.30 -12.87 56.15
N GLN A 522 21.45 -13.87 56.32
CA GLN A 522 21.88 -15.26 56.38
C GLN A 522 21.76 -15.96 55.03
N GLY A 523 21.51 -15.21 53.97
CA GLY A 523 21.42 -15.77 52.64
C GLY A 523 20.11 -16.43 52.30
N LEU A 524 19.18 -16.52 53.24
CA LEU A 524 17.91 -17.16 52.99
C LEU A 524 16.98 -16.23 52.21
N SER A 525 16.00 -16.83 51.53
CA SER A 525 15.06 -16.04 50.74
C SER A 525 14.26 -15.12 51.66
N GLN A 526 14.10 -13.88 51.23
CA GLN A 526 13.42 -12.87 52.03
C GLN A 526 11.92 -12.90 51.85
N HIS A 527 11.43 -13.11 50.64
CA HIS A 527 10.02 -12.91 50.33
C HIS A 527 9.26 -14.19 50.00
N LEU A 528 9.94 -15.30 49.78
CA LEU A 528 9.30 -16.45 49.17
C LEU A 528 8.98 -17.54 50.19
N ILE A 529 7.79 -18.11 50.06
CA ILE A 529 7.40 -19.33 50.76
C ILE A 529 7.40 -20.45 49.73
N SER A 530 8.02 -21.57 50.09
CA SER A 530 8.28 -22.64 49.12
C SER A 530 7.19 -23.71 49.08
N THR A 531 6.50 -23.95 50.19
CA THR A 531 5.52 -25.03 50.27
C THR A 531 4.16 -24.49 50.70
N LEU A 532 3.11 -25.07 50.12
CA LEU A 532 1.76 -24.60 50.38
C LEU A 532 1.35 -24.77 51.82
N THR A 533 1.90 -25.77 52.51
CA THR A 533 1.45 -26.09 53.85
C THR A 533 1.60 -24.92 54.82
N GLU A 534 2.54 -23.99 54.53
CA GLU A 534 2.88 -22.84 55.42
C GLU A 534 2.12 -21.56 55.04
N ILE A 535 1.32 -21.56 53.99
CA ILE A 535 0.45 -20.41 53.62
C ILE A 535 -0.64 -20.27 54.70
N PRO A 536 -0.92 -19.07 55.31
CA PRO A 536 -2.01 -18.93 56.27
C PRO A 536 -3.36 -19.35 55.68
N ILE A 537 -4.30 -19.64 56.58
CA ILE A 537 -5.61 -20.13 56.16
C ILE A 537 -6.32 -19.09 55.30
N TYR A 538 -6.48 -17.88 55.84
CA TYR A 538 -7.22 -16.85 55.11
C TYR A 538 -6.60 -16.58 53.74
N LEU A 539 -5.28 -16.73 53.61
CA LEU A 539 -4.65 -16.50 52.32
C LEU A 539 -4.99 -17.61 51.33
N LYS A 540 -5.20 -18.84 51.82
CA LYS A 540 -5.67 -19.92 50.95
C LYS A 540 -7.12 -19.68 50.54
N GLU A 541 -7.94 -19.13 51.44
CA GLU A 541 -9.28 -18.70 51.06
C GLU A 541 -9.21 -17.64 49.96
N ASN A 542 -8.34 -16.65 50.13
CA ASN A 542 -8.13 -15.65 49.08
C ASN A 542 -7.73 -16.31 47.77
N TYR A 543 -6.81 -17.27 47.83
CA TYR A 543 -6.47 -18.05 46.64
C TYR A 543 -7.72 -18.59 45.98
N ARG A 544 -8.53 -19.32 46.75
CA ARG A 544 -9.69 -20.00 46.19
C ARG A 544 -10.63 -19.03 45.49
N ALA A 545 -10.85 -17.86 46.08
CA ALA A 545 -11.85 -16.95 45.55
C ALA A 545 -11.32 -16.14 44.36
N ASN A 546 -10.04 -15.77 44.39
CA ASN A 546 -9.52 -14.81 43.43
C ASN A 546 -8.76 -15.45 42.27
N LEU A 547 -8.10 -16.59 42.48
CA LEU A 547 -7.31 -17.17 41.40
C LEU A 547 -8.15 -17.51 40.17
N PRO A 548 -9.37 -18.07 40.30
CA PRO A 548 -10.20 -18.27 39.09
C PRO A 548 -10.47 -16.98 38.34
N LEU A 549 -10.72 -15.88 39.06
CA LEU A 549 -10.89 -14.60 38.40
C LEU A 549 -9.64 -14.21 37.62
N PHE A 550 -8.46 -14.38 38.22
CA PHE A 550 -7.22 -14.05 37.53
C PHE A 550 -7.05 -14.89 36.27
N ASN A 551 -7.33 -16.19 36.36
CA ASN A 551 -7.24 -17.06 35.20
C ASN A 551 -8.19 -16.61 34.10
N LYS A 552 -9.45 -16.37 34.45
CA LYS A 552 -10.43 -15.95 33.46
C LYS A 552 -10.05 -14.64 32.80
N MET A 553 -9.49 -13.70 33.58
CA MET A 553 -9.20 -12.38 33.04
C MET A 553 -7.96 -12.40 32.15
N PHE A 554 -6.90 -13.12 32.56
CA PHE A 554 -5.76 -13.28 31.66
C PHE A 554 -6.17 -13.99 30.38
N ASN A 555 -7.14 -14.91 30.48
CA ASN A 555 -7.64 -15.58 29.28
C ASN A 555 -8.50 -14.66 28.43
N ILE A 556 -9.22 -13.74 29.06
CA ILE A 556 -9.95 -12.73 28.27
C ILE A 556 -8.97 -11.90 27.46
N LEU A 557 -7.84 -11.52 28.07
CA LEU A 557 -6.80 -10.84 27.32
C LEU A 557 -6.32 -11.70 26.15
N ILE A 558 -6.06 -12.99 26.42
CA ILE A 558 -5.61 -13.88 25.36
C ILE A 558 -6.62 -13.93 24.24
N SER A 559 -7.92 -14.04 24.59
CA SER A 559 -8.95 -14.12 23.56
C SER A 559 -9.02 -12.83 22.75
N GLN A 560 -8.94 -11.68 23.42
CA GLN A 560 -8.94 -10.41 22.70
C GLN A 560 -7.76 -10.34 21.74
N GLY A 561 -6.57 -10.73 22.20
CA GLY A 561 -5.41 -10.68 21.33
C GLY A 561 -5.53 -11.60 20.13
N GLU A 562 -6.01 -12.84 20.36
CA GLU A 562 -6.15 -13.79 19.27
C GLU A 562 -7.20 -13.32 18.27
N LEU A 563 -8.30 -12.75 18.76
CA LEU A 563 -9.35 -12.26 17.86
C LEU A 563 -8.86 -11.07 17.05
N LEU A 564 -8.12 -10.15 17.70
CA LEU A 564 -7.51 -9.05 16.95
C LEU A 564 -6.55 -9.58 15.89
N LYS A 565 -5.80 -10.64 16.22
CA LYS A 565 -4.91 -11.23 15.24
C LYS A 565 -5.68 -11.81 14.06
N GLN A 566 -6.84 -12.42 14.34
CA GLN A 566 -7.65 -12.97 13.26
C GLN A 566 -8.20 -11.87 12.36
N PHE A 567 -8.60 -10.73 12.96
CA PHE A 567 -9.04 -9.60 12.17
C PHE A 567 -7.90 -9.09 11.27
N ILE A 568 -6.72 -8.92 11.86
CA ILE A 568 -5.59 -8.40 11.09
C ILE A 568 -5.23 -9.35 9.95
N GLN A 569 -5.33 -10.65 10.17
CA GLN A 569 -4.86 -11.63 9.21
C GLN A 569 -5.91 -11.96 8.14
N TYR A 570 -7.14 -12.23 8.55
CA TYR A 570 -8.17 -12.72 7.65
C TYR A 570 -9.03 -11.61 7.05
N THR A 571 -8.61 -10.35 7.17
CA THR A 571 -9.28 -9.25 6.49
C THR A 571 -8.22 -8.31 5.92
N ASN A 572 -8.64 -7.48 4.96
CA ASN A 572 -7.74 -6.61 4.22
C ASN A 572 -7.55 -5.25 4.87
N VAL A 573 -7.77 -5.15 6.18
CA VAL A 573 -7.66 -3.87 6.86
C VAL A 573 -6.22 -3.37 6.82
N GLN A 574 -6.06 -2.07 6.56
CA GLN A 574 -4.75 -1.42 6.55
C GLN A 574 -4.54 -0.70 7.87
N LEU A 575 -3.35 -0.85 8.44
CA LEU A 575 -3.07 -0.41 9.80
C LEU A 575 -1.95 0.62 9.82
N ALA A 576 -1.90 1.50 8.83
CA ALA A 576 -0.88 2.54 8.79
C ALA A 576 -1.17 3.66 9.78
N ARG A 577 -0.07 4.27 10.21
CA ARG A 577 -0.08 5.41 11.12
C ARG A 577 0.23 6.64 10.29
N PRO A 578 -0.04 7.85 10.81
CA PRO A 578 0.33 9.07 10.09
C PRO A 578 1.83 9.37 10.26
N ASN A 579 2.25 10.46 9.62
CA ASN A 579 3.62 10.91 9.75
C ASN A 579 3.81 11.53 11.13
N LEU A 580 4.17 10.70 12.11
CA LEU A 580 4.20 11.15 13.50
C LEU A 580 5.26 12.22 13.73
N THR A 581 6.48 12.01 13.22
CA THR A 581 7.56 12.95 13.49
C THR A 581 7.28 14.31 12.87
N ALA A 582 6.57 14.36 11.75
CA ALA A 582 6.20 15.64 11.16
C ALA A 582 5.16 16.36 12.01
N LEU A 583 4.13 15.63 12.45
CA LEU A 583 3.08 16.25 13.24
C LEU A 583 3.60 16.71 14.60
N LEU A 584 4.39 15.87 15.26
CA LEU A 584 4.92 16.20 16.58
C LEU A 584 6.20 17.02 16.51
N GLY A 585 6.89 17.01 15.37
CA GLY A 585 8.14 17.73 15.26
C GLY A 585 9.27 17.05 15.99
N ALA A 586 9.22 15.74 16.12
CA ALA A 586 10.23 14.98 16.86
C ALA A 586 11.34 14.52 15.92
N ASN A 587 12.49 14.19 16.52
CA ASN A 587 13.57 13.62 15.74
C ASN A 587 13.24 12.19 15.30
N ASN A 588 13.83 11.80 14.18
CA ASN A 588 13.66 10.49 13.57
C ASN A 588 14.38 9.39 14.34
N ASP A 589 15.21 9.75 15.32
CA ASP A 589 15.77 8.81 16.28
C ASP A 589 15.01 8.84 17.61
N SER A 590 13.97 9.64 17.73
CA SER A 590 13.30 9.82 19.02
C SER A 590 12.43 8.61 19.36
N VAL A 591 12.65 8.07 20.54
CA VAL A 591 11.85 6.96 21.07
C VAL A 591 10.80 7.47 22.05
N ILE A 592 10.99 8.64 22.63
CA ILE A 592 9.99 9.32 23.43
C ILE A 592 10.11 10.81 23.13
N TYR A 593 9.01 11.44 22.79
CA TYR A 593 9.05 12.86 22.52
C TYR A 593 7.96 13.59 23.28
N TYR A 594 8.38 14.69 23.91
CA TYR A 594 7.45 15.58 24.58
C TYR A 594 8.03 16.97 24.78
N ASN A 595 7.45 17.99 24.13
CA ASN A 595 7.84 19.38 24.31
C ASN A 595 9.32 19.59 23.99
N ASN A 596 9.71 19.36 22.75
CA ASN A 596 11.07 19.62 22.21
C ASN A 596 12.13 18.95 23.07
N ASN A 597 11.87 17.73 23.57
CA ASN A 597 12.91 16.89 24.19
C ASN A 597 12.89 15.59 23.42
N ASN A 598 14.05 15.14 23.03
CA ASN A 598 14.19 13.92 22.22
C ASN A 598 14.93 12.88 23.05
N VAL A 599 14.25 11.81 23.38
CA VAL A 599 14.81 10.65 24.07
C VAL A 599 15.30 9.68 23.02
N PRO A 600 16.58 9.39 22.91
CA PRO A 600 17.06 8.42 21.94
C PRO A 600 16.81 6.99 22.42
N ALA A 601 16.97 6.05 21.49
CA ALA A 601 16.73 4.64 21.81
C ALA A 601 17.67 4.14 22.90
N THR A 602 18.81 4.79 23.09
CA THR A 602 19.67 4.47 24.22
C THR A 602 19.07 4.88 25.55
N GLY A 603 18.04 5.72 25.53
CA GLY A 603 17.50 6.27 26.75
C GLY A 603 18.34 7.34 27.39
N LEU A 604 19.40 7.79 26.72
CA LEU A 604 20.32 8.78 27.28
C LEU A 604 19.68 10.15 27.15
N SER A 605 18.84 10.47 28.12
CA SER A 605 18.20 11.76 28.19
C SER A 605 18.07 12.12 29.66
N VAL A 606 18.21 13.39 29.99
CA VAL A 606 18.16 13.75 31.40
C VAL A 606 16.77 13.44 31.93
N GLY A 607 16.72 12.75 33.08
CA GLY A 607 15.45 12.34 33.68
C GLY A 607 15.03 10.93 33.36
N GLN A 608 15.51 10.33 32.26
CA GLN A 608 15.14 8.94 32.03
C GLN A 608 15.79 8.06 33.10
N ALA A 609 15.07 7.02 33.54
CA ALA A 609 15.56 6.16 34.61
C ALA A 609 16.86 5.47 34.20
N ALA A 610 17.70 5.19 35.19
CA ALA A 610 18.97 4.53 34.94
C ALA A 610 19.45 3.87 36.23
N LEU A 611 20.46 3.03 36.10
CA LEU A 611 21.05 2.30 37.23
C LEU A 611 22.45 2.85 37.44
N ARG A 612 22.69 3.41 38.63
CA ARG A 612 23.97 4.04 38.92
C ARG A 612 25.11 3.04 38.74
N GLY A 613 26.11 3.44 37.95
CA GLY A 613 27.29 2.63 37.74
C GLY A 613 27.19 1.59 36.66
N ILE A 614 26.02 1.41 36.03
CA ILE A 614 25.84 0.39 35.02
C ILE A 614 25.37 1.02 33.71
N GLY A 615 24.23 1.71 33.77
CA GLY A 615 23.72 2.35 32.57
C GLY A 615 22.22 2.62 32.70
N GLY A 616 21.61 2.88 31.54
CA GLY A 616 20.20 3.19 31.49
C GLY A 616 19.33 1.96 31.38
N VAL A 617 18.02 2.17 31.52
CA VAL A 617 17.07 1.07 31.46
C VAL A 617 16.58 0.79 30.04
N PHE A 618 17.07 1.54 29.05
CA PHE A 618 16.64 1.37 27.66
C PHE A 618 17.62 0.45 26.94
N ARG A 619 17.10 -0.54 26.22
CA ARG A 619 17.91 -1.34 25.30
C ARG A 619 17.43 -1.06 23.88
N PRO A 620 18.28 -0.52 22.99
CA PRO A 620 17.78 -0.13 21.66
C PRO A 620 17.17 -1.30 20.91
N ASN A 621 16.13 -0.99 20.12
CA ASN A 621 15.38 -1.97 19.33
C ASN A 621 14.68 -3.01 20.19
N VAL A 622 14.52 -2.76 21.48
CA VAL A 622 13.87 -3.70 22.38
C VAL A 622 12.90 -2.96 23.29
N THR A 623 13.42 -2.02 24.08
CA THR A 623 12.57 -1.30 25.02
C THR A 623 11.47 -0.55 24.28
N LEU A 624 11.85 0.35 23.37
CA LEU A 624 10.88 1.13 22.62
C LEU A 624 11.45 1.46 21.24
N MET A 625 10.59 1.40 20.23
CA MET A 625 10.96 1.73 18.87
C MET A 625 10.81 3.23 18.64
N PRO A 626 11.48 3.79 17.64
CA PRO A 626 11.30 5.21 17.33
C PRO A 626 9.89 5.47 16.83
N LEU A 627 9.39 6.68 17.10
CA LEU A 627 8.04 7.00 16.61
C LEU A 627 8.01 7.16 15.09
N GLY A 628 9.04 7.74 14.49
CA GLY A 628 9.27 7.60 13.07
C GLY A 628 8.38 8.43 12.18
N ASP A 629 8.71 8.42 10.89
CA ASP A 629 7.98 9.15 9.86
C ASP A 629 6.98 8.24 9.15
N ALA A 630 6.34 8.78 8.11
CA ALA A 630 5.32 8.01 7.40
C ALA A 630 5.89 6.71 6.86
N GLN A 631 7.15 6.72 6.39
CA GLN A 631 7.74 5.51 5.83
C GLN A 631 7.99 4.45 6.89
N ASN A 632 8.28 4.85 8.12
CA ASN A 632 8.37 3.93 9.24
C ASN A 632 7.01 3.66 9.86
N ASN A 633 5.92 3.97 9.17
CA ASN A 633 4.53 3.89 9.71
C ASN A 633 3.62 3.30 8.64
N THR A 634 4.14 2.45 7.77
CA THR A 634 3.35 1.85 6.67
C THR A 634 2.49 0.73 7.28
N SER A 635 1.45 0.29 6.61
CA SER A 635 0.55 -0.73 7.12
C SER A 635 1.29 -2.03 7.44
N ASP A 636 2.24 -2.41 6.59
CA ASP A 636 2.99 -3.64 6.83
C ASP A 636 3.79 -3.54 8.13
N VAL A 637 4.53 -2.44 8.30
CA VAL A 637 5.34 -2.27 9.50
C VAL A 637 4.47 -2.32 10.74
N VAL A 638 3.43 -1.47 10.80
CA VAL A 638 2.60 -1.38 11.99
C VAL A 638 1.86 -2.66 12.22
N ARG A 639 1.51 -3.34 11.13
CA ARG A 639 1.02 -4.69 11.31
C ARG A 639 2.02 -5.52 12.11
N LYS A 640 3.28 -5.63 11.73
CA LYS A 640 4.22 -6.52 12.45
C LYS A 640 4.36 -6.05 13.90
N ARG A 641 4.30 -4.75 14.15
CA ARG A 641 4.48 -4.21 15.51
C ARG A 641 3.28 -4.56 16.40
N LEU A 642 2.07 -4.34 15.90
CA LEU A 642 0.87 -4.69 16.66
C LEU A 642 0.86 -6.18 17.01
N VAL A 643 1.11 -7.04 16.02
CA VAL A 643 1.05 -8.48 16.28
C VAL A 643 2.13 -8.89 17.27
N ALA A 644 3.30 -8.26 17.20
CA ALA A 644 4.36 -8.55 18.15
C ALA A 644 3.91 -8.22 19.58
N VAL A 645 3.42 -7.00 19.78
CA VAL A 645 2.97 -6.63 21.12
C VAL A 645 1.88 -7.59 21.58
N ILE A 646 0.95 -7.93 20.68
CA ILE A 646 -0.12 -8.86 21.04
C ILE A 646 0.46 -10.18 21.53
N ASP A 647 1.39 -10.74 20.75
CA ASP A 647 1.98 -12.03 21.10
C ASP A 647 2.63 -11.97 22.48
N GLY A 648 3.29 -10.86 22.80
CA GLY A 648 3.87 -10.71 24.12
C GLY A 648 2.84 -10.71 25.22
N ILE A 649 1.76 -9.95 25.03
CA ILE A 649 0.66 -9.97 25.99
C ILE A 649 0.12 -11.38 26.15
N ILE A 650 -0.02 -12.10 25.03
CA ILE A 650 -0.59 -13.45 25.07
C ILE A 650 0.31 -14.40 25.84
N ARG A 651 1.63 -14.34 25.59
CA ARG A 651 2.56 -15.23 26.26
C ARG A 651 2.53 -15.00 27.77
N GLY A 652 2.63 -13.74 28.19
CA GLY A 652 2.56 -13.44 29.62
C GLY A 652 1.26 -13.90 30.25
N SER A 653 0.14 -13.69 29.55
CA SER A 653 -1.15 -14.06 30.11
C SER A 653 -1.29 -15.57 30.23
N HIS A 654 -0.84 -16.30 29.21
CA HIS A 654 -0.83 -17.76 29.29
C HIS A 654 -0.05 -18.22 30.52
N THR A 655 1.14 -17.66 30.71
CA THR A 655 2.01 -18.10 31.80
C THR A 655 1.36 -17.85 33.16
N LEU A 656 0.88 -16.63 33.39
CA LEU A 656 0.31 -16.31 34.69
C LEU A 656 -0.98 -17.08 34.93
N ALA A 657 -1.78 -17.26 33.88
CA ALA A 657 -3.01 -18.04 34.03
C ALA A 657 -2.70 -19.48 34.39
N ASP A 658 -1.73 -20.09 33.70
CA ASP A 658 -1.36 -21.47 34.01
C ASP A 658 -0.84 -21.58 35.44
N SER A 659 -0.09 -20.58 35.90
CA SER A 659 0.39 -20.59 37.28
C SER A 659 -0.76 -20.48 38.26
N ALA A 660 -1.72 -19.59 38.00
CA ALA A 660 -2.90 -19.49 38.86
C ALA A 660 -3.62 -20.83 38.97
N MET A 661 -3.84 -21.50 37.84
CA MET A 661 -4.53 -22.78 37.87
C MET A 661 -3.68 -23.84 38.55
N GLU A 662 -2.35 -23.77 38.38
CA GLU A 662 -1.47 -24.72 39.03
C GLU A 662 -1.57 -24.61 40.55
N VAL A 663 -1.49 -23.39 41.07
CA VAL A 663 -1.60 -23.19 42.51
C VAL A 663 -2.98 -23.62 42.99
N LEU A 664 -4.01 -23.32 42.20
CA LEU A 664 -5.37 -23.74 42.57
C LEU A 664 -5.47 -25.25 42.59
N HIS A 665 -4.90 -25.92 41.58
CA HIS A 665 -4.95 -27.38 41.53
C HIS A 665 -4.25 -27.99 42.74
N GLU A 666 -3.19 -27.36 43.22
CA GLU A 666 -2.51 -27.88 44.40
C GLU A 666 -3.39 -27.77 45.63
N LEU A 667 -4.36 -26.88 45.62
CA LEU A 667 -5.21 -26.62 46.77
C LEU A 667 -6.38 -27.61 46.74
N THR A 668 -6.91 -27.92 47.92
CA THR A 668 -8.02 -28.86 48.05
C THR A 668 -9.33 -28.09 47.85
N ASP A 669 -9.63 -27.81 46.59
CA ASP A 669 -10.69 -26.87 46.22
C ASP A 669 -11.88 -27.62 45.64
N HIS A 670 -12.95 -27.72 46.44
CA HIS A 670 -14.22 -28.32 46.04
C HIS A 670 -15.33 -27.27 46.16
N PRO A 671 -15.45 -26.37 45.19
CA PRO A 671 -16.43 -25.28 45.33
C PRO A 671 -17.86 -25.80 45.26
N ILE A 672 -18.65 -25.48 46.29
CA ILE A 672 -20.08 -25.79 46.35
C ILE A 672 -20.83 -24.46 46.36
N TYR A 673 -21.91 -24.38 45.58
CA TYR A 673 -22.53 -23.11 45.26
C TYR A 673 -23.03 -22.42 46.53
N LEU A 674 -22.49 -21.22 46.79
CA LEU A 674 -22.87 -20.36 47.91
C LEU A 674 -22.49 -20.98 49.27
N GLU A 675 -21.27 -21.48 49.35
CA GLU A 675 -20.56 -21.55 50.61
C GLU A 675 -19.92 -20.18 50.86
N THR A 676 -20.32 -19.50 51.94
CA THR A 676 -19.73 -18.20 52.25
C THR A 676 -18.28 -18.33 52.71
N GLU A 677 -17.82 -19.54 52.99
CA GLU A 677 -16.46 -19.79 53.48
C GLU A 677 -16.29 -21.31 53.54
N GLU A 678 -15.05 -21.73 53.80
CA GLU A 678 -14.76 -23.15 53.88
C GLU A 678 -15.56 -23.81 54.98
N HIS A 679 -16.17 -24.96 54.67
CA HIS A 679 -16.91 -25.77 55.61
C HIS A 679 -18.13 -25.03 56.20
N PHE A 680 -18.64 -24.03 55.49
CA PHE A 680 -19.82 -23.33 55.99
C PHE A 680 -21.04 -24.25 56.04
N ILE A 681 -21.21 -25.08 55.02
CA ILE A 681 -22.40 -25.93 54.95
C ILE A 681 -22.40 -26.93 56.11
N GLN A 682 -21.28 -27.63 56.29
CA GLN A 682 -21.24 -28.66 57.32
C GLN A 682 -21.42 -28.06 58.71
N ASN A 683 -20.85 -26.87 58.93
CA ASN A 683 -20.99 -26.23 60.24
C ASN A 683 -22.39 -25.70 60.45
N TYR A 684 -23.04 -25.22 59.38
CA TYR A 684 -24.43 -24.83 59.48
C TYR A 684 -25.30 -26.03 59.87
N MET A 685 -25.08 -27.15 59.19
CA MET A 685 -25.81 -28.37 59.53
C MET A 685 -25.56 -28.77 60.97
N SER A 686 -24.31 -28.65 61.43
CA SER A 686 -23.97 -29.04 62.79
C SER A 686 -24.70 -28.19 63.83
N ARG A 687 -24.83 -26.88 63.55
CA ARG A 687 -25.39 -25.97 64.54
C ARG A 687 -26.92 -25.96 64.52
N TYR A 688 -27.52 -25.93 63.33
CA TYR A 688 -28.96 -25.79 63.20
C TYR A 688 -29.65 -27.05 62.70
N ASN A 689 -28.91 -28.13 62.49
CA ASN A 689 -29.47 -29.43 62.08
C ASN A 689 -30.31 -29.32 60.82
N LYS A 690 -30.02 -28.34 59.96
CA LYS A 690 -30.70 -28.23 58.69
C LYS A 690 -29.72 -27.68 57.67
N GLU A 691 -30.08 -27.74 56.40
CA GLU A 691 -29.18 -27.45 55.27
C GLU A 691 -29.41 -26.01 54.84
N PRO A 692 -28.38 -25.14 54.77
CA PRO A 692 -28.64 -23.74 54.49
C PRO A 692 -29.33 -23.49 53.13
N LEU A 693 -30.27 -22.52 53.04
CA LEU A 693 -30.93 -22.18 51.79
C LEU A 693 -29.92 -21.49 50.86
N MET A 694 -29.67 -22.09 49.70
CA MET A 694 -28.76 -21.54 48.70
C MET A 694 -29.40 -21.64 47.33
N PRO A 695 -30.49 -20.89 47.11
CA PRO A 695 -31.15 -20.93 45.80
C PRO A 695 -30.30 -20.29 44.72
N PHE A 696 -30.33 -20.89 43.52
CA PHE A 696 -29.55 -20.38 42.39
C PHE A 696 -29.84 -18.91 42.10
N SER A 697 -31.07 -18.48 42.33
CA SER A 697 -31.47 -17.09 42.09
C SER A 697 -30.47 -16.07 42.62
N LEU A 698 -29.83 -16.36 43.76
CA LEU A 698 -28.97 -15.37 44.39
C LEU A 698 -27.81 -14.99 43.49
N SER A 699 -27.33 -15.91 42.65
CA SER A 699 -26.23 -15.59 41.74
C SER A 699 -26.58 -14.40 40.85
N LEU A 700 -27.86 -14.23 40.52
CA LEU A 700 -28.28 -13.11 39.70
C LEU A 700 -27.97 -11.76 40.33
N TYR A 701 -27.47 -11.74 41.58
CA TYR A 701 -27.03 -10.48 42.16
C TYR A 701 -25.94 -9.82 41.31
N TYR A 702 -25.19 -10.62 40.55
CA TYR A 702 -24.14 -10.06 39.71
C TYR A 702 -24.68 -9.32 38.49
N LEU A 703 -25.99 -9.39 38.26
CA LEU A 703 -26.62 -8.63 37.18
C LEU A 703 -26.97 -7.21 37.60
N HIS A 704 -26.49 -6.77 38.75
CA HIS A 704 -26.75 -5.41 39.22
C HIS A 704 -26.03 -4.40 38.33
N ASP A 705 -26.40 -3.14 38.49
CA ASP A 705 -25.80 -2.07 37.70
C ASP A 705 -24.31 -1.96 38.00
N LEU A 706 -23.51 -1.85 36.94
CA LEU A 706 -22.09 -1.63 37.09
C LEU A 706 -21.81 -0.19 37.51
N ARG A 707 -20.61 0.02 38.06
CA ARG A 707 -20.17 1.35 38.44
C ARG A 707 -19.59 2.08 37.22
N ILE A 708 -19.87 3.37 37.13
CA ILE A 708 -19.34 4.21 36.06
C ILE A 708 -18.31 5.16 36.65
N GLU A 709 -17.18 5.32 35.96
CA GLU A 709 -16.18 6.31 36.30
C GLU A 709 -15.57 6.82 35.02
N ASN A 710 -15.61 8.14 34.82
CA ASN A 710 -15.16 8.76 33.57
C ASN A 710 -15.80 8.08 32.38
N ASN A 711 -17.11 7.80 32.50
CA ASN A 711 -17.93 7.26 31.44
C ASN A 711 -17.55 5.85 31.02
N GLU A 712 -16.91 5.08 31.90
CA GLU A 712 -16.55 3.69 31.60
C GLU A 712 -16.95 2.81 32.78
N VAL A 713 -17.45 1.63 32.47
CA VAL A 713 -17.98 0.74 33.50
C VAL A 713 -16.84 -0.05 34.13
N TYR A 714 -17.02 -0.37 35.41
CA TYR A 714 -16.17 -1.32 36.13
C TYR A 714 -17.03 -2.00 37.18
N ASP A 715 -16.55 -3.13 37.68
CA ASP A 715 -17.30 -3.95 38.63
C ASP A 715 -16.39 -4.38 39.77
N PRO A 716 -16.44 -3.71 40.93
CA PRO A 716 -15.57 -4.12 42.04
C PRO A 716 -15.94 -5.49 42.60
N LEU A 717 -17.21 -5.88 42.55
CA LEU A 717 -17.59 -7.19 43.07
C LEU A 717 -16.84 -8.31 42.36
N LEU A 718 -16.61 -8.16 41.06
CA LEU A 718 -16.01 -9.20 40.24
C LEU A 718 -14.59 -8.83 39.81
N TYR A 719 -13.85 -8.19 40.72
CA TYR A 719 -12.43 -7.96 40.53
C TYR A 719 -11.63 -8.71 41.59
N PRO A 720 -10.52 -9.37 41.22
CA PRO A 720 -9.83 -10.27 42.15
C PRO A 720 -8.90 -9.59 43.15
N ASN A 721 -9.44 -8.58 43.85
CA ASN A 721 -8.74 -7.97 44.98
C ASN A 721 -9.56 -8.06 46.26
N LEU A 722 -10.54 -8.95 46.29
CA LEU A 722 -11.44 -9.05 47.43
C LEU A 722 -10.73 -9.64 48.64
N GLU A 723 -11.20 -9.26 49.82
CA GLU A 723 -10.60 -9.63 51.09
C GLU A 723 -11.47 -10.67 51.77
N SER A 724 -10.83 -11.72 52.28
CA SER A 724 -11.55 -12.81 52.91
C SER A 724 -12.51 -12.29 53.98
N GLY A 725 -13.68 -12.92 54.05
CA GLY A 725 -14.66 -12.63 55.06
C GLY A 725 -15.61 -11.49 54.75
N SER A 726 -15.30 -10.64 53.78
CA SER A 726 -16.19 -9.56 53.42
C SER A 726 -17.41 -10.11 52.69
N PRO A 727 -18.50 -9.33 52.62
CA PRO A 727 -19.69 -9.82 51.90
C PRO A 727 -19.41 -10.07 50.42
N GLU A 728 -18.74 -9.14 49.76
CA GLU A 728 -18.34 -9.35 48.36
C GLU A 728 -17.55 -10.65 48.21
N PHE A 729 -16.60 -10.88 49.12
CA PHE A 729 -15.80 -12.10 49.06
C PHE A 729 -16.68 -13.34 49.23
N LYS A 730 -17.63 -13.28 50.15
CA LYS A 730 -18.50 -14.43 50.38
C LYS A 730 -19.27 -14.80 49.12
N LEU A 731 -19.79 -13.80 48.42
CA LEU A 731 -20.48 -14.07 47.16
C LEU A 731 -19.54 -14.66 46.13
N LEU A 732 -18.34 -14.09 46.00
CA LEU A 732 -17.37 -14.62 45.03
C LEU A 732 -16.94 -16.04 45.38
N TYR A 733 -16.74 -16.29 46.68
CA TYR A 733 -16.35 -17.61 47.14
C TYR A 733 -17.44 -18.64 46.85
N GLY A 734 -18.70 -18.26 47.08
CA GLY A 734 -19.80 -19.17 46.86
C GLY A 734 -20.05 -19.48 45.39
N THR A 735 -19.86 -18.50 44.51
CA THR A 735 -20.24 -18.58 43.09
C THR A 735 -19.05 -18.83 42.16
N ARG A 736 -17.86 -19.20 42.66
CA ARG A 736 -16.58 -19.29 41.88
C ARG A 736 -16.64 -20.31 40.72
N LYS A 737 -17.12 -21.53 40.93
CA LYS A 737 -17.30 -22.53 39.84
C LYS A 737 -18.38 -22.03 38.89
N LEU A 738 -19.43 -21.39 39.39
CA LEU A 738 -20.56 -20.82 38.61
C LEU A 738 -20.06 -19.70 37.67
N LEU A 739 -19.04 -18.95 38.07
CA LEU A 739 -18.47 -17.88 37.23
C LEU A 739 -17.49 -18.49 36.23
N GLY A 740 -16.97 -19.71 36.47
CA GLY A 740 -15.99 -20.33 35.62
C GLY A 740 -16.55 -20.90 34.33
N ASN A 741 -15.79 -21.75 33.65
CA ASN A 741 -16.21 -22.34 32.38
C ASN A 741 -16.48 -23.84 32.50
N ASP A 742 -16.52 -24.40 33.72
CA ASP A 742 -16.67 -25.84 33.85
C ASP A 742 -18.12 -26.24 33.98
N PRO A 743 -18.48 -27.44 33.53
CA PRO A 743 -19.86 -27.92 33.76
C PRO A 743 -20.19 -27.93 35.24
N VAL A 744 -21.44 -27.58 35.55
CA VAL A 744 -21.94 -27.52 36.92
C VAL A 744 -22.98 -28.63 37.09
N GLN A 745 -22.62 -29.62 37.89
CA GLN A 745 -23.54 -30.73 38.24
C GLN A 745 -24.47 -30.22 39.34
N LEU A 746 -25.61 -30.84 39.48
CA LEU A 746 -26.65 -30.38 40.41
C LEU A 746 -26.19 -30.61 41.87
N SER A 747 -25.25 -31.53 42.14
CA SER A 747 -24.68 -31.71 43.51
C SER A 747 -23.70 -30.60 43.84
N ASP A 748 -23.17 -29.89 42.85
CA ASP A 748 -22.34 -28.70 43.07
C ASP A 748 -23.26 -27.55 43.48
N MET A 749 -24.59 -27.65 43.40
CA MET A 749 -25.56 -26.66 43.93
C MET A 749 -26.60 -27.40 44.80
N PRO A 750 -26.24 -27.82 46.01
CA PRO A 750 -27.13 -28.58 46.93
C PRO A 750 -28.51 -28.01 47.29
N GLY A 751 -28.65 -26.69 47.34
CA GLY A 751 -29.93 -26.03 47.59
C GLY A 751 -30.85 -26.14 46.40
N VAL A 752 -30.31 -26.22 45.19
CA VAL A 752 -31.09 -26.40 43.94
C VAL A 752 -31.66 -27.82 43.99
N GLN A 753 -30.90 -28.77 44.45
CA GLN A 753 -31.38 -30.16 44.55
C GLN A 753 -32.44 -30.28 45.65
N LEU A 754 -32.32 -29.53 46.75
CA LEU A 754 -33.25 -29.62 47.88
C LEU A 754 -34.60 -29.01 47.54
N ILE A 755 -34.62 -27.87 46.84
CA ILE A 755 -35.90 -27.29 46.46
C ILE A 755 -36.65 -28.22 45.52
N MET A 756 -35.93 -28.89 44.63
CA MET A 756 -36.57 -29.87 43.74
C MET A 756 -37.19 -31.00 44.54
N LYS A 757 -36.43 -31.57 45.48
CA LYS A 757 -36.95 -32.68 46.27
C LYS A 757 -38.13 -32.23 47.11
N ASN A 758 -38.11 -30.99 47.61
CA ASN A 758 -39.18 -30.52 48.48
C ASN A 758 -40.47 -30.25 47.71
N TYR A 759 -40.37 -29.88 46.44
CA TYR A 759 -41.59 -29.69 45.64
C TYR A 759 -42.17 -31.03 45.20
N ASN A 760 -41.33 -32.02 44.91
CA ASN A 760 -41.81 -33.33 44.52
C ASN A 760 -42.45 -34.08 45.66
N GLU A 761 -42.06 -33.77 46.91
CA GLU A 761 -42.66 -34.40 48.07
C GLU A 761 -44.10 -33.95 48.30
N THR A 762 -44.50 -32.80 47.75
CA THR A 762 -45.86 -32.31 47.92
C THR A 762 -46.75 -32.72 46.75
N VAL A 763 -46.27 -32.45 45.53
CA VAL A 763 -47.03 -32.76 44.33
C VAL A 763 -46.96 -34.26 44.07
N VAL A 764 -47.95 -34.75 43.31
CA VAL A 764 -48.04 -36.17 43.01
C VAL A 764 -47.26 -36.44 41.72
N ALA A 765 -47.07 -37.73 41.40
CA ALA A 765 -46.27 -38.12 40.25
C ALA A 765 -46.48 -37.27 39.00
N ARG A 766 -47.74 -37.06 38.60
CA ARG A 766 -48.01 -36.40 37.33
C ARG A 766 -47.31 -35.04 37.25
N GLU A 767 -47.23 -34.32 38.36
CA GLU A 767 -46.74 -32.94 38.38
C GLU A 767 -45.29 -32.83 38.82
N GLN A 768 -44.57 -33.94 38.97
CA GLN A 768 -43.22 -33.91 39.47
C GLN A 768 -42.23 -33.59 38.35
N ILE A 769 -40.99 -33.29 38.74
CA ILE A 769 -39.93 -32.89 37.82
C ILE A 769 -38.85 -33.97 37.78
N THR A 770 -38.31 -34.21 36.59
CA THR A 770 -37.24 -35.18 36.42
C THR A 770 -35.89 -34.54 36.70
N PRO A 771 -34.91 -35.30 37.21
CA PRO A 771 -33.55 -34.75 37.36
C PRO A 771 -32.88 -34.44 36.03
N THR A 772 -33.48 -34.84 34.91
CA THR A 772 -33.01 -34.43 33.59
C THR A 772 -33.64 -33.13 33.12
N ARG A 773 -34.91 -32.90 33.47
CA ARG A 773 -35.53 -31.63 33.12
C ARG A 773 -34.97 -30.50 33.98
N PHE A 774 -34.68 -30.78 35.25
CA PHE A 774 -34.04 -29.79 36.11
C PHE A 774 -32.60 -29.55 35.68
N GLU A 775 -31.88 -30.62 35.32
CA GLU A 775 -30.50 -30.47 34.87
C GLU A 775 -30.42 -29.64 33.59
N HIS A 776 -31.38 -29.84 32.68
CA HIS A 776 -31.36 -29.09 31.42
C HIS A 776 -31.69 -27.63 31.66
N PHE A 777 -32.75 -27.36 32.43
CA PHE A 777 -33.10 -25.97 32.73
C PHE A 777 -31.91 -25.23 33.31
N TYR A 778 -31.23 -25.84 34.28
CA TYR A 778 -30.17 -25.15 34.98
C TYR A 778 -28.90 -25.08 34.15
N THR A 779 -28.64 -26.08 33.31
CA THR A 779 -27.55 -25.93 32.35
C THR A 779 -27.76 -24.69 31.50
N HIS A 780 -29.01 -24.47 31.06
CA HIS A 780 -29.35 -23.29 30.28
C HIS A 780 -29.37 -22.04 31.17
N ALA A 781 -29.68 -22.19 32.46
CA ALA A 781 -29.58 -21.06 33.37
C ALA A 781 -28.13 -20.66 33.63
N ILE A 782 -27.24 -21.65 33.78
CA ILE A 782 -25.81 -21.37 33.94
C ILE A 782 -25.26 -20.65 32.72
N GLN A 783 -25.55 -21.19 31.52
CA GLN A 783 -25.00 -20.63 30.29
C GLN A 783 -25.44 -19.19 30.09
N ALA A 784 -26.75 -18.92 30.28
CA ALA A 784 -27.25 -17.55 30.12
C ALA A 784 -26.53 -16.60 31.08
N LEU A 785 -26.48 -16.96 32.36
CA LEU A 785 -25.82 -16.10 33.34
C LEU A 785 -24.36 -15.88 32.97
N ARG A 786 -23.66 -16.93 32.56
CA ARG A 786 -22.25 -16.78 32.18
C ARG A 786 -22.10 -15.88 30.98
N PHE A 787 -22.97 -16.06 29.98
CA PHE A 787 -22.96 -15.20 28.80
C PHE A 787 -23.15 -13.74 29.18
N ILE A 788 -24.16 -13.45 29.99
CA ILE A 788 -24.44 -12.07 30.39
C ILE A 788 -23.25 -11.51 31.17
N ILE A 789 -22.82 -12.22 32.21
CA ILE A 789 -21.74 -11.73 33.07
C ILE A 789 -20.47 -11.52 32.25
N ASN A 790 -20.11 -12.51 31.43
CA ASN A 790 -18.88 -12.40 30.65
C ASN A 790 -18.90 -11.18 29.73
N ILE A 791 -20.07 -10.80 29.23
CA ILE A 791 -20.18 -9.59 28.44
C ILE A 791 -19.88 -8.37 29.31
N ARG A 792 -20.72 -8.15 30.33
CA ARG A 792 -20.80 -6.83 30.96
C ARG A 792 -19.68 -6.60 31.97
N SER A 793 -19.28 -7.63 32.70
CA SER A 793 -18.36 -7.44 33.82
C SER A 793 -16.92 -7.78 33.50
N PHE A 794 -16.64 -8.30 32.30
CA PHE A 794 -15.28 -8.74 31.99
C PHE A 794 -14.82 -8.22 30.64
N LYS A 795 -15.40 -8.74 29.56
CA LYS A 795 -14.99 -8.29 28.23
C LYS A 795 -15.16 -6.77 28.10
N THR A 796 -16.29 -6.25 28.56
CA THR A 796 -16.55 -4.81 28.46
C THR A 796 -15.63 -4.02 29.37
N VAL A 797 -15.51 -4.44 30.64
CA VAL A 797 -14.72 -3.69 31.60
C VAL A 797 -13.26 -3.62 31.20
N MET A 798 -12.75 -4.65 30.53
CA MET A 798 -11.34 -4.73 30.18
C MET A 798 -11.03 -4.11 28.81
N MET A 799 -11.78 -3.09 28.42
CA MET A 799 -11.58 -2.43 27.13
C MET A 799 -12.12 -1.01 27.25
N TYR A 800 -11.63 -0.14 26.36
CA TYR A 800 -12.22 1.19 26.24
C TYR A 800 -13.66 1.02 25.78
N ASN A 801 -14.62 1.29 26.67
CA ASN A 801 -16.00 0.88 26.44
C ASN A 801 -17.00 2.03 26.40
N GLU A 802 -16.53 3.27 26.35
CA GLU A 802 -17.45 4.38 26.19
C GLU A 802 -18.13 4.31 24.83
N ASN A 803 -19.42 4.61 24.79
CA ASN A 803 -20.22 4.51 23.57
C ASN A 803 -20.20 3.09 23.02
N THR A 804 -20.40 2.13 23.92
CA THR A 804 -20.52 0.72 23.56
C THR A 804 -21.68 0.14 24.35
N PHE A 805 -22.12 -1.05 23.94
CA PHE A 805 -23.32 -1.64 24.52
C PHE A 805 -23.05 -2.49 25.75
N GLY A 806 -21.83 -2.97 25.93
CA GLY A 806 -21.59 -4.05 26.88
C GLY A 806 -22.01 -3.74 28.30
N GLY A 807 -21.87 -2.49 28.72
CA GLY A 807 -22.06 -2.12 30.11
C GLY A 807 -23.40 -1.53 30.47
N VAL A 808 -24.40 -1.62 29.60
CA VAL A 808 -25.68 -0.98 29.89
C VAL A 808 -26.31 -1.62 31.11
N ASN A 809 -27.05 -0.81 31.87
CA ASN A 809 -27.81 -1.33 33.00
C ASN A 809 -28.91 -2.27 32.50
N LEU A 810 -28.98 -3.45 33.10
CA LEU A 810 -30.05 -4.39 32.84
C LEU A 810 -31.26 -4.16 33.74
N ILE A 811 -31.12 -3.33 34.78
CA ILE A 811 -32.10 -3.19 35.84
C ILE A 811 -32.62 -1.77 35.85
N SER A 812 -33.88 -1.62 36.24
CA SER A 812 -34.47 -0.29 36.39
C SER A 812 -35.67 -0.36 37.32
N GLU A 813 -35.92 0.75 38.01
CA GLU A 813 -37.14 0.93 38.78
C GLU A 813 -38.26 1.54 37.95
N ASN A 814 -38.05 1.69 36.64
CA ASN A 814 -39.04 2.21 35.72
C ASN A 814 -39.30 1.16 34.65
N ARG A 815 -40.54 0.67 34.58
CA ARG A 815 -40.86 -0.40 33.65
C ARG A 815 -40.86 0.08 32.20
N ASP A 816 -40.90 1.38 31.97
CA ASP A 816 -40.73 1.92 30.63
C ASP A 816 -39.26 1.94 30.21
N ASP A 817 -38.35 1.55 31.11
CA ASP A 817 -36.92 1.60 30.86
C ASP A 817 -36.31 0.22 30.62
N LYS A 818 -36.61 -0.76 31.47
CA LYS A 818 -35.98 -2.07 31.39
C LYS A 818 -36.99 -3.16 31.70
N PRO A 819 -36.85 -4.34 31.08
CA PRO A 819 -37.80 -5.42 31.34
C PRO A 819 -37.59 -6.14 32.67
N ILE A 820 -36.45 -5.95 33.34
CA ILE A 820 -36.25 -6.43 34.71
C ILE A 820 -36.55 -5.24 35.61
N ILE A 821 -37.73 -5.25 36.23
CA ILE A 821 -38.23 -4.11 36.99
C ILE A 821 -38.06 -4.40 38.48
N THR A 822 -37.36 -3.51 39.17
CA THR A 822 -37.19 -3.59 40.62
C THR A 822 -37.94 -2.44 41.27
N ALA A 823 -38.63 -2.74 42.37
CA ALA A 823 -39.23 -1.72 43.24
C ALA A 823 -40.02 -0.67 42.45
N GLY A 824 -41.04 -1.14 41.74
CA GLY A 824 -41.92 -0.23 41.07
C GLY A 824 -43.14 -0.92 40.51
N ILE A 825 -43.94 -0.15 39.77
CA ILE A 825 -45.04 -0.73 39.02
C ILE A 825 -44.46 -1.68 37.98
N GLY A 826 -44.92 -2.93 38.01
CA GLY A 826 -44.38 -3.94 37.15
C GLY A 826 -43.17 -4.66 37.68
N MET A 827 -42.87 -4.52 38.97
CA MET A 827 -41.69 -5.17 39.54
C MET A 827 -41.77 -6.67 39.35
N ASN A 828 -40.79 -7.24 38.65
CA ASN A 828 -40.76 -8.66 38.34
C ASN A 828 -39.39 -9.28 38.58
N ALA A 829 -38.54 -8.60 39.34
CA ALA A 829 -37.17 -9.03 39.53
C ALA A 829 -37.04 -9.99 40.72
N VAL A 830 -36.05 -10.87 40.65
CA VAL A 830 -35.82 -11.84 41.70
C VAL A 830 -35.41 -11.15 42.99
N TYR A 831 -35.34 -11.92 44.08
CA TYR A 831 -35.02 -11.36 45.39
C TYR A 831 -33.67 -10.65 45.37
N SER A 832 -32.67 -11.23 44.70
CA SER A 832 -31.33 -10.68 44.74
C SER A 832 -31.23 -9.34 44.02
N LEU A 833 -32.11 -9.07 43.06
CA LEU A 833 -32.08 -7.81 42.33
C LEU A 833 -32.90 -6.73 43.00
N ARG A 834 -33.71 -7.08 44.01
CA ARG A 834 -34.49 -6.11 44.76
C ARG A 834 -33.87 -5.79 46.12
N LYS A 835 -32.74 -6.40 46.46
CA LYS A 835 -32.18 -6.30 47.80
C LYS A 835 -30.69 -5.99 47.72
N THR A 836 -30.12 -5.72 48.89
CA THR A 836 -28.71 -5.43 49.03
C THR A 836 -27.91 -6.72 49.18
N LEU A 837 -26.59 -6.61 48.98
CA LEU A 837 -25.73 -7.79 49.13
C LEU A 837 -25.82 -8.37 50.53
N GLN A 838 -25.86 -7.50 51.55
CA GLN A 838 -25.98 -7.99 52.92
C GLN A 838 -27.24 -8.82 53.09
N ASP A 839 -28.33 -8.41 52.45
CA ASP A 839 -29.57 -9.19 52.53
C ASP A 839 -29.38 -10.57 51.93
N VAL A 840 -28.57 -10.68 50.87
CA VAL A 840 -28.34 -11.97 50.23
C VAL A 840 -27.47 -12.86 51.13
N ILE A 841 -26.38 -12.31 51.64
CA ILE A 841 -25.48 -13.10 52.49
C ILE A 841 -26.23 -13.60 53.72
N SER A 842 -27.04 -12.71 54.34
CA SER A 842 -27.83 -13.13 55.48
C SER A 842 -28.94 -14.08 55.07
N PHE A 843 -29.42 -13.96 53.83
CA PHE A 843 -30.34 -14.96 53.31
C PHE A 843 -29.75 -16.36 53.40
N VAL A 844 -28.44 -16.46 53.18
CA VAL A 844 -27.77 -17.76 53.25
C VAL A 844 -27.45 -18.12 54.69
N GLU A 845 -26.87 -17.19 55.44
CA GLU A 845 -26.29 -17.49 56.73
C GLU A 845 -27.25 -17.30 57.89
N SER A 846 -28.54 -17.13 57.63
CA SER A 846 -29.51 -16.96 58.72
C SER A 846 -30.00 -18.33 59.19
N SER A 847 -30.16 -18.46 60.51
CA SER A 847 -30.75 -19.69 61.06
C SER A 847 -32.25 -19.76 60.78
N TYR A 848 -32.92 -18.61 60.78
CA TYR A 848 -34.38 -18.52 60.64
C TYR A 848 -34.69 -18.55 59.15
N GLN A 849 -34.83 -19.76 58.62
CA GLN A 849 -35.08 -19.92 57.18
C GLN A 849 -36.50 -19.55 56.81
N GLU A 850 -37.45 -19.76 57.73
CA GLU A 850 -38.85 -19.53 57.41
C GLU A 850 -39.11 -18.06 57.08
N GLU A 851 -38.42 -17.14 57.77
CA GLU A 851 -38.63 -15.72 57.51
C GLU A 851 -38.03 -15.31 56.16
N GLN A 852 -36.92 -15.93 55.74
CA GLN A 852 -36.37 -15.64 54.42
C GLN A 852 -37.27 -16.20 53.33
N ILE A 853 -37.77 -17.43 53.51
CA ILE A 853 -38.77 -17.96 52.60
C ILE A 853 -40.01 -17.07 52.59
N ASN A 854 -40.28 -16.40 53.71
CA ASN A 854 -41.40 -15.47 53.76
C ASN A 854 -41.10 -14.22 52.93
N HIS A 855 -39.84 -13.77 52.94
CA HIS A 855 -39.44 -12.69 52.06
C HIS A 855 -39.76 -13.02 50.60
N ILE A 856 -39.41 -14.22 50.16
CA ILE A 856 -39.67 -14.62 48.78
C ILE A 856 -41.16 -14.86 48.52
N ILE B 50 18.55 -32.45 -42.16
CA ILE B 50 19.43 -31.33 -42.46
C ILE B 50 18.62 -30.04 -42.49
N PHE B 51 17.61 -29.98 -43.35
CA PHE B 51 16.71 -28.82 -43.37
C PHE B 51 16.02 -28.65 -42.03
N LEU B 52 15.51 -29.74 -41.47
CA LEU B 52 14.89 -29.67 -40.14
C LEU B 52 15.90 -29.24 -39.09
N PHE B 53 17.14 -29.71 -39.20
CA PHE B 53 18.19 -29.29 -38.27
C PHE B 53 18.38 -27.79 -38.34
N HIS B 54 18.49 -27.25 -39.56
CA HIS B 54 18.59 -25.81 -39.74
C HIS B 54 17.40 -25.08 -39.11
N GLU B 55 16.19 -25.62 -39.29
CA GLU B 55 15.00 -24.92 -38.86
C GLU B 55 14.70 -25.07 -37.36
N THR B 56 15.31 -26.04 -36.70
CA THR B 56 15.07 -26.27 -35.27
C THR B 56 16.33 -25.96 -34.46
N VAL B 57 17.41 -26.72 -34.63
CA VAL B 57 18.57 -26.58 -33.77
C VAL B 57 19.22 -25.21 -33.98
N ILE B 58 19.54 -24.88 -35.24
CA ILE B 58 20.25 -23.64 -35.52
C ILE B 58 19.38 -22.43 -35.22
N THR B 59 18.10 -22.50 -35.59
CA THR B 59 17.20 -21.38 -35.31
C THR B 59 17.09 -21.15 -33.81
N GLY B 60 16.88 -22.22 -33.04
CA GLY B 60 16.76 -22.07 -31.59
C GLY B 60 18.05 -21.56 -30.96
N LEU B 61 19.20 -22.03 -31.45
CA LEU B 61 20.46 -21.58 -30.92
C LEU B 61 20.68 -20.10 -31.23
N ASN B 62 20.30 -19.66 -32.43
CA ASN B 62 20.43 -18.25 -32.77
C ASN B 62 19.52 -17.39 -31.90
N LEU B 63 18.28 -17.84 -31.67
CA LEU B 63 17.37 -17.08 -30.84
C LEU B 63 17.86 -17.01 -29.39
N LEU B 64 18.30 -18.15 -28.85
CA LEU B 64 18.84 -18.15 -27.50
C LEU B 64 20.08 -17.26 -27.40
N SER B 65 20.92 -17.27 -28.43
CA SER B 65 22.12 -16.45 -28.42
C SER B 65 21.76 -14.97 -28.45
N ALA B 66 20.76 -14.60 -29.24
CA ALA B 66 20.31 -13.21 -29.25
C ALA B 66 19.77 -12.81 -27.88
N ILE B 67 19.00 -13.69 -27.26
CA ILE B 67 18.53 -13.41 -25.90
C ILE B 67 19.73 -13.21 -24.98
N TYR B 68 20.74 -14.07 -25.08
CA TYR B 68 21.90 -13.88 -24.21
C TYR B 68 22.55 -12.53 -24.44
N VAL B 69 22.75 -12.16 -25.72
CA VAL B 69 23.44 -10.91 -26.03
C VAL B 69 22.72 -9.74 -25.37
N LEU B 70 21.41 -9.67 -25.53
CA LEU B 70 20.64 -8.57 -24.94
C LEU B 70 20.74 -8.58 -23.42
N LEU B 71 20.63 -9.75 -22.80
CA LEU B 71 20.69 -9.83 -21.35
C LEU B 71 22.08 -9.47 -20.83
N ASN B 72 23.13 -9.93 -21.52
CA ASN B 72 24.49 -9.64 -21.09
C ASN B 72 24.80 -8.15 -21.23
N ASN B 73 24.37 -7.53 -22.32
CA ASN B 73 24.57 -6.09 -22.48
C ASN B 73 23.76 -5.31 -21.46
N PHE B 74 22.54 -5.76 -21.18
CA PHE B 74 21.74 -5.14 -20.12
C PHE B 74 22.48 -5.20 -18.79
N ARG B 75 23.04 -6.37 -18.46
CA ARG B 75 23.78 -6.51 -17.21
C ARG B 75 24.95 -5.55 -17.15
N ASN B 76 25.70 -5.44 -18.25
CA ASN B 76 26.87 -4.55 -18.25
C ASN B 76 26.46 -3.10 -18.12
N ASN B 77 25.36 -2.69 -18.77
CA ASN B 77 24.89 -1.33 -18.64
C ASN B 77 24.45 -1.03 -17.22
N ILE B 78 23.65 -1.92 -16.63
CA ILE B 78 23.18 -1.70 -15.26
C ILE B 78 24.35 -1.66 -14.29
N LYS B 79 25.35 -2.52 -14.50
CA LYS B 79 26.55 -2.45 -13.68
C LYS B 79 27.24 -1.10 -13.83
N GLY B 80 27.23 -0.54 -15.03
CA GLY B 80 27.79 0.79 -15.25
C GLY B 80 27.05 1.89 -14.53
N LEU B 81 25.79 1.68 -14.19
CA LEU B 81 24.98 2.68 -13.51
C LEU B 81 24.78 2.34 -12.04
N ASP B 82 25.69 1.56 -11.48
CA ASP B 82 25.57 1.06 -10.10
C ASP B 82 25.93 2.20 -9.14
N LEU B 83 24.90 2.86 -8.61
CA LEU B 83 25.16 4.05 -7.80
C LEU B 83 25.72 3.68 -6.43
N ASP B 84 25.31 2.55 -5.86
CA ASP B 84 25.88 2.11 -4.59
C ASP B 84 27.40 2.01 -4.69
N THR B 85 27.89 1.35 -5.75
CA THR B 85 29.33 1.22 -5.93
C THR B 85 29.98 2.58 -6.19
N ILE B 86 29.35 3.40 -7.03
CA ILE B 86 29.92 4.71 -7.34
C ILE B 86 30.08 5.54 -6.07
N GLN B 87 29.03 5.57 -5.25
CA GLN B 87 29.08 6.37 -4.02
C GLN B 87 30.11 5.84 -3.05
N LYS B 88 30.10 4.53 -2.80
CA LYS B 88 31.07 3.93 -1.89
C LYS B 88 32.50 4.12 -2.41
N SER B 89 32.67 4.07 -3.74
CA SER B 89 34.00 4.27 -4.30
C SER B 89 34.46 5.72 -4.12
N ILE B 90 33.53 6.68 -4.27
CA ILE B 90 33.88 8.08 -4.04
C ILE B 90 34.30 8.30 -2.60
N ILE B 91 33.57 7.70 -1.66
CA ILE B 91 33.92 7.85 -0.25
C ILE B 91 35.27 7.22 0.04
N GLU B 92 35.51 6.03 -0.51
CA GLU B 92 36.82 5.41 -0.34
C GLU B 92 37.91 6.28 -0.94
N TRP B 93 37.65 6.86 -2.11
CA TRP B 93 38.63 7.76 -2.73
C TRP B 93 38.97 8.91 -1.79
N LEU B 94 37.97 9.53 -1.18
CA LEU B 94 38.23 10.61 -0.24
C LEU B 94 38.95 10.11 1.00
N ARG B 95 38.74 8.84 1.38
CA ARG B 95 39.42 8.30 2.54
C ARG B 95 40.89 8.02 2.27
N GLU B 96 41.24 7.70 1.03
CA GLU B 96 42.56 7.18 0.70
C GLU B 96 43.38 8.12 -0.18
N THR B 97 42.96 9.37 -0.35
CA THR B 97 43.61 10.28 -1.27
C THR B 97 44.28 11.42 -0.51
N GLN B 98 45.44 11.85 -1.00
CA GLN B 98 46.14 13.00 -0.46
C GLN B 98 45.47 14.29 -0.90
N ALA B 99 45.67 15.34 -0.11
CA ALA B 99 44.99 16.61 -0.37
C ALA B 99 45.38 17.18 -1.72
N ALA B 100 46.63 16.98 -2.15
CA ALA B 100 47.07 17.54 -3.42
C ALA B 100 46.38 16.90 -4.62
N ASN B 101 45.91 15.66 -4.46
CA ASN B 101 45.33 14.92 -5.57
C ASN B 101 43.80 15.01 -5.62
N VAL B 102 43.22 16.00 -4.94
CA VAL B 102 41.76 16.18 -4.98
C VAL B 102 41.43 16.95 -6.24
N ASN B 103 41.04 16.24 -7.29
CA ASN B 103 40.59 16.84 -8.54
C ASN B 103 39.79 15.80 -9.30
N ARG B 104 38.99 16.26 -10.26
CA ARG B 104 38.14 15.33 -11.00
C ARG B 104 38.97 14.27 -11.70
N ALA B 105 40.14 14.66 -12.22
CA ALA B 105 40.99 13.70 -12.92
C ALA B 105 41.36 12.53 -12.01
N ASN B 106 41.76 12.83 -10.78
CA ASN B 106 42.14 11.77 -9.85
C ASN B 106 40.96 10.83 -9.57
N LEU B 107 39.77 11.39 -9.38
CA LEU B 107 38.61 10.56 -9.11
C LEU B 107 38.26 9.69 -10.31
N ILE B 108 38.36 10.25 -11.52
CA ILE B 108 38.09 9.46 -12.71
C ILE B 108 39.05 8.29 -12.80
N ASP B 109 40.33 8.54 -12.51
CA ASP B 109 41.30 7.44 -12.46
C ASP B 109 40.91 6.43 -11.39
N TRP B 110 40.44 6.91 -10.23
CA TRP B 110 40.07 6.01 -9.14
C TRP B 110 38.91 5.11 -9.54
N LEU B 111 37.81 5.71 -9.99
CA LEU B 111 36.62 4.91 -10.32
C LEU B 111 36.91 3.89 -11.42
N GLY B 112 37.90 4.16 -12.26
CA GLY B 112 38.29 3.21 -13.26
C GLY B 112 39.02 1.99 -12.73
N ARG B 113 39.18 1.88 -11.41
CA ARG B 113 39.92 0.79 -10.81
C ARG B 113 39.07 0.04 -9.79
N LYS B 114 39.50 -1.19 -9.50
CA LYS B 114 38.96 -2.03 -8.46
C LYS B 114 39.68 -1.76 -7.16
N HIS B 115 38.90 -1.66 -6.07
CA HIS B 115 39.44 -1.40 -4.74
C HIS B 115 38.80 -2.40 -3.77
N GLY B 116 39.43 -3.56 -3.64
CA GLY B 116 38.86 -4.59 -2.78
C GLY B 116 37.54 -5.06 -3.32
N ALA B 117 36.54 -5.14 -2.43
CA ALA B 117 35.20 -5.57 -2.84
C ALA B 117 34.50 -4.52 -3.70
N ILE B 118 35.01 -3.30 -3.76
CA ILE B 118 34.38 -2.24 -4.53
C ILE B 118 34.77 -2.41 -6.00
N SER B 119 33.77 -2.55 -6.86
CA SER B 119 34.01 -2.81 -8.27
C SER B 119 34.36 -1.53 -9.01
N GLU B 120 35.21 -1.68 -10.03
CA GLU B 120 35.43 -0.60 -10.97
C GLU B 120 34.12 -0.24 -11.68
N ILE B 121 34.09 0.97 -12.25
CA ILE B 121 32.95 1.44 -13.03
C ILE B 121 33.37 1.53 -14.48
N ARG B 122 32.51 1.04 -15.38
CA ARG B 122 32.87 0.91 -16.79
C ARG B 122 33.26 2.26 -17.38
N ASN B 123 32.49 3.31 -17.11
CA ASN B 123 32.67 4.61 -17.73
C ASN B 123 32.60 5.68 -16.65
N PRO B 124 33.73 5.97 -15.99
CA PRO B 124 33.68 6.94 -14.88
C PRO B 124 33.19 8.31 -15.30
N GLY B 125 33.66 8.83 -16.44
CA GLY B 125 33.29 10.17 -16.84
C GLY B 125 31.83 10.35 -17.18
N LEU B 126 31.13 9.26 -17.48
CA LEU B 126 29.71 9.34 -17.80
C LEU B 126 28.86 9.53 -16.55
N VAL B 127 29.35 9.11 -15.39
CA VAL B 127 28.57 9.13 -14.16
C VAL B 127 29.05 10.18 -13.17
N ILE B 128 30.10 10.92 -13.49
CA ILE B 128 30.57 12.02 -12.66
C ILE B 128 30.30 13.33 -13.40
N LYS B 129 29.82 14.33 -12.67
CA LYS B 129 29.46 15.59 -13.30
C LYS B 129 30.66 16.20 -14.02
N GLU B 130 30.40 16.72 -15.22
CA GLU B 130 31.45 17.40 -15.97
C GLU B 130 32.07 18.52 -15.12
N ILE B 131 33.33 18.82 -15.40
CA ILE B 131 34.09 19.69 -14.51
C ILE B 131 33.43 21.05 -14.38
N ASN B 132 32.83 21.55 -15.46
CA ASN B 132 32.26 22.90 -15.47
C ASN B 132 30.73 22.90 -15.44
N MET B 133 30.11 21.83 -14.97
CA MET B 133 28.65 21.84 -14.86
C MET B 133 28.21 22.92 -13.87
N ARG B 134 27.55 23.96 -14.37
CA ARG B 134 27.01 24.98 -13.48
C ARG B 134 25.97 24.35 -12.56
N LEU B 135 26.24 24.42 -11.25
CA LEU B 135 25.46 23.62 -10.31
C LEU B 135 24.01 24.08 -10.23
N SER B 136 23.73 25.34 -10.54
CA SER B 136 22.34 25.78 -10.55
C SER B 136 21.53 25.11 -11.65
N MET B 137 22.19 24.45 -12.61
CA MET B 137 21.48 23.72 -13.66
C MET B 137 20.79 22.48 -13.12
N VAL B 138 21.19 21.98 -11.94
CA VAL B 138 20.72 20.71 -11.42
C VAL B 138 19.91 20.90 -10.15
N TYR B 139 20.44 21.64 -9.18
CA TYR B 139 19.78 21.79 -7.89
C TYR B 139 18.95 23.06 -7.90
N PRO B 140 17.62 22.99 -7.75
CA PRO B 140 16.80 24.18 -7.92
C PRO B 140 17.02 25.20 -6.81
N ASP B 141 16.51 26.41 -7.04
CA ASP B 141 16.66 27.55 -6.09
C ASP B 141 15.86 27.29 -4.81
N THR B 144 18.48 25.53 -2.79
CA THR B 144 19.88 25.04 -2.73
C THR B 144 20.76 26.04 -3.45
N GLU B 145 20.20 26.85 -4.37
CA GLU B 145 20.98 27.90 -5.00
C GLU B 145 20.22 29.19 -5.20
N ALA B 146 20.99 30.21 -5.62
CA ALA B 146 20.49 31.52 -6.06
C ALA B 146 21.12 31.77 -7.43
N ALA B 147 20.42 31.40 -8.50
CA ALA B 147 20.94 31.54 -9.85
C ALA B 147 20.92 32.97 -10.36
N ALA B 148 20.35 33.91 -9.60
CA ALA B 148 20.16 35.27 -10.07
C ALA B 148 21.43 36.11 -10.06
N ALA B 149 22.57 35.56 -9.66
CA ALA B 149 23.79 36.33 -9.52
C ALA B 149 24.81 35.94 -10.57
N ALA B 150 25.81 36.81 -10.75
CA ALA B 150 27.00 36.50 -11.52
C ALA B 150 28.07 35.81 -10.67
N GLN B 151 27.71 35.38 -9.47
CA GLN B 151 28.56 34.56 -8.62
C GLN B 151 28.20 33.09 -8.68
N ASP B 152 26.90 32.79 -8.88
CA ASP B 152 26.48 31.44 -9.21
C ASP B 152 27.16 30.94 -10.47
N ARG B 153 27.73 31.85 -11.28
CA ARG B 153 28.47 31.44 -12.46
C ARG B 153 29.80 30.78 -12.10
N ASN B 154 30.43 31.23 -11.01
CA ASN B 154 31.67 30.63 -10.55
C ASN B 154 31.45 29.38 -9.71
N LEU B 155 30.24 28.86 -9.69
CA LEU B 155 29.88 27.72 -8.86
C LEU B 155 29.64 26.52 -9.76
N THR B 156 30.63 25.65 -9.86
CA THR B 156 30.57 24.47 -10.71
C THR B 156 31.03 23.27 -9.89
N THR B 157 31.02 22.10 -10.52
CA THR B 157 31.56 20.91 -9.87
C THR B 157 32.98 21.16 -9.38
N GLU B 158 33.73 21.98 -10.11
CA GLU B 158 35.07 22.38 -9.68
C GLU B 158 35.04 22.95 -8.27
N THR B 159 34.04 23.80 -7.97
CA THR B 159 33.93 24.35 -6.62
C THR B 159 33.75 23.24 -5.59
N LEU B 160 32.98 22.22 -5.93
CA LEU B 160 32.77 21.12 -4.99
C LEU B 160 34.06 20.36 -4.74
N PHE B 161 34.83 20.08 -5.80
CA PHE B 161 36.12 19.42 -5.61
C PHE B 161 37.04 20.26 -4.75
N ALA B 162 36.97 21.58 -4.88
CA ALA B 162 37.77 22.46 -4.02
C ALA B 162 37.22 22.49 -2.59
N TRP B 163 35.92 22.27 -2.42
CA TRP B 163 35.31 22.32 -1.10
C TRP B 163 35.62 21.08 -0.27
N ILE B 164 35.81 19.93 -0.91
CA ILE B 164 36.00 18.66 -0.19
C ILE B 164 37.45 18.41 0.15
N VAL B 165 38.37 19.28 -0.27
CA VAL B 165 39.79 19.08 0.00
C VAL B 165 40.06 18.89 1.49
N PRO B 166 39.47 19.70 2.40
CA PRO B 166 39.81 19.57 3.82
C PRO B 166 39.27 18.31 4.48
N TYR B 167 38.35 17.60 3.84
CA TYR B 167 37.69 16.45 4.44
C TYR B 167 38.15 15.13 3.79
N VAL B 168 39.39 15.10 3.30
CA VAL B 168 40.04 13.83 3.00
C VAL B 168 40.56 13.23 4.28
N GLY B 169 40.74 11.92 4.25
CA GLY B 169 41.23 11.18 5.40
C GLY B 169 40.11 10.53 6.19
N ILE B 170 40.53 9.68 7.12
CA ILE B 170 39.63 8.86 7.93
C ILE B 170 39.61 9.44 9.34
N PRO B 171 38.45 9.75 9.91
CA PRO B 171 38.41 10.16 11.32
C PRO B 171 38.82 9.01 12.24
N ALA B 172 39.16 9.38 13.48
CA ALA B 172 39.67 8.40 14.44
C ALA B 172 38.67 7.27 14.66
N GLY B 173 37.37 7.56 14.59
CA GLY B 173 36.38 6.52 14.78
C GLY B 173 36.33 5.51 13.66
N GLY B 174 36.84 5.85 12.48
CA GLY B 174 36.80 4.99 11.34
C GLY B 174 35.56 5.11 10.48
N GLY B 175 34.56 5.86 10.94
CA GLY B 175 33.35 6.04 10.17
C GLY B 175 33.50 7.09 9.08
N VAL B 176 32.53 7.09 8.17
CA VAL B 176 32.55 8.03 7.06
C VAL B 176 32.24 9.43 7.59
N ARG B 177 32.95 10.42 7.07
CA ARG B 177 32.66 11.80 7.42
C ARG B 177 31.34 12.25 6.79
N PRO B 178 30.60 13.13 7.44
CA PRO B 178 29.40 13.71 6.78
C PRO B 178 29.75 14.39 5.47
N GLU B 179 30.90 15.07 5.41
CA GLU B 179 31.28 15.78 4.18
C GLU B 179 31.63 14.85 3.03
N GLN B 180 32.31 13.74 3.32
CA GLN B 180 32.54 12.76 2.29
C GLN B 180 31.24 12.18 1.81
N GLU B 181 30.23 12.02 2.66
CA GLU B 181 28.90 11.45 2.29
C GLU B 181 28.12 12.49 1.48
N LEU B 182 28.32 13.76 1.75
CA LEU B 182 27.75 14.84 0.95
C LEU B 182 28.47 14.83 -0.40
N ALA B 183 29.78 14.57 -0.43
CA ALA B 183 30.50 14.61 -1.71
C ALA B 183 30.04 13.47 -2.62
N ALA B 184 29.77 12.30 -2.03
CA ALA B 184 29.23 11.20 -2.80
C ALA B 184 27.92 11.57 -3.47
N ARG B 185 27.10 12.40 -2.82
CA ARG B 185 25.85 12.83 -3.42
C ARG B 185 26.10 13.87 -4.51
N TYR B 186 26.82 14.94 -4.19
CA TYR B 186 26.86 16.12 -5.03
C TYR B 186 27.82 16.00 -6.20
N LEU B 187 28.75 15.05 -6.17
CA LEU B 187 29.71 14.92 -7.27
C LEU B 187 29.20 14.02 -8.39
N VAL B 188 28.16 13.24 -8.14
CA VAL B 188 27.68 12.25 -9.09
C VAL B 188 26.65 12.88 -10.02
N ASP B 189 26.74 12.57 -11.31
CA ASP B 189 25.72 13.00 -12.28
C ASP B 189 24.49 12.12 -12.05
N ASN B 190 23.76 12.43 -10.99
CA ASN B 190 22.61 11.61 -10.62
C ASN B 190 21.53 11.66 -11.70
N GLN B 191 21.35 12.81 -12.33
CA GLN B 191 20.32 12.94 -13.35
C GLN B 191 20.64 12.06 -14.55
N ARG B 192 21.90 12.03 -14.97
CA ARG B 192 22.27 11.16 -16.07
C ARG B 192 22.06 9.69 -15.71
N ILE B 193 22.40 9.31 -14.48
CA ILE B 193 22.19 7.92 -14.07
C ILE B 193 20.71 7.58 -14.16
N MET B 194 19.85 8.45 -13.63
CA MET B 194 18.42 8.22 -13.72
C MET B 194 17.95 8.11 -15.17
N GLN B 195 18.48 8.98 -16.04
CA GLN B 195 18.07 8.96 -17.44
C GLN B 195 18.40 7.63 -18.09
N LEU B 196 19.65 7.18 -17.94
CA LEU B 196 20.07 5.94 -18.59
C LEU B 196 19.41 4.73 -17.94
N LEU B 197 19.20 4.76 -16.62
CA LEU B 197 18.52 3.66 -15.95
C LEU B 197 17.09 3.52 -16.43
N LEU B 198 16.36 4.63 -16.46
CA LEU B 198 14.98 4.60 -16.94
C LEU B 198 14.93 4.10 -18.38
N THR B 199 15.80 4.62 -19.24
CA THR B 199 15.75 4.21 -20.64
C THR B 199 16.02 2.72 -20.79
N ASN B 200 17.01 2.20 -20.06
CA ASN B 200 17.32 0.77 -20.16
C ASN B 200 16.15 -0.08 -19.70
N ILE B 201 15.53 0.30 -18.57
CA ILE B 201 14.35 -0.42 -18.10
C ILE B 201 13.25 -0.36 -19.16
N PHE B 202 13.03 0.81 -19.73
CA PHE B 202 11.97 0.98 -20.73
C PHE B 202 12.27 0.19 -21.99
N GLU B 203 13.55 0.00 -22.32
CA GLU B 203 13.88 -0.85 -23.45
C GLU B 203 13.59 -2.32 -23.15
N MET B 204 13.82 -2.74 -21.90
CA MET B 204 13.68 -4.15 -21.56
C MET B 204 12.24 -4.52 -21.22
N THR B 205 11.49 -3.61 -20.62
CA THR B 205 10.16 -3.94 -20.12
C THR B 205 9.33 -4.59 -21.22
N SER B 206 8.76 -5.77 -20.90
CA SER B 206 8.07 -6.60 -21.88
C SER B 206 6.84 -7.23 -21.23
N SER B 207 5.82 -6.39 -20.99
CA SER B 207 4.57 -6.91 -20.42
C SER B 207 3.93 -7.94 -21.33
N PHE B 208 4.08 -7.79 -22.65
CA PHE B 208 3.53 -8.77 -23.58
C PHE B 208 4.14 -10.13 -23.31
N ASN B 209 3.28 -11.15 -23.25
CA ASN B 209 3.66 -12.52 -22.88
C ASN B 209 4.17 -12.61 -21.45
N LYS B 210 4.00 -11.56 -20.66
CA LYS B 210 4.46 -11.53 -19.28
C LYS B 210 5.94 -11.92 -19.18
N MET B 211 6.73 -11.45 -20.15
CA MET B 211 8.14 -11.80 -20.20
C MET B 211 8.94 -11.05 -19.13
N VAL B 212 8.99 -9.73 -19.22
CA VAL B 212 9.68 -8.88 -18.25
C VAL B 212 8.68 -7.83 -17.81
N GLN B 213 8.23 -7.93 -16.56
CA GLN B 213 7.17 -7.07 -16.02
C GLN B 213 7.73 -6.19 -14.91
N VAL B 214 7.63 -4.88 -15.11
CA VAL B 214 8.06 -3.91 -14.11
C VAL B 214 6.95 -3.72 -13.07
N ARG B 215 7.31 -3.81 -11.80
CA ARG B 215 6.36 -3.84 -10.70
C ARG B 215 6.95 -3.04 -9.55
N PHE B 216 6.09 -2.28 -8.87
CA PHE B 216 6.51 -1.26 -7.89
C PHE B 216 5.98 -1.72 -6.54
N PRO B 217 6.78 -2.48 -5.77
CA PRO B 217 6.34 -2.86 -4.42
C PRO B 217 6.66 -1.77 -3.42
N GLU B 218 5.72 -0.87 -3.15
CA GLU B 218 6.00 0.40 -2.49
C GLU B 218 6.27 0.17 -1.01
N THR B 219 7.49 -0.28 -0.71
CA THR B 219 7.94 -0.50 0.65
C THR B 219 8.91 0.60 1.07
N SER B 220 9.67 0.35 2.14
CA SER B 220 10.61 1.35 2.64
C SER B 220 11.59 1.80 1.56
N THR B 221 12.35 0.86 1.01
CA THR B 221 13.02 1.09 -0.27
C THR B 221 12.09 1.77 -1.29
N ALA B 222 12.65 2.74 -2.02
CA ALA B 222 12.04 3.21 -3.27
C ALA B 222 12.12 2.04 -4.26
N GLN B 223 11.02 1.36 -4.47
CA GLN B 223 11.09 0.07 -5.19
C GLN B 223 10.74 0.00 -6.65
N VAL B 224 11.68 -0.56 -7.43
CA VAL B 224 11.46 -0.95 -8.83
C VAL B 224 11.96 -2.39 -8.88
N HIS B 225 11.11 -3.35 -9.25
CA HIS B 225 11.54 -4.72 -9.50
C HIS B 225 11.19 -5.10 -10.93
N LEU B 226 12.11 -5.80 -11.59
CA LEU B 226 11.89 -6.36 -12.92
C LEU B 226 11.66 -7.86 -12.78
N ASP B 227 10.41 -8.29 -12.96
CA ASP B 227 10.08 -9.71 -12.89
C ASP B 227 10.42 -10.36 -14.22
N PHE B 228 11.43 -11.24 -14.21
CA PHE B 228 11.89 -11.92 -15.41
C PHE B 228 11.31 -13.31 -15.55
N THR B 229 10.33 -13.67 -14.71
CA THR B 229 9.81 -15.04 -14.68
C THR B 229 9.46 -15.54 -16.07
N GLY B 230 8.81 -14.71 -16.87
CA GLY B 230 8.42 -15.15 -18.21
C GLY B 230 9.61 -15.44 -19.10
N LEU B 231 10.57 -14.52 -19.14
CA LEU B 231 11.75 -14.72 -19.98
C LEU B 231 12.53 -15.96 -19.55
N ILE B 232 12.62 -16.21 -18.26
CA ILE B 232 13.37 -17.37 -17.77
C ILE B 232 12.66 -18.66 -18.17
N SER B 233 11.34 -18.71 -17.98
CA SER B 233 10.60 -19.90 -18.39
C SER B 233 10.72 -20.13 -19.89
N LEU B 234 10.74 -19.05 -20.67
CA LEU B 234 10.92 -19.19 -22.11
C LEU B 234 12.32 -19.71 -22.45
N ILE B 235 13.34 -19.23 -21.73
CA ILE B 235 14.70 -19.70 -22.00
C ILE B 235 14.81 -21.17 -21.69
N ASP B 236 14.29 -21.60 -20.53
CA ASP B 236 14.25 -23.01 -20.21
C ASP B 236 13.50 -23.79 -21.29
N SER B 237 12.37 -23.26 -21.74
CA SER B 237 11.57 -23.97 -22.75
C SER B 237 12.35 -24.13 -24.05
N LEU B 238 12.96 -23.05 -24.54
CA LEU B 238 13.66 -23.11 -25.82
C LEU B 238 14.94 -23.94 -25.73
N MET B 239 15.64 -23.88 -24.59
CA MET B 239 16.77 -24.78 -24.39
C MET B 239 16.33 -26.24 -24.46
N ALA B 240 15.20 -26.55 -23.80
CA ALA B 240 14.69 -27.92 -23.84
C ALA B 240 14.29 -28.32 -25.25
N ASP B 241 13.62 -27.42 -25.98
CA ASP B 241 13.23 -27.74 -27.35
C ASP B 241 14.46 -27.94 -28.23
N THR B 242 15.46 -27.07 -28.09
CA THR B 242 16.69 -27.22 -28.87
C THR B 242 17.37 -28.54 -28.57
N LYS B 243 17.47 -28.89 -27.29
CA LYS B 243 18.07 -30.17 -26.92
C LYS B 243 17.24 -31.34 -27.44
N TYR B 244 15.91 -31.22 -27.38
CA TYR B 244 15.07 -32.30 -27.86
C TYR B 244 15.36 -32.61 -29.32
N PHE B 245 15.39 -31.57 -30.16
CA PHE B 245 15.66 -31.77 -31.57
C PHE B 245 17.10 -32.19 -31.83
N LEU B 246 18.04 -31.76 -30.98
CA LEU B 246 19.39 -32.28 -31.05
C LEU B 246 19.41 -33.79 -30.83
N ASP B 247 18.74 -34.25 -29.77
CA ASP B 247 18.71 -35.68 -29.48
C ASP B 247 18.02 -36.45 -30.60
N LEU B 248 16.92 -35.92 -31.11
CA LEU B 248 16.16 -36.63 -32.15
C LEU B 248 16.94 -36.72 -33.44
N LEU B 249 17.66 -35.68 -33.80
CA LEU B 249 18.33 -35.61 -35.10
C LEU B 249 19.78 -36.07 -35.06
N ARG B 250 20.31 -36.40 -33.89
CA ARG B 250 21.70 -36.85 -33.82
C ARG B 250 21.99 -38.07 -34.68
N PRO B 251 21.14 -39.10 -34.70
CA PRO B 251 21.50 -40.32 -35.46
C PRO B 251 21.63 -40.09 -36.97
N HIS B 252 20.99 -39.07 -37.52
CA HIS B 252 20.96 -38.89 -38.97
C HIS B 252 21.84 -37.75 -39.47
N ILE B 253 22.52 -37.04 -38.58
CA ILE B 253 23.41 -35.95 -38.97
C ILE B 253 24.82 -36.30 -38.55
N ASP B 254 25.79 -35.86 -39.34
CA ASP B 254 27.18 -36.17 -39.05
C ASP B 254 27.55 -35.74 -37.64
N LYS B 255 28.32 -36.59 -36.96
CA LYS B 255 28.78 -36.28 -35.61
C LYS B 255 29.52 -34.95 -35.56
N ASN B 256 30.24 -34.61 -36.63
CA ASN B 256 31.01 -33.37 -36.63
C ASN B 256 30.08 -32.15 -36.59
N ILE B 257 29.00 -32.17 -37.37
CA ILE B 257 28.07 -31.04 -37.34
C ILE B 257 27.45 -30.91 -35.96
N ILE B 258 27.03 -32.04 -35.38
CA ILE B 258 26.37 -31.99 -34.08
C ILE B 258 27.32 -31.44 -33.03
N GLN B 259 28.56 -31.93 -33.02
CA GLN B 259 29.57 -31.41 -32.10
C GLN B 259 29.84 -29.94 -32.36
N TYR B 260 29.74 -29.52 -33.63
CA TYR B 260 29.95 -28.12 -33.98
C TYR B 260 28.88 -27.22 -33.40
N TYR B 261 27.66 -27.74 -33.25
CA TYR B 261 26.55 -26.98 -32.69
C TYR B 261 26.26 -27.33 -31.24
N GLU B 262 27.09 -28.16 -30.63
CA GLU B 262 26.93 -28.53 -29.23
C GLU B 262 28.15 -28.22 -28.36
N ASN B 263 29.36 -28.32 -28.91
CA ASN B 263 30.56 -28.22 -28.09
C ASN B 263 30.61 -26.90 -27.33
N ARG B 264 30.88 -26.99 -26.02
CA ARG B 264 30.83 -25.80 -25.17
C ARG B 264 31.86 -24.76 -25.58
N SER B 265 32.96 -25.19 -26.22
CA SER B 265 33.99 -24.24 -26.64
C SER B 265 33.56 -23.42 -27.86
N ASN B 266 32.57 -23.89 -28.61
CA ASN B 266 32.08 -23.15 -29.78
C ASN B 266 31.03 -22.14 -29.35
N PRO B 267 31.28 -20.84 -29.50
CA PRO B 267 30.29 -19.85 -29.05
C PRO B 267 28.97 -20.03 -29.80
N GLY B 268 27.86 -19.87 -29.06
CA GLY B 268 26.55 -20.05 -29.62
C GLY B 268 26.05 -21.46 -29.66
N SER B 269 26.84 -22.44 -29.24
CA SER B 269 26.44 -23.87 -29.19
C SER B 269 25.50 -24.07 -28.00
N PHE B 270 24.89 -25.22 -27.87
CA PHE B 270 23.96 -25.53 -26.79
C PHE B 270 24.64 -25.45 -25.43
N TYR B 271 25.81 -26.08 -25.30
CA TYR B 271 26.49 -26.11 -24.02
C TYR B 271 27.22 -24.81 -23.72
N TRP B 272 27.69 -24.10 -24.75
CA TRP B 272 28.18 -22.75 -24.51
C TRP B 272 27.09 -21.88 -23.90
N LEU B 273 25.87 -21.98 -24.43
CA LEU B 273 24.75 -21.24 -23.86
C LEU B 273 24.42 -21.74 -22.46
N GLU B 274 24.46 -23.06 -22.25
CA GLU B 274 24.20 -23.58 -20.92
C GLU B 274 25.20 -23.05 -19.89
N GLU B 275 26.42 -22.72 -20.35
CA GLU B 275 27.40 -22.12 -19.44
C GLU B 275 27.13 -20.63 -19.25
N HIS B 276 27.14 -19.87 -20.34
CA HIS B 276 27.13 -18.42 -20.22
C HIS B 276 25.72 -17.86 -20.00
N LEU B 277 24.72 -18.43 -20.67
CA LEU B 277 23.38 -17.89 -20.55
C LEU B 277 22.69 -18.39 -19.28
N ILE B 278 22.89 -19.65 -18.92
CA ILE B 278 22.18 -20.24 -17.80
C ILE B 278 23.03 -20.20 -16.54
N ASP B 279 24.18 -20.86 -16.58
CA ASP B 279 24.99 -20.99 -15.37
C ASP B 279 25.52 -19.65 -14.89
N LYS B 280 25.82 -18.73 -15.80
CA LYS B 280 26.49 -17.49 -15.43
C LYS B 280 25.60 -16.26 -15.56
N LEU B 281 24.31 -16.43 -15.88
CA LEU B 281 23.41 -15.29 -15.97
C LEU B 281 22.06 -15.60 -15.35
N ILE B 282 21.31 -16.52 -15.95
CA ILE B 282 19.94 -16.78 -15.48
C ILE B 282 19.97 -17.47 -14.12
N LYS B 283 20.73 -18.55 -14.00
CA LYS B 283 20.85 -19.31 -12.76
C LYS B 283 22.34 -19.35 -12.41
N PRO B 284 22.82 -18.41 -11.59
CA PRO B 284 24.13 -18.55 -10.94
C PRO B 284 24.18 -19.81 -10.06
N GLU B 297 29.34 -15.26 -10.94
CA GLU B 297 29.12 -14.08 -11.78
C GLU B 297 27.81 -13.39 -11.39
N LEU B 298 27.67 -12.14 -11.79
CA LEU B 298 26.48 -11.36 -11.47
C LEU B 298 25.28 -11.92 -12.23
N GLY B 299 24.32 -12.48 -11.50
CA GLY B 299 23.13 -13.03 -12.10
C GLY B 299 22.10 -11.97 -12.42
N LEU B 300 21.00 -12.42 -13.02
CA LEU B 300 19.90 -11.52 -13.32
C LEU B 300 19.27 -10.97 -12.05
N GLU B 301 19.20 -11.79 -10.99
CA GLU B 301 18.67 -11.29 -9.73
C GLU B 301 19.60 -10.26 -9.12
N GLY B 302 20.91 -10.43 -9.28
CA GLY B 302 21.84 -9.38 -8.88
C GLY B 302 21.65 -8.11 -9.69
N VAL B 303 21.35 -8.25 -10.98
CA VAL B 303 21.03 -7.09 -11.79
C VAL B 303 19.80 -6.39 -11.23
N ASN B 304 18.77 -7.17 -10.88
CA ASN B 304 17.59 -6.59 -10.24
C ASN B 304 17.96 -5.87 -8.95
N GLN B 305 18.83 -6.49 -8.15
CA GLN B 305 19.28 -5.86 -6.91
C GLN B 305 19.91 -4.51 -7.17
N ILE B 306 20.74 -4.42 -8.21
CA ILE B 306 21.40 -3.15 -8.51
C ILE B 306 20.39 -2.13 -9.02
N ILE B 307 19.45 -2.56 -9.86
CA ILE B 307 18.41 -1.67 -10.33
C ILE B 307 17.68 -1.03 -9.14
N ASN B 308 17.19 -1.87 -8.23
CA ASN B 308 16.41 -1.36 -7.11
C ASN B 308 17.25 -0.45 -6.23
N LYS B 309 18.47 -0.89 -5.88
CA LYS B 309 19.31 -0.09 -5.00
C LYS B 309 19.69 1.23 -5.65
N THR B 310 19.99 1.21 -6.95
CA THR B 310 20.33 2.45 -7.64
C THR B 310 19.18 3.44 -7.60
N TYR B 311 17.98 2.97 -7.96
CA TYR B 311 16.82 3.86 -7.95
C TYR B 311 16.54 4.37 -6.53
N THR B 312 16.61 3.48 -5.55
CA THR B 312 16.42 3.90 -4.16
C THR B 312 17.43 5.00 -3.79
N LEU B 313 18.70 4.79 -4.13
CA LEU B 313 19.71 5.79 -3.82
C LEU B 313 19.50 7.08 -4.61
N LEU B 314 18.96 6.97 -5.82
CA LEU B 314 18.71 8.17 -6.60
C LEU B 314 17.61 9.03 -5.99
N THR B 315 16.62 8.41 -5.36
CA THR B 315 15.44 9.12 -4.86
C THR B 315 15.39 9.22 -3.34
N LYS B 316 16.38 8.70 -2.62
CA LYS B 316 16.34 8.76 -1.16
C LYS B 316 16.63 10.18 -0.68
N PRO B 317 16.26 10.49 0.56
CA PRO B 317 16.64 11.78 1.14
C PRO B 317 18.11 11.81 1.54
N TYR B 318 18.71 12.99 1.39
CA TYR B 318 20.11 13.20 1.74
C TYR B 318 20.25 14.43 2.63
N ASN B 319 21.40 14.55 3.27
CA ASN B 319 21.79 15.81 3.88
C ASN B 319 22.09 16.83 2.77
N VAL B 320 22.06 18.10 3.14
CA VAL B 320 22.03 19.19 2.16
C VAL B 320 23.21 20.11 2.38
N LEU B 321 23.73 20.63 1.27
CA LEU B 321 24.76 21.66 1.31
C LEU B 321 24.15 23.02 1.01
N GLN B 322 24.74 24.07 1.58
CA GLN B 322 24.44 25.42 1.15
C GLN B 322 25.46 25.74 0.07
N LEU B 323 25.08 25.55 -1.19
CA LEU B 323 25.95 25.79 -2.32
C LEU B 323 25.72 27.24 -2.76
N ARG B 324 26.66 28.11 -2.48
CA ARG B 324 26.63 29.47 -2.98
C ARG B 324 27.99 29.78 -3.60
N GLY B 325 28.01 30.46 -4.74
CA GLY B 325 29.26 30.90 -5.39
C GLY B 325 29.80 32.12 -4.67
N GLY B 326 31.11 32.32 -4.71
CA GLY B 326 31.74 33.51 -4.12
C GLY B 326 33.25 33.55 -4.26
N GLN B 328 35.24 35.55 -6.60
CA GLN B 328 35.79 35.91 -7.95
C GLN B 328 36.40 34.75 -8.73
N ARG B 329 36.24 33.49 -8.32
CA ARG B 329 36.93 32.34 -8.98
C ARG B 329 36.15 31.04 -8.78
N ARG B 330 36.31 30.05 -9.67
CA ARG B 330 35.65 28.74 -9.57
C ARG B 330 36.35 27.80 -8.58
N ASP B 331 37.45 28.20 -7.90
CA ASP B 331 38.04 27.35 -6.87
C ASP B 331 37.95 27.96 -5.48
N ALA B 332 36.98 28.84 -5.26
CA ALA B 332 36.71 29.43 -3.96
C ALA B 332 35.32 29.03 -3.51
N ALA B 333 35.16 28.77 -2.22
CA ALA B 333 33.94 28.17 -1.69
C ALA B 333 33.35 29.04 -0.59
N ASN B 334 32.12 29.50 -0.83
CA ASN B 334 31.18 29.88 0.23
C ASN B 334 30.22 28.73 0.56
N ILE B 335 30.69 27.49 0.40
CA ILE B 335 29.86 26.31 0.56
C ILE B 335 29.98 25.81 1.99
N GLN B 336 28.86 25.36 2.56
CA GLN B 336 28.84 24.85 3.92
C GLN B 336 27.63 23.94 4.08
N ILE B 337 27.64 23.17 5.16
CA ILE B 337 26.50 22.32 5.51
C ILE B 337 25.32 23.19 5.93
N ASN B 338 24.13 22.81 5.47
CA ASN B 338 22.88 23.45 5.87
C ASN B 338 22.12 22.41 6.71
N ASN B 339 22.16 22.58 8.03
CA ASN B 339 21.51 21.63 8.92
C ASN B 339 20.02 21.89 9.12
N ASN B 340 19.50 22.99 8.58
CA ASN B 340 18.06 23.29 8.60
C ASN B 340 17.66 23.62 7.17
N PRO B 341 17.52 22.61 6.31
CA PRO B 341 17.18 22.88 4.91
C PRO B 341 15.70 22.71 4.61
N GLN B 342 15.23 23.32 3.51
CA GLN B 342 13.92 23.00 3.01
C GLN B 342 13.88 21.55 2.52
N SER B 343 12.69 20.95 2.61
CA SER B 343 12.56 19.53 2.29
C SER B 343 13.02 19.23 0.87
N SER B 344 12.68 20.11 -0.07
CA SER B 344 12.98 19.84 -1.48
C SER B 344 14.47 19.68 -1.74
N GLU B 345 15.32 20.20 -0.86
CA GLU B 345 16.76 20.11 -1.07
C GLU B 345 17.32 18.75 -0.68
N ARG B 346 16.62 18.00 0.17
CA ARG B 346 17.10 16.68 0.58
C ARG B 346 16.97 15.64 -0.52
N PHE B 347 16.33 15.98 -1.65
CA PHE B 347 16.09 15.03 -2.73
C PHE B 347 16.67 15.56 -4.04
N GLU B 348 17.31 14.67 -4.79
CA GLU B 348 17.68 14.98 -6.16
C GLU B 348 16.42 15.14 -7.01
N GLN B 349 16.44 16.14 -7.88
CA GLN B 349 15.30 16.46 -8.74
C GLN B 349 15.61 16.05 -10.17
N TYR B 350 14.60 15.48 -10.84
CA TYR B 350 14.77 14.95 -12.19
C TYR B 350 13.68 15.47 -13.13
N GLY B 351 13.20 16.69 -12.89
CA GLY B 351 12.17 17.24 -13.76
C GLY B 351 12.66 17.42 -15.19
N ARG B 352 13.91 17.86 -15.36
CA ARG B 352 14.46 18.03 -16.69
C ARG B 352 14.58 16.69 -17.42
N VAL B 353 15.02 15.65 -16.72
CA VAL B 353 15.17 14.35 -17.36
C VAL B 353 13.83 13.84 -17.86
N PHE B 354 12.83 13.83 -16.98
CA PHE B 354 11.50 13.39 -17.39
C PHE B 354 10.95 14.28 -18.49
N SER B 355 11.13 15.60 -18.37
CA SER B 355 10.71 16.50 -19.42
C SER B 355 11.27 16.07 -20.77
N ARG B 356 12.59 15.87 -20.84
CA ARG B 356 13.20 15.46 -22.10
C ARG B 356 12.61 14.15 -22.61
N LEU B 357 12.32 13.21 -21.69
CA LEU B 357 11.71 11.97 -22.11
C LEU B 357 10.33 12.20 -22.72
N VAL B 358 9.59 13.18 -22.19
CA VAL B 358 8.21 13.39 -22.60
C VAL B 358 8.15 14.33 -23.80
N PHE B 359 8.63 15.57 -23.64
CA PHE B 359 8.54 16.54 -24.72
C PHE B 359 9.92 17.13 -25.06
N TYR B 360 10.51 17.89 -24.14
CA TYR B 360 11.82 18.47 -24.37
C TYR B 360 12.31 19.10 -23.09
N ASP B 361 13.64 19.31 -23.02
CA ASP B 361 14.29 19.93 -21.87
C ASP B 361 14.57 21.38 -22.25
N ALA B 362 13.68 22.28 -21.82
CA ALA B 362 13.73 23.66 -22.27
C ALA B 362 15.01 24.37 -21.87
N LEU B 363 15.72 23.88 -20.85
CA LEU B 363 16.88 24.60 -20.34
C LEU B 363 18.01 24.65 -21.36
N GLU B 364 18.15 23.62 -22.19
CA GLU B 364 19.26 23.53 -23.12
C GLU B 364 18.94 24.24 -24.43
N ASN B 365 19.99 24.49 -25.21
CA ASN B 365 19.86 25.23 -26.45
C ASN B 365 18.81 24.61 -27.35
N ASN B 366 17.87 25.44 -27.81
CA ASN B 366 16.76 24.99 -28.67
C ASN B 366 15.96 23.88 -27.98
N SER B 367 15.77 24.03 -26.67
CA SER B 367 15.07 23.02 -25.87
C SER B 367 15.67 21.63 -26.09
N GLY B 368 16.96 21.59 -26.45
CA GLY B 368 17.66 20.34 -26.62
C GLY B 368 17.24 19.53 -27.83
N LEU B 369 16.49 20.09 -28.75
CA LEU B 369 16.01 19.38 -29.92
C LEU B 369 16.85 19.72 -31.14
N ARG B 370 16.62 18.95 -32.22
CA ARG B 370 17.24 19.17 -33.52
C ARG B 370 16.19 19.84 -34.39
N VAL B 371 16.23 21.18 -34.44
CA VAL B 371 15.13 21.96 -34.99
C VAL B 371 15.66 23.05 -35.92
N GLU B 372 16.20 22.65 -37.07
CA GLU B 372 16.64 23.60 -38.07
C GLU B 372 15.45 24.13 -38.85
N GLN B 373 15.40 25.44 -39.04
CA GLN B 373 14.32 26.06 -39.80
C GLN B 373 14.47 25.71 -41.28
N VAL B 374 13.45 25.08 -41.86
CA VAL B 374 13.49 24.65 -43.25
C VAL B 374 12.26 25.18 -43.97
N ALA B 375 12.40 25.31 -45.29
CA ALA B 375 11.27 25.70 -46.13
C ALA B 375 10.14 24.70 -45.97
N LEU B 376 8.91 25.22 -46.03
CA LEU B 376 7.75 24.35 -45.85
C LEU B 376 7.73 23.22 -46.87
N GLY B 377 8.30 23.45 -48.05
CA GLY B 377 8.26 22.46 -49.11
C GLY B 377 9.12 21.24 -48.89
N ASP B 378 9.88 21.20 -47.79
CA ASP B 378 10.64 20.00 -47.47
C ASP B 378 9.73 18.79 -47.22
N PHE B 379 8.55 19.03 -46.66
CA PHE B 379 7.57 17.98 -46.40
C PHE B 379 6.72 17.75 -47.66
N ARG B 380 6.48 16.48 -47.97
CA ARG B 380 5.78 16.13 -49.19
C ARG B 380 4.44 16.82 -49.29
N LEU B 381 3.66 16.82 -48.20
CA LEU B 381 2.33 17.39 -48.17
C LEU B 381 2.34 18.87 -47.81
N SER B 382 3.41 19.58 -48.17
CA SER B 382 3.54 20.98 -47.76
C SER B 382 2.43 21.85 -48.34
N ASN B 383 1.89 21.48 -49.51
CA ASN B 383 0.79 22.26 -50.07
C ASN B 383 -0.42 22.30 -49.14
N LEU B 384 -0.51 21.37 -48.19
CA LEU B 384 -1.61 21.33 -47.24
C LEU B 384 -1.28 22.00 -45.91
N ILE B 385 -0.04 22.49 -45.74
CA ILE B 385 0.35 23.32 -44.56
C ILE B 385 -0.24 24.67 -44.93
N ARG B 386 -1.56 24.80 -44.77
CA ARG B 386 -2.34 25.94 -45.27
C ARG B 386 -3.43 26.19 -44.24
N THR B 387 -4.34 27.13 -44.43
CA THR B 387 -5.44 27.47 -43.54
C THR B 387 -6.79 27.50 -44.25
N ASN B 388 -6.82 27.29 -45.56
CA ASN B 388 -8.04 27.27 -46.34
C ASN B 388 -7.74 26.59 -47.66
N ASN B 389 -8.75 26.48 -48.51
CA ASN B 389 -8.61 25.71 -49.74
C ASN B 389 -7.49 26.28 -50.61
N ALA B 390 -7.01 25.43 -51.53
CA ALA B 390 -5.91 25.82 -52.40
C ALA B 390 -6.28 26.99 -53.28
N GLN B 391 -7.56 27.13 -53.61
CA GLN B 391 -8.02 28.17 -54.52
C GLN B 391 -8.27 29.49 -53.80
N GLU B 392 -8.31 29.48 -52.48
CA GLU B 392 -8.46 30.71 -51.70
C GLU B 392 -7.10 31.38 -51.52
N GLU B 393 -7.13 32.59 -50.95
CA GLU B 393 -5.89 33.29 -50.61
C GLU B 393 -5.41 32.81 -49.25
N ASN B 394 -4.23 32.18 -49.23
CA ASN B 394 -3.68 31.69 -47.98
C ASN B 394 -3.62 32.81 -46.96
N THR B 395 -3.95 32.48 -45.71
CA THR B 395 -3.90 33.45 -44.62
C THR B 395 -2.81 33.13 -43.62
N LEU B 396 -2.06 32.05 -43.81
CA LEU B 396 -0.96 31.71 -42.91
C LEU B 396 0.14 32.75 -43.03
N SER B 397 0.42 33.43 -41.93
CA SER B 397 1.39 34.52 -41.94
C SER B 397 2.07 34.56 -40.58
N TYR B 398 2.64 35.71 -40.24
CA TYR B 398 3.27 35.90 -38.94
C TYR B 398 3.16 37.37 -38.57
N TRP B 399 3.28 37.63 -37.27
CA TRP B 399 3.13 38.99 -36.76
C TRP B 399 4.26 39.87 -37.26
N ASP B 400 3.91 40.93 -37.99
CA ASP B 400 4.92 41.86 -38.48
C ASP B 400 5.29 42.90 -37.42
N ASN B 401 4.29 43.45 -36.73
CA ASN B 401 4.53 44.45 -35.69
C ASN B 401 3.49 44.26 -34.60
N ILE B 402 3.96 44.16 -33.35
CA ILE B 402 3.05 43.88 -32.25
C ILE B 402 2.35 45.14 -31.77
N ALA B 403 2.98 46.30 -31.95
CA ALA B 403 2.35 47.55 -31.53
C ALA B 403 1.07 47.82 -32.33
N LEU B 404 1.13 47.61 -33.64
CA LEU B 404 -0.01 47.82 -34.53
C LEU B 404 -0.66 46.51 -34.99
N ARG B 405 -0.16 45.37 -34.53
CA ARG B 405 -0.78 44.08 -34.79
C ARG B 405 -1.01 43.87 -36.29
N THR B 406 0.03 44.12 -37.07
CA THR B 406 -0.02 43.93 -38.52
C THR B 406 0.60 42.59 -38.89
N TYR B 407 0.05 41.97 -39.93
CA TYR B 407 0.52 40.69 -40.43
C TYR B 407 1.37 40.90 -41.69
N ALA B 408 2.30 39.98 -41.90
CA ALA B 408 3.06 39.97 -43.15
C ALA B 408 2.12 39.66 -44.32
N ASN B 409 2.41 40.26 -45.47
CA ASN B 409 1.56 40.07 -46.64
C ASN B 409 1.77 38.68 -47.23
N VAL B 410 1.03 38.40 -48.31
CA VAL B 410 1.02 37.05 -48.88
C VAL B 410 2.42 36.67 -49.35
N ASN B 411 3.11 37.58 -50.04
CA ASN B 411 4.41 37.23 -50.62
C ASN B 411 5.44 36.99 -49.51
N ASP B 412 5.56 37.93 -48.57
CA ASP B 412 6.54 37.78 -47.50
C ASP B 412 6.21 36.60 -46.59
N ALA B 413 4.92 36.25 -46.47
CA ALA B 413 4.55 35.10 -45.65
C ALA B 413 4.95 33.80 -46.33
N ALA B 414 4.60 33.66 -47.61
CA ALA B 414 4.95 32.45 -48.35
C ALA B 414 6.45 32.32 -48.56
N ASN B 415 7.19 33.41 -48.43
CA ASN B 415 8.63 33.42 -48.72
C ASN B 415 9.49 33.33 -47.47
N ASN B 416 9.03 33.88 -46.34
CA ASN B 416 9.82 33.90 -45.12
C ASN B 416 9.44 32.82 -44.12
N LEU B 417 8.24 32.25 -44.24
CA LEU B 417 7.80 31.26 -43.26
C LEU B 417 8.65 30.01 -43.34
N ARG B 418 9.05 29.50 -42.17
CA ARG B 418 9.84 28.29 -42.05
C ARG B 418 9.19 27.37 -41.05
N ARG B 419 9.46 26.07 -41.18
CA ARG B 419 9.01 25.07 -40.23
C ARG B 419 10.21 24.56 -39.44
N TYR B 420 10.05 24.45 -38.13
CA TYR B 420 11.04 23.80 -37.30
C TYR B 420 11.02 22.30 -37.58
N ARG B 421 12.17 21.75 -37.99
CA ARG B 421 12.24 20.39 -38.53
C ARG B 421 12.15 19.39 -37.39
N LEU B 422 10.92 19.19 -36.91
CA LEU B 422 10.63 18.17 -35.91
C LEU B 422 10.21 16.84 -36.50
N TYR B 423 9.90 16.80 -37.80
CA TYR B 423 9.57 15.55 -38.47
C TYR B 423 9.96 15.67 -39.93
N GLY B 424 9.74 14.59 -40.68
CA GLY B 424 10.10 14.55 -42.08
C GLY B 424 9.33 13.47 -42.80
N SER B 425 9.22 13.63 -44.11
CA SER B 425 8.46 12.70 -44.93
C SER B 425 9.32 11.59 -45.53
N ASP B 426 10.60 11.85 -45.74
CA ASP B 426 11.46 10.92 -46.45
C ASP B 426 12.15 9.91 -45.54
N TYR B 427 12.07 10.07 -44.22
CA TYR B 427 12.74 9.16 -43.30
C TYR B 427 11.78 8.81 -42.16
N GLY B 428 12.17 7.81 -41.37
CA GLY B 428 11.41 7.42 -40.21
C GLY B 428 11.80 8.17 -38.94
N ILE B 429 11.79 7.50 -37.80
CA ILE B 429 12.22 8.15 -36.56
C ILE B 429 13.75 8.05 -36.50
N GLN B 430 14.43 9.19 -36.69
CA GLN B 430 15.89 9.24 -36.65
C GLN B 430 16.44 10.38 -35.79
N ASN B 431 15.67 11.38 -35.39
CA ASN B 431 16.09 12.45 -34.46
C ASN B 431 14.91 12.67 -33.52
N ASN B 432 15.03 13.49 -32.47
CA ASN B 432 13.90 13.86 -31.61
C ASN B 432 13.10 12.64 -31.20
N ARG B 433 13.75 11.77 -30.45
CA ARG B 433 13.12 10.53 -29.96
C ARG B 433 12.39 10.77 -28.61
N SER B 434 11.81 11.98 -28.38
CA SER B 434 10.94 12.16 -27.23
C SER B 434 9.52 11.69 -27.60
N MET B 435 8.71 11.46 -26.56
CA MET B 435 7.38 10.91 -26.80
C MET B 435 6.57 11.80 -27.74
N MET B 436 6.59 13.11 -27.49
CA MET B 436 5.78 14.02 -28.30
C MET B 436 6.26 14.04 -29.74
N MET B 437 7.58 14.16 -29.95
CA MET B 437 8.09 14.28 -31.31
C MET B 437 8.01 12.93 -32.03
N VAL B 438 8.22 11.83 -31.31
CA VAL B 438 7.95 10.51 -31.90
C VAL B 438 6.48 10.41 -32.30
N PHE B 439 5.59 10.83 -31.40
CA PHE B 439 4.15 10.87 -31.68
C PHE B 439 3.87 11.64 -32.97
N ASN B 440 4.43 12.84 -33.11
CA ASN B 440 4.13 13.65 -34.27
C ASN B 440 4.77 13.10 -35.54
N GLN B 441 5.99 12.56 -35.44
CA GLN B 441 6.60 11.96 -36.61
C GLN B 441 5.82 10.75 -37.09
N LEU B 442 5.24 9.99 -36.17
CA LEU B 442 4.39 8.87 -36.57
C LEU B 442 3.16 9.35 -37.32
N ILE B 443 2.54 10.43 -36.82
CA ILE B 443 1.39 11.01 -37.53
C ILE B 443 1.81 11.48 -38.92
N ALA B 444 2.97 12.13 -39.01
CA ALA B 444 3.45 12.59 -40.31
C ALA B 444 3.61 11.42 -41.28
N SER B 445 4.32 10.37 -40.85
CA SER B 445 4.51 9.21 -41.71
C SER B 445 3.19 8.54 -42.04
N TYR B 446 2.25 8.55 -41.08
CA TYR B 446 0.93 7.99 -41.31
C TYR B 446 0.24 8.67 -42.49
N ILE B 447 0.12 10.00 -42.43
CA ILE B 447 -0.55 10.74 -43.48
C ILE B 447 0.23 10.63 -44.78
N THR B 448 1.55 10.65 -44.70
CA THR B 448 2.37 10.59 -45.90
C THR B 448 2.19 9.26 -46.63
N ARG B 449 2.22 8.15 -45.88
CA ARG B 449 2.17 6.84 -46.52
C ARG B 449 0.81 6.55 -47.13
N PHE B 450 -0.27 7.06 -46.52
CA PHE B 450 -1.62 6.69 -46.90
C PHE B 450 -2.35 7.78 -47.68
N TYR B 451 -1.71 8.90 -47.97
CA TYR B 451 -2.25 9.87 -48.91
C TYR B 451 -1.69 9.54 -50.28
N ASP B 452 -2.55 9.06 -51.18
CA ASP B 452 -2.14 8.70 -52.53
C ASP B 452 -2.03 9.96 -53.36
N ALA B 453 -0.80 10.30 -53.78
CA ALA B 453 -0.59 11.59 -54.43
C ALA B 453 -1.22 11.66 -55.81
N PRO B 454 -1.02 10.68 -56.70
CA PRO B 454 -1.63 10.78 -58.03
C PRO B 454 -3.13 11.05 -58.00
N SER B 455 -3.86 10.34 -57.14
CA SER B 455 -5.28 10.59 -56.96
C SER B 455 -5.55 11.75 -56.01
N GLY B 456 -4.62 12.05 -55.11
CA GLY B 456 -4.81 13.11 -54.14
C GLY B 456 -5.85 12.78 -53.10
N LYS B 457 -5.94 11.52 -52.70
CA LYS B 457 -7.00 11.05 -51.81
C LYS B 457 -6.44 10.24 -50.67
N ILE B 458 -7.13 10.32 -49.53
CA ILE B 458 -6.90 9.45 -48.39
C ILE B 458 -8.24 8.87 -47.96
N TYR B 459 -8.20 7.62 -47.46
CA TYR B 459 -9.40 6.97 -46.96
C TYR B 459 -9.82 7.62 -45.65
N LEU B 460 -11.12 7.96 -45.54
CA LEU B 460 -11.58 8.80 -44.44
C LEU B 460 -11.40 8.13 -43.09
N ASN B 461 -11.60 6.81 -43.03
CA ASN B 461 -11.55 6.13 -41.74
C ASN B 461 -10.16 6.14 -41.12
N LEU B 462 -9.12 6.42 -41.89
CA LEU B 462 -7.78 6.49 -41.33
C LEU B 462 -7.65 7.62 -40.32
N ILE B 463 -8.22 8.78 -40.64
CA ILE B 463 -8.01 9.99 -39.87
C ILE B 463 -9.28 10.54 -39.22
N ASN B 464 -10.44 9.96 -39.50
CA ASN B 464 -11.69 10.57 -39.07
C ASN B 464 -11.75 10.65 -37.54
N ALA B 465 -11.47 9.54 -36.86
CA ALA B 465 -11.56 9.54 -35.41
C ALA B 465 -10.59 10.54 -34.78
N PHE B 466 -9.43 10.75 -35.41
CA PHE B 466 -8.43 11.64 -34.85
C PHE B 466 -8.79 13.11 -35.11
N ALA B 467 -9.15 13.44 -36.35
CA ALA B 467 -9.38 14.83 -36.71
C ALA B 467 -10.80 15.30 -36.41
N ASN B 468 -11.78 14.40 -36.41
CA ASN B 468 -13.16 14.75 -36.12
C ASN B 468 -13.61 14.26 -34.76
N GLY B 469 -12.74 13.61 -33.98
CA GLY B 469 -13.12 13.04 -32.71
C GLY B 469 -12.26 13.46 -31.54
N ASN B 470 -11.53 12.50 -30.97
CA ASN B 470 -10.81 12.75 -29.72
C ASN B 470 -9.86 13.93 -29.86
N PHE B 471 -9.19 14.07 -31.00
CA PHE B 471 -8.27 15.17 -31.23
C PHE B 471 -8.84 16.20 -32.21
N SER B 472 -10.17 16.28 -32.29
CA SER B 472 -10.79 17.29 -33.14
C SER B 472 -10.39 18.70 -32.70
N GLN B 473 -10.12 18.89 -31.41
CA GLN B 473 -9.79 20.22 -30.92
C GLN B 473 -8.42 20.68 -31.43
N ALA B 474 -7.45 19.76 -31.47
CA ALA B 474 -6.12 20.12 -31.96
C ALA B 474 -6.10 20.37 -33.47
N VAL B 475 -7.09 19.89 -34.21
CA VAL B 475 -7.10 19.98 -35.66
C VAL B 475 -8.02 21.09 -36.14
N MET B 476 -9.15 21.31 -35.47
CA MET B 476 -10.15 22.25 -35.94
C MET B 476 -10.12 23.58 -35.21
N GLU B 477 -9.60 23.63 -33.98
CA GLU B 477 -9.50 24.86 -33.22
C GLU B 477 -8.04 25.26 -33.10
N MET B 478 -7.80 26.56 -33.00
CA MET B 478 -6.45 27.09 -32.96
C MET B 478 -6.01 27.34 -31.52
N GLY B 479 -4.70 27.24 -31.29
CA GLY B 479 -4.12 27.29 -29.97
C GLY B 479 -3.88 25.93 -29.36
N TYR B 480 -4.56 24.89 -29.86
CA TYR B 480 -4.47 23.53 -29.33
C TYR B 480 -3.45 22.70 -30.10
N ALA B 481 -2.30 23.30 -30.41
CA ALA B 481 -1.24 22.62 -31.14
C ALA B 481 0.06 23.38 -30.88
N HIS B 482 1.17 22.68 -30.98
CA HIS B 482 2.47 23.30 -30.75
C HIS B 482 2.83 24.16 -31.96
N PRO B 483 3.23 25.42 -31.76
CA PRO B 483 3.52 26.28 -32.92
C PRO B 483 4.88 26.00 -33.53
N ASP B 484 4.91 25.15 -34.57
CA ASP B 484 6.15 24.77 -35.23
C ASP B 484 6.35 25.51 -36.55
N LEU B 485 5.67 26.64 -36.74
CA LEU B 485 5.85 27.51 -37.89
C LEU B 485 6.21 28.90 -37.40
N ALA B 486 7.07 29.58 -38.14
CA ALA B 486 7.49 30.92 -37.73
C ALA B 486 8.28 31.56 -38.86
N ARG B 487 8.42 32.89 -38.76
CA ARG B 487 9.27 33.61 -39.70
C ARG B 487 10.71 33.12 -39.55
N ASN B 488 11.44 33.16 -40.67
CA ASN B 488 12.84 32.76 -40.64
C ASN B 488 13.64 33.60 -39.65
N ASN B 489 14.83 33.11 -39.33
CA ASN B 489 15.74 33.79 -38.41
C ASN B 489 15.14 33.89 -37.02
N ASN B 490 14.32 32.92 -36.65
CA ASN B 490 13.79 32.78 -35.30
C ASN B 490 14.00 31.32 -34.89
N VAL B 491 15.00 31.08 -34.03
CA VAL B 491 15.34 29.73 -33.64
C VAL B 491 14.24 29.18 -32.72
N PHE B 492 14.29 27.87 -32.46
CA PHE B 492 13.28 27.24 -31.62
C PHE B 492 13.34 27.80 -30.19
N GLY B 493 14.54 27.96 -29.65
CA GLY B 493 14.70 28.59 -28.36
C GLY B 493 14.31 27.67 -27.20
N HIS B 494 14.09 28.31 -26.05
CA HIS B 494 13.72 27.63 -24.82
C HIS B 494 12.23 27.80 -24.59
N ARG B 495 11.51 26.68 -24.53
CA ARG B 495 10.05 26.68 -24.60
C ARG B 495 9.44 26.08 -23.35
N GLY B 496 8.33 26.66 -22.91
CA GLY B 496 7.60 26.15 -21.77
C GLY B 496 6.92 24.83 -22.08
N ASP B 497 6.14 24.37 -21.12
CA ASP B 497 5.47 23.07 -21.24
C ASP B 497 4.26 23.18 -22.16
N PRO B 498 4.07 22.23 -23.08
CA PRO B 498 2.78 22.07 -23.73
C PRO B 498 1.75 21.60 -22.71
N THR B 499 0.48 21.58 -23.14
CA THR B 499 -0.61 21.07 -22.32
C THR B 499 -1.13 19.77 -22.93
N GLU B 500 -2.12 19.18 -22.25
CA GLU B 500 -2.75 17.97 -22.75
C GLU B 500 -3.35 18.18 -24.13
N GLN B 501 -3.67 19.41 -24.50
CA GLN B 501 -4.38 19.73 -25.73
C GLN B 501 -3.50 20.39 -26.76
N SER B 502 -2.18 20.42 -26.55
CA SER B 502 -1.25 21.02 -27.49
C SER B 502 -0.05 20.13 -27.70
N VAL B 503 -0.27 18.82 -27.76
CA VAL B 503 0.82 17.89 -28.05
C VAL B 503 0.97 17.63 -29.55
N LEU B 504 -0.06 17.96 -30.34
CA LEU B 504 0.06 17.88 -31.79
C LEU B 504 0.78 19.10 -32.33
N LEU B 505 1.63 18.87 -33.33
CA LEU B 505 2.31 19.98 -33.98
C LEU B 505 1.34 20.73 -34.89
N LEU B 506 1.27 22.05 -34.72
CA LEU B 506 0.32 22.86 -35.47
C LEU B 506 0.35 22.52 -36.96
N SER B 507 1.54 22.30 -37.52
CA SER B 507 1.64 22.04 -38.95
C SER B 507 0.84 20.82 -39.34
N LEU B 508 0.98 19.72 -38.59
CA LEU B 508 0.22 18.52 -38.89
C LEU B 508 -1.27 18.73 -38.67
N GLY B 509 -1.63 19.51 -37.66
CA GLY B 509 -3.03 19.86 -37.48
C GLY B 509 -3.60 20.62 -38.66
N LEU B 510 -2.83 21.57 -39.18
CA LEU B 510 -3.27 22.29 -40.38
C LEU B 510 -3.40 21.35 -41.57
N ILE B 511 -2.45 20.42 -41.71
CA ILE B 511 -2.56 19.44 -42.79
C ILE B 511 -3.86 18.66 -42.67
N LEU B 512 -4.10 18.07 -41.49
CA LEU B 512 -5.30 17.27 -41.31
C LEU B 512 -6.56 18.10 -41.47
N GLN B 513 -6.53 19.37 -41.07
CA GLN B 513 -7.67 20.25 -41.30
C GLN B 513 -7.97 20.37 -42.79
N ARG B 514 -6.94 20.64 -43.60
CA ARG B 514 -7.14 20.67 -45.04
C ARG B 514 -7.68 19.33 -45.54
N LEU B 515 -7.13 18.22 -45.05
CA LEU B 515 -7.58 16.90 -45.50
C LEU B 515 -9.08 16.73 -45.28
N ILE B 516 -9.55 17.12 -44.10
CA ILE B 516 -10.95 16.89 -43.75
C ILE B 516 -11.87 17.89 -44.44
N LYS B 517 -11.44 19.15 -44.56
CA LYS B 517 -12.36 20.23 -44.88
C LYS B 517 -12.27 20.72 -46.32
N ASP B 518 -11.12 20.59 -46.97
CA ASP B 518 -10.95 21.13 -48.32
C ASP B 518 -12.07 20.62 -49.24
N THR B 519 -12.56 21.52 -50.10
CA THR B 519 -13.69 21.20 -50.97
C THR B 519 -13.44 21.77 -52.35
N ASN B 520 -13.88 21.05 -53.38
CA ASN B 520 -13.79 21.56 -54.73
C ASN B 520 -14.95 22.53 -55.00
N ARG B 521 -14.88 23.20 -56.14
CA ARG B 521 -15.85 24.25 -56.45
C ARG B 521 -17.27 23.73 -56.65
N GLN B 522 -17.47 22.41 -56.71
CA GLN B 522 -18.80 21.84 -56.68
C GLN B 522 -19.21 21.43 -55.28
N GLY B 523 -18.46 21.82 -54.26
CA GLY B 523 -18.78 21.49 -52.89
C GLY B 523 -18.38 20.10 -52.45
N LEU B 524 -17.86 19.28 -53.36
CA LEU B 524 -17.49 17.92 -53.00
C LEU B 524 -16.12 17.89 -52.30
N SER B 525 -15.91 16.83 -51.52
CA SER B 525 -14.67 16.67 -50.78
C SER B 525 -13.49 16.54 -51.73
N GLN B 526 -12.42 17.23 -51.40
CA GLN B 526 -11.24 17.24 -52.26
C GLN B 526 -10.32 16.06 -52.00
N HIS B 527 -10.13 15.66 -50.74
CA HIS B 527 -9.09 14.69 -50.40
C HIS B 527 -9.61 13.36 -49.90
N LEU B 528 -10.89 13.24 -49.57
CA LEU B 528 -11.38 12.10 -48.81
C LEU B 528 -12.08 11.09 -49.71
N ILE B 529 -11.80 9.82 -49.46
CA ILE B 529 -12.54 8.70 -50.05
C ILE B 529 -13.42 8.10 -48.96
N SER B 530 -14.69 7.86 -49.30
CA SER B 530 -15.67 7.49 -48.27
C SER B 530 -15.80 5.99 -48.06
N THR B 531 -15.63 5.19 -49.11
CA THR B 531 -15.81 3.75 -49.01
C THR B 531 -14.54 3.06 -49.46
N LEU B 532 -14.17 1.92 -48.86
CA LEU B 532 -12.86 1.25 -49.09
C LEU B 532 -12.81 0.58 -50.45
N THR B 533 -13.97 0.27 -51.03
CA THR B 533 -14.09 -0.39 -52.35
C THR B 533 -13.31 0.38 -53.43
N GLU B 534 -13.15 1.70 -53.32
CA GLU B 534 -12.48 2.54 -54.36
C GLU B 534 -11.01 2.82 -54.00
N ILE B 535 -10.49 2.35 -52.87
CA ILE B 535 -9.03 2.43 -52.55
C ILE B 535 -8.21 1.57 -53.53
N PRO B 536 -7.14 2.08 -54.19
CA PRO B 536 -6.37 1.30 -55.16
C PRO B 536 -5.80 -0.03 -54.63
N ILE B 537 -5.57 -1.05 -55.47
CA ILE B 537 -5.04 -2.39 -55.10
C ILE B 537 -3.74 -2.26 -54.30
N TYR B 538 -2.77 -1.50 -54.81
CA TYR B 538 -1.44 -1.36 -54.19
C TYR B 538 -1.61 -0.63 -52.86
N LEU B 539 -2.60 0.23 -52.74
CA LEU B 539 -2.80 1.04 -51.52
C LEU B 539 -3.47 0.17 -50.46
N LYS B 540 -4.22 -0.85 -50.84
CA LYS B 540 -4.74 -1.83 -49.88
C LYS B 540 -3.64 -2.77 -49.42
N GLU B 541 -2.72 -3.13 -50.32
CA GLU B 541 -1.54 -3.87 -49.91
C GLU B 541 -0.71 -3.08 -48.91
N ASN B 542 -0.47 -1.80 -49.23
CA ASN B 542 0.22 -0.92 -48.28
C ASN B 542 -0.51 -0.87 -46.95
N TYR B 543 -1.84 -0.74 -46.99
CA TYR B 543 -2.64 -0.79 -45.77
C TYR B 543 -2.31 -2.05 -44.96
N ARG B 544 -2.44 -3.21 -45.60
CA ARG B 544 -2.25 -4.47 -44.89
C ARG B 544 -0.86 -4.55 -44.24
N ALA B 545 0.16 -4.09 -44.96
CA ALA B 545 1.52 -4.30 -44.46
C ALA B 545 1.91 -3.30 -43.39
N ASN B 546 1.43 -2.06 -43.51
CA ASN B 546 1.94 -0.97 -42.66
C ASN B 546 1.05 -0.66 -41.47
N LEU B 547 -0.27 -0.84 -41.59
CA LEU B 547 -1.13 -0.50 -40.47
C LEU B 547 -0.79 -1.28 -39.21
N PRO B 548 -0.47 -2.58 -39.27
CA PRO B 548 -0.05 -3.28 -38.03
C PRO B 548 1.17 -2.64 -37.38
N LEU B 549 2.15 -2.22 -38.17
CA LEU B 549 3.30 -1.52 -37.60
C LEU B 549 2.87 -0.25 -36.90
N PHE B 550 1.99 0.54 -37.53
CA PHE B 550 1.53 1.77 -36.91
C PHE B 550 0.81 1.49 -35.60
N ASN B 551 -0.03 0.45 -35.58
CA ASN B 551 -0.75 0.10 -34.35
C ASN B 551 0.23 -0.27 -33.24
N LYS B 552 1.20 -1.14 -33.55
CA LYS B 552 2.16 -1.55 -32.53
C LYS B 552 2.96 -0.37 -32.02
N MET B 553 3.30 0.58 -32.90
CA MET B 553 4.16 1.68 -32.50
C MET B 553 3.40 2.71 -31.66
N PHE B 554 2.16 3.03 -32.03
CA PHE B 554 1.36 3.89 -31.17
C PHE B 554 1.10 3.21 -29.83
N ASN B 555 1.00 1.88 -29.81
CA ASN B 555 0.85 1.18 -28.54
C ASN B 555 2.14 1.20 -27.75
N ILE B 556 3.29 1.17 -28.44
CA ILE B 556 4.56 1.33 -27.75
C ILE B 556 4.61 2.67 -27.05
N LEU B 557 4.15 3.72 -27.72
CA LEU B 557 4.05 5.03 -27.09
C LEU B 557 3.13 4.98 -25.87
N ILE B 558 1.96 4.37 -26.01
CA ILE B 558 1.02 4.28 -24.89
C ILE B 558 1.66 3.56 -23.72
N SER B 559 2.34 2.44 -23.99
CA SER B 559 2.94 1.67 -22.90
C SER B 559 4.06 2.45 -22.24
N GLN B 560 4.89 3.15 -23.04
CA GLN B 560 5.93 3.99 -22.46
C GLN B 560 5.32 5.04 -21.54
N GLY B 561 4.25 5.70 -22.01
CA GLY B 561 3.61 6.72 -21.18
C GLY B 561 3.02 6.15 -19.90
N GLU B 562 2.38 4.99 -20.01
CA GLU B 562 1.75 4.35 -18.85
C GLU B 562 2.81 3.94 -17.83
N LEU B 563 3.92 3.38 -18.31
CA LEU B 563 4.97 2.95 -17.40
C LEU B 563 5.66 4.13 -16.75
N LEU B 564 5.92 5.20 -17.52
CA LEU B 564 6.46 6.41 -16.93
C LEU B 564 5.52 6.97 -15.87
N LYS B 565 4.21 6.92 -16.13
CA LYS B 565 3.25 7.37 -15.14
C LYS B 565 3.31 6.50 -13.89
N GLN B 566 3.50 5.19 -14.08
CA GLN B 566 3.60 4.30 -12.93
C GLN B 566 4.83 4.62 -12.09
N PHE B 567 5.94 4.95 -12.76
CA PHE B 567 7.14 5.39 -12.05
C PHE B 567 6.86 6.67 -11.27
N ILE B 568 6.22 7.64 -11.92
CA ILE B 568 5.94 8.92 -11.26
C ILE B 568 5.08 8.70 -10.03
N GLN B 569 4.13 7.76 -10.12
CA GLN B 569 3.14 7.61 -9.06
C GLN B 569 3.59 6.65 -7.95
N TYR B 570 4.11 5.48 -8.31
CA TYR B 570 4.42 4.44 -7.33
C TYR B 570 5.83 4.52 -6.80
N THR B 571 6.54 5.62 -7.02
CA THR B 571 7.83 5.88 -6.40
C THR B 571 7.85 7.34 -5.96
N ASN B 572 8.75 7.66 -5.02
CA ASN B 572 8.81 8.98 -4.42
C ASN B 572 9.75 9.92 -5.16
N VAL B 573 9.97 9.72 -6.45
CA VAL B 573 10.88 10.57 -7.20
C VAL B 573 10.34 11.99 -7.24
N GLN B 574 11.24 12.96 -7.07
CA GLN B 574 10.91 14.37 -7.14
C GLN B 574 11.29 14.91 -8.51
N LEU B 575 10.40 15.70 -9.10
CA LEU B 575 10.52 16.12 -10.50
C LEU B 575 10.63 17.63 -10.65
N ALA B 576 11.31 18.29 -9.72
CA ALA B 576 11.48 19.74 -9.81
C ALA B 576 12.54 20.09 -10.85
N ARG B 577 12.33 21.20 -11.53
CA ARG B 577 13.26 21.82 -12.46
C ARG B 577 13.95 23.00 -11.80
N PRO B 578 15.10 23.44 -12.34
CA PRO B 578 15.77 24.60 -11.75
C PRO B 578 15.08 25.92 -12.09
N ASN B 579 15.67 27.03 -11.66
CA ASN B 579 15.14 28.37 -11.92
C ASN B 579 15.36 28.74 -13.38
N LEU B 580 14.39 28.44 -14.24
CA LEU B 580 14.58 28.59 -15.67
C LEU B 580 14.75 30.06 -16.05
N THR B 581 13.87 30.93 -15.58
CA THR B 581 13.94 32.33 -15.98
C THR B 581 15.18 33.02 -15.43
N ALA B 582 15.64 32.62 -14.24
CA ALA B 582 16.86 33.20 -13.69
C ALA B 582 18.08 32.76 -14.48
N LEU B 583 18.18 31.47 -14.78
CA LEU B 583 19.34 30.96 -15.49
C LEU B 583 19.39 31.51 -16.92
N LEU B 584 18.25 31.53 -17.60
CA LEU B 584 18.20 32.00 -18.98
C LEU B 584 18.02 33.52 -19.08
N GLY B 585 17.59 34.17 -18.01
CA GLY B 585 17.35 35.59 -18.06
C GLY B 585 16.08 36.00 -18.77
N ALA B 586 15.06 35.14 -18.77
CA ALA B 586 13.81 35.41 -19.44
C ALA B 586 12.79 36.00 -18.47
N ASN B 587 11.75 36.61 -19.02
CA ASN B 587 10.65 37.09 -18.21
C ASN B 587 9.87 35.90 -17.64
N ASN B 588 9.25 36.13 -16.48
CA ASN B 588 8.41 35.10 -15.87
C ASN B 588 7.10 34.92 -16.62
N ASP B 589 6.81 35.80 -17.58
CA ASP B 589 5.69 35.66 -18.51
C ASP B 589 6.14 35.07 -19.85
N SER B 590 7.43 34.79 -20.01
CA SER B 590 7.94 34.33 -21.29
C SER B 590 7.56 32.87 -21.51
N VAL B 591 6.92 32.61 -22.65
CA VAL B 591 6.57 31.25 -23.06
C VAL B 591 7.58 30.68 -24.05
N ILE B 592 8.31 31.54 -24.77
CA ILE B 592 9.42 31.11 -25.61
C ILE B 592 10.49 32.19 -25.53
N TYR B 593 11.71 31.81 -25.15
CA TYR B 593 12.84 32.71 -25.07
C TYR B 593 13.99 32.02 -25.78
N TYR B 594 14.63 32.70 -26.73
CA TYR B 594 15.76 32.08 -27.43
C TYR B 594 17.08 32.69 -26.98
N ASN B 595 17.29 33.99 -27.25
CA ASN B 595 18.52 34.66 -26.84
C ASN B 595 18.25 36.03 -26.25
N ASN B 596 17.51 36.87 -26.96
CA ASN B 596 17.18 38.20 -26.47
C ASN B 596 15.69 38.46 -26.31
N ASN B 597 14.83 37.83 -27.10
CA ASN B 597 13.41 38.15 -27.09
C ASN B 597 12.61 37.19 -26.23
N ASN B 598 11.42 37.66 -25.86
CA ASN B 598 10.49 37.00 -24.96
C ASN B 598 9.14 36.93 -25.67
N VAL B 599 8.64 35.71 -25.84
CA VAL B 599 7.34 35.48 -26.47
C VAL B 599 6.32 35.34 -25.35
N PRO B 600 5.31 36.21 -25.28
CA PRO B 600 4.29 36.05 -24.23
C PRO B 600 3.31 34.95 -24.57
N ALA B 601 2.51 34.57 -23.57
CA ALA B 601 1.55 33.49 -23.74
C ALA B 601 0.52 33.79 -24.81
N THR B 602 0.26 35.08 -25.08
CA THR B 602 -0.61 35.44 -26.19
C THR B 602 0.02 35.12 -27.55
N GLY B 603 1.33 34.89 -27.59
CA GLY B 603 2.02 34.74 -28.85
C GLY B 603 2.25 36.02 -29.61
N LEU B 604 1.94 37.17 -29.00
CA LEU B 604 2.07 38.46 -29.68
C LEU B 604 3.54 38.85 -29.70
N SER B 605 4.25 38.29 -30.67
CA SER B 605 5.66 38.59 -30.89
C SER B 605 5.96 38.51 -32.37
N VAL B 606 6.87 39.38 -32.83
CA VAL B 606 7.19 39.44 -34.25
C VAL B 606 7.87 38.15 -34.66
N GLY B 607 7.41 37.57 -35.77
CA GLY B 607 7.94 36.33 -36.28
C GLY B 607 7.14 35.10 -35.91
N GLN B 608 6.38 35.16 -34.83
CA GLN B 608 5.51 34.04 -34.46
C GLN B 608 4.36 33.93 -35.46
N ALA B 609 3.95 32.71 -35.75
CA ALA B 609 2.92 32.48 -36.75
C ALA B 609 1.63 33.16 -36.34
N ALA B 610 0.84 33.57 -37.33
CA ALA B 610 -0.43 34.23 -37.09
C ALA B 610 -1.29 34.04 -38.34
N LEU B 611 -2.58 34.31 -38.18
CA LEU B 611 -3.56 34.16 -39.25
C LEU B 611 -4.06 35.55 -39.62
N ARG B 612 -3.83 35.96 -40.85
CA ARG B 612 -4.18 37.30 -41.27
C ARG B 612 -5.66 37.57 -41.06
N GLY B 613 -5.96 38.66 -40.37
CA GLY B 613 -7.33 39.09 -40.16
C GLY B 613 -8.04 38.43 -39.00
N ILE B 614 -7.40 37.47 -38.32
CA ILE B 614 -8.06 36.75 -37.24
C ILE B 614 -7.25 36.89 -35.96
N GLY B 615 -6.00 36.44 -36.00
CA GLY B 615 -5.17 36.55 -34.82
C GLY B 615 -4.02 35.55 -34.84
N GLY B 616 -3.41 35.36 -33.67
CA GLY B 616 -2.29 34.47 -33.53
C GLY B 616 -2.69 33.04 -33.25
N VAL B 617 -1.70 32.15 -33.32
CA VAL B 617 -1.94 30.73 -33.11
C VAL B 617 -1.78 30.32 -31.64
N PHE B 618 -1.49 31.27 -30.75
CA PHE B 618 -1.30 30.95 -29.34
C PHE B 618 -2.61 31.14 -28.58
N ARG B 619 -2.97 30.15 -27.77
CA ARG B 619 -4.06 30.30 -26.81
C ARG B 619 -3.48 30.28 -25.40
N PRO B 620 -3.60 31.33 -24.61
CA PRO B 620 -2.92 31.36 -23.31
C PRO B 620 -3.35 30.20 -22.42
N ASN B 621 -2.40 29.71 -21.63
CA ASN B 621 -2.61 28.61 -20.68
C ASN B 621 -3.00 27.32 -21.38
N VAL B 622 -2.77 27.22 -22.69
CA VAL B 622 -3.15 26.04 -23.44
C VAL B 622 -2.02 25.63 -24.37
N THR B 623 -1.64 26.52 -25.28
CA THR B 623 -0.60 26.18 -26.26
C THR B 623 0.71 25.83 -25.57
N LEU B 624 1.25 26.76 -24.79
CA LEU B 624 2.51 26.56 -24.09
C LEU B 624 2.47 27.32 -22.78
N MET B 625 3.00 26.70 -21.74
CA MET B 625 3.03 27.32 -20.42
C MET B 625 4.25 28.22 -20.30
N PRO B 626 4.24 29.17 -19.37
CA PRO B 626 5.42 30.00 -19.15
C PRO B 626 6.60 29.17 -18.67
N LEU B 627 7.81 29.62 -18.98
CA LEU B 627 8.99 28.90 -18.51
C LEU B 627 9.10 28.99 -16.99
N GLY B 628 8.78 30.15 -16.42
CA GLY B 628 8.55 30.28 -15.00
C GLY B 628 9.82 30.26 -14.16
N ASP B 629 9.63 30.57 -12.89
CA ASP B 629 10.70 30.63 -11.90
C ASP B 629 10.76 29.31 -11.14
N ALA B 630 11.63 29.27 -10.13
CA ALA B 630 11.81 28.03 -9.37
C ALA B 630 10.50 27.60 -8.70
N GLN B 631 9.73 28.56 -8.19
CA GLN B 631 8.47 28.23 -7.54
C GLN B 631 7.43 27.77 -8.55
N ASN B 632 7.55 28.22 -9.80
CA ASN B 632 6.72 27.70 -10.87
C ASN B 632 7.30 26.41 -11.46
N ASN B 633 8.31 25.84 -10.81
CA ASN B 633 9.01 24.67 -11.31
C ASN B 633 9.23 23.64 -10.21
N THR B 634 8.41 23.66 -9.17
CA THR B 634 8.56 22.72 -8.08
C THR B 634 8.13 21.32 -8.52
N SER B 635 8.45 20.32 -7.71
CA SER B 635 8.20 18.94 -8.10
C SER B 635 6.71 18.69 -8.32
N ASP B 636 5.85 19.28 -7.48
CA ASP B 636 4.41 19.09 -7.64
C ASP B 636 3.92 19.65 -8.96
N VAL B 637 4.31 20.88 -9.28
CA VAL B 637 3.88 21.49 -10.53
C VAL B 637 4.34 20.67 -11.72
N VAL B 638 5.65 20.41 -11.80
CA VAL B 638 6.20 19.73 -12.97
C VAL B 638 5.66 18.31 -13.06
N ARG B 639 5.39 17.68 -11.92
CA ARG B 639 4.77 16.35 -11.95
C ARG B 639 3.44 16.39 -12.70
N LYS B 640 2.56 17.32 -12.33
CA LYS B 640 1.26 17.42 -12.98
C LYS B 640 1.41 17.73 -14.47
N ARG B 641 2.33 18.64 -14.82
CA ARG B 641 2.51 19.01 -16.22
C ARG B 641 3.02 17.84 -17.03
N LEU B 642 4.02 17.13 -16.53
CA LEU B 642 4.52 15.94 -17.24
C LEU B 642 3.40 14.93 -17.44
N VAL B 643 2.61 14.66 -16.39
CA VAL B 643 1.54 13.68 -16.50
C VAL B 643 0.49 14.15 -17.51
N ALA B 644 0.24 15.46 -17.57
CA ALA B 644 -0.70 15.98 -18.54
C ALA B 644 -0.24 15.70 -19.97
N VAL B 645 0.99 16.09 -20.30
CA VAL B 645 1.48 15.83 -21.65
C VAL B 645 1.42 14.35 -21.97
N ILE B 646 1.81 13.50 -21.01
CA ILE B 646 1.75 12.06 -21.22
C ILE B 646 0.33 11.64 -21.57
N ASP B 647 -0.65 12.12 -20.80
CA ASP B 647 -2.04 11.74 -21.05
C ASP B 647 -2.48 12.15 -22.45
N GLY B 648 -2.04 13.33 -22.91
CA GLY B 648 -2.39 13.75 -24.25
C GLY B 648 -1.80 12.86 -25.32
N ILE B 649 -0.52 12.53 -25.19
CA ILE B 649 0.10 11.58 -26.11
C ILE B 649 -0.65 10.26 -26.09
N ILE B 650 -1.04 9.80 -24.90
CA ILE B 650 -1.70 8.50 -24.79
C ILE B 650 -3.05 8.52 -25.50
N ARG B 651 -3.83 9.57 -25.29
CA ARG B 651 -5.14 9.63 -25.93
C ARG B 651 -5.02 9.65 -27.44
N GLY B 652 -4.14 10.51 -27.96
CA GLY B 652 -3.91 10.56 -29.39
C GLY B 652 -3.47 9.22 -29.96
N SER B 653 -2.57 8.54 -29.25
CA SER B 653 -2.07 7.26 -29.75
C SER B 653 -3.16 6.20 -29.74
N HIS B 654 -3.97 6.15 -28.68
CA HIS B 654 -5.09 5.22 -28.65
C HIS B 654 -6.01 5.44 -29.84
N THR B 655 -6.34 6.70 -30.12
CA THR B 655 -7.27 7.01 -31.21
C THR B 655 -6.71 6.56 -32.56
N LEU B 656 -5.47 6.94 -32.86
CA LEU B 656 -4.90 6.63 -34.16
C LEU B 656 -4.68 5.12 -34.33
N ALA B 657 -4.26 4.45 -33.26
CA ALA B 657 -4.10 3.00 -33.34
C ALA B 657 -5.43 2.30 -33.57
N ASP B 658 -6.47 2.72 -32.85
CA ASP B 658 -7.79 2.12 -33.05
C ASP B 658 -8.29 2.36 -34.47
N SER B 659 -8.04 3.56 -35.02
CA SER B 659 -8.44 3.83 -36.40
C SER B 659 -7.69 2.91 -37.35
N ALA B 660 -6.38 2.75 -37.15
CA ALA B 660 -5.62 1.81 -37.97
C ALA B 660 -6.22 0.42 -37.92
N MET B 661 -6.59 -0.07 -36.72
CA MET B 661 -7.14 -1.40 -36.60
C MET B 661 -8.53 -1.48 -37.22
N GLU B 662 -9.31 -0.40 -37.13
CA GLU B 662 -10.64 -0.41 -37.75
C GLU B 662 -10.53 -0.63 -39.25
N VAL B 663 -9.66 0.12 -39.91
CA VAL B 663 -9.47 -0.02 -41.35
C VAL B 663 -8.91 -1.39 -41.69
N LEU B 664 -8.00 -1.90 -40.85
CA LEU B 664 -7.41 -3.21 -41.13
C LEU B 664 -8.45 -4.31 -41.07
N HIS B 665 -9.31 -4.29 -40.03
CA HIS B 665 -10.32 -5.33 -39.90
C HIS B 665 -11.26 -5.37 -41.10
N GLU B 666 -11.56 -4.21 -41.69
CA GLU B 666 -12.42 -4.16 -42.87
C GLU B 666 -11.78 -4.71 -44.13
N LEU B 667 -10.45 -4.77 -44.19
CA LEU B 667 -9.70 -5.01 -45.46
C LEU B 667 -9.55 -6.45 -45.94
N THR B 668 -10.29 -7.42 -45.46
CA THR B 668 -10.12 -8.84 -45.84
C THR B 668 -8.71 -9.34 -45.57
N ASP B 669 -8.18 -9.25 -44.33
CA ASP B 669 -6.79 -9.54 -44.02
C ASP B 669 -6.58 -10.96 -43.49
N HIS B 670 -5.98 -11.81 -44.31
CA HIS B 670 -5.65 -13.18 -43.94
C HIS B 670 -4.15 -13.41 -44.06
N PRO B 671 -3.36 -12.93 -43.08
CA PRO B 671 -1.90 -13.02 -43.21
C PRO B 671 -1.39 -14.45 -43.07
N ILE B 672 -0.68 -14.92 -44.08
CA ILE B 672 0.00 -16.21 -44.08
C ILE B 672 1.49 -15.94 -44.19
N TYR B 673 2.28 -16.67 -43.39
CA TYR B 673 3.68 -16.30 -43.19
C TYR B 673 4.49 -16.35 -44.48
N LEU B 674 5.09 -15.22 -44.83
CA LEU B 674 5.97 -15.09 -45.99
C LEU B 674 5.21 -15.32 -47.28
N GLU B 675 4.05 -14.67 -47.37
CA GLU B 675 3.49 -14.29 -48.66
C GLU B 675 4.16 -12.98 -49.07
N THR B 676 4.90 -12.99 -50.18
CA THR B 676 5.53 -11.76 -50.64
C THR B 676 4.51 -10.76 -51.15
N GLU B 677 3.27 -11.19 -51.35
CA GLU B 677 2.20 -10.33 -51.86
C GLU B 677 0.91 -11.14 -51.80
N GLU B 678 -0.20 -10.45 -52.08
CA GLU B 678 -1.49 -11.11 -52.04
C GLU B 678 -1.55 -12.26 -53.04
N HIS B 679 -2.06 -13.40 -52.59
CA HIS B 679 -2.27 -14.58 -53.43
C HIS B 679 -0.97 -15.11 -54.02
N PHE B 680 0.16 -14.84 -53.37
CA PHE B 680 1.44 -15.36 -53.86
C PHE B 680 1.45 -16.89 -53.78
N ILE B 681 0.90 -17.45 -52.70
CA ILE B 681 0.92 -18.90 -52.54
C ILE B 681 0.09 -19.57 -53.62
N GLN B 682 -1.14 -19.06 -53.83
CA GLN B 682 -2.04 -19.67 -54.80
C GLN B 682 -1.46 -19.62 -56.21
N ASN B 683 -0.80 -18.51 -56.56
CA ASN B 683 -0.23 -18.39 -57.90
C ASN B 683 1.02 -19.23 -58.04
N TYR B 684 1.83 -19.33 -56.98
CA TYR B 684 2.98 -20.23 -57.03
C TYR B 684 2.54 -21.67 -57.25
N MET B 685 1.53 -22.11 -56.49
CA MET B 685 1.01 -23.46 -56.68
C MET B 685 0.48 -23.65 -58.10
N SER B 686 -0.22 -22.65 -58.63
CA SER B 686 -0.78 -22.77 -59.97
C SER B 686 0.31 -22.87 -61.02
N ARG B 687 1.40 -22.13 -60.85
CA ARG B 687 2.42 -22.05 -61.89
C ARG B 687 3.38 -23.24 -61.83
N TYR B 688 3.83 -23.60 -60.63
CA TYR B 688 4.84 -24.64 -60.48
C TYR B 688 4.31 -25.91 -59.84
N ASN B 689 3.01 -25.97 -59.53
CA ASN B 689 2.45 -27.17 -58.91
C ASN B 689 3.29 -27.55 -57.70
N LYS B 690 3.81 -26.58 -56.98
CA LYS B 690 4.60 -26.89 -55.78
C LYS B 690 4.32 -25.85 -54.70
N GLU B 691 4.72 -26.13 -53.47
CA GLU B 691 4.50 -25.24 -52.32
C GLU B 691 5.77 -24.45 -52.07
N PRO B 692 5.73 -23.11 -51.99
CA PRO B 692 6.87 -22.25 -51.91
C PRO B 692 7.50 -22.48 -50.57
N LEU B 693 8.82 -22.54 -50.58
CA LEU B 693 9.54 -22.76 -49.35
C LEU B 693 9.44 -21.48 -48.52
N MET B 694 8.84 -21.59 -47.35
CA MET B 694 8.67 -20.45 -46.45
C MET B 694 9.09 -20.90 -45.05
N PRO B 695 10.37 -21.22 -44.87
CA PRO B 695 10.84 -21.65 -43.55
C PRO B 695 10.82 -20.48 -42.57
N PHE B 696 10.41 -20.78 -41.33
CA PHE B 696 10.35 -19.77 -40.29
C PHE B 696 11.70 -19.07 -40.12
N SER B 697 12.79 -19.79 -40.33
CA SER B 697 14.13 -19.24 -40.20
C SER B 697 14.30 -17.88 -40.88
N LEU B 698 13.62 -17.67 -42.00
CA LEU B 698 13.84 -16.44 -42.75
C LEU B 698 13.43 -15.21 -41.95
N SER B 699 12.44 -15.35 -41.06
CA SER B 699 12.05 -14.23 -40.22
C SER B 699 13.21 -13.70 -39.41
N LEU B 700 14.16 -14.56 -39.04
CA LEU B 700 15.33 -14.14 -38.29
C LEU B 700 16.15 -13.10 -39.04
N TYR B 701 15.82 -12.79 -40.29
CA TYR B 701 16.49 -11.71 -40.99
C TYR B 701 16.37 -10.39 -40.24
N TYR B 702 15.31 -10.23 -39.45
CA TYR B 702 15.13 -8.99 -38.69
C TYR B 702 16.12 -8.85 -37.54
N LEU B 703 16.92 -9.88 -37.27
CA LEU B 703 17.96 -9.78 -36.26
C LEU B 703 19.24 -9.15 -36.78
N HIS B 704 19.22 -8.57 -37.98
CA HIS B 704 20.38 -7.93 -38.54
C HIS B 704 20.74 -6.67 -37.75
N ASP B 705 21.94 -6.16 -38.00
CA ASP B 705 22.41 -4.97 -37.31
C ASP B 705 21.52 -3.77 -37.63
N LEU B 706 21.18 -3.01 -36.60
CA LEU B 706 20.45 -1.78 -36.78
C LEU B 706 21.35 -0.70 -37.38
N ARG B 707 20.74 0.32 -37.96
CA ARG B 707 21.49 1.44 -38.50
C ARG B 707 21.81 2.43 -37.39
N ILE B 708 23.01 3.01 -37.45
CA ILE B 708 23.44 4.01 -36.49
C ILE B 708 23.48 5.36 -37.19
N GLU B 709 22.92 6.38 -36.55
CA GLU B 709 23.04 7.75 -37.02
C GLU B 709 23.09 8.66 -35.81
N ASN B 710 24.15 9.47 -35.73
CA ASN B 710 24.38 10.33 -34.58
C ASN B 710 24.28 9.54 -33.28
N ASN B 711 24.86 8.34 -33.29
CA ASN B 711 24.98 7.47 -32.14
C ASN B 711 23.64 6.94 -31.64
N GLU B 712 22.63 6.88 -32.50
CA GLU B 712 21.33 6.33 -32.13
C GLU B 712 20.87 5.37 -33.21
N VAL B 713 20.27 4.26 -32.78
CA VAL B 713 19.88 3.20 -33.71
C VAL B 713 18.53 3.54 -34.33
N TYR B 714 18.33 3.07 -35.56
CA TYR B 714 17.02 3.05 -36.20
C TYR B 714 17.01 1.86 -37.17
N ASP B 715 15.81 1.45 -37.56
CA ASP B 715 15.64 0.26 -38.41
C ASP B 715 14.66 0.59 -39.53
N PRO B 716 15.15 0.89 -40.74
CA PRO B 716 14.22 1.20 -41.84
C PRO B 716 13.36 0.02 -42.25
N LEU B 717 13.86 -1.21 -42.11
CA LEU B 717 13.07 -2.37 -42.51
C LEU B 717 11.74 -2.42 -41.76
N LEU B 718 11.75 -2.00 -40.49
CA LEU B 718 10.58 -2.09 -39.63
C LEU B 718 9.99 -0.71 -39.32
N TYR B 719 10.00 0.17 -40.31
CA TYR B 719 9.27 1.43 -40.19
C TYR B 719 8.14 1.47 -41.22
N PRO B 720 6.93 1.92 -40.83
CA PRO B 720 5.76 1.77 -41.69
C PRO B 720 5.62 2.82 -42.78
N ASN B 721 6.70 3.00 -43.57
CA ASN B 721 6.66 3.80 -44.79
C ASN B 721 7.08 2.99 -46.01
N LEU B 722 7.05 1.66 -45.91
CA LEU B 722 7.54 0.80 -46.98
C LEU B 722 6.60 0.85 -48.18
N GLU B 723 7.17 0.63 -49.36
CA GLU B 723 6.48 0.74 -50.63
C GLU B 723 6.17 -0.66 -51.18
N SER B 724 4.93 -0.84 -51.65
CA SER B 724 4.51 -2.13 -52.16
C SER B 724 5.48 -2.63 -53.22
N GLY B 725 5.72 -3.95 -53.21
CA GLY B 725 6.54 -4.58 -54.21
C GLY B 725 8.03 -4.56 -53.94
N SER B 726 8.50 -3.68 -53.05
CA SER B 726 9.91 -3.65 -52.72
C SER B 726 10.28 -4.87 -51.88
N PRO B 727 11.57 -5.22 -51.80
CA PRO B 727 11.96 -6.37 -50.98
C PRO B 727 11.61 -6.18 -49.50
N GLU B 728 11.93 -5.00 -48.95
CA GLU B 728 11.56 -4.71 -47.58
C GLU B 728 10.06 -4.91 -47.36
N PHE B 729 9.24 -4.41 -48.29
CA PHE B 729 7.80 -4.58 -48.17
C PHE B 729 7.41 -6.05 -48.19
N LYS B 730 8.04 -6.84 -49.08
CA LYS B 730 7.70 -8.24 -49.19
C LYS B 730 7.97 -8.98 -47.88
N LEU B 731 9.12 -8.71 -47.24
CA LEU B 731 9.42 -9.34 -45.96
C LEU B 731 8.42 -8.91 -44.89
N LEU B 732 8.11 -7.61 -44.82
CA LEU B 732 7.15 -7.14 -43.83
C LEU B 732 5.76 -7.71 -44.09
N TYR B 733 5.39 -7.79 -45.37
CA TYR B 733 4.07 -8.34 -45.72
C TYR B 733 3.96 -9.79 -45.29
N GLY B 734 5.02 -10.58 -45.49
CA GLY B 734 4.98 -11.98 -45.11
C GLY B 734 4.98 -12.20 -43.62
N THR B 735 5.65 -11.33 -42.88
CA THR B 735 5.85 -11.53 -41.45
C THR B 735 4.92 -10.68 -40.59
N ARG B 736 3.93 -10.03 -41.21
CA ARG B 736 3.17 -9.01 -40.49
C ARG B 736 2.49 -9.56 -39.24
N LYS B 737 1.88 -10.74 -39.34
CA LYS B 737 1.29 -11.32 -38.15
C LYS B 737 2.35 -11.81 -37.14
N LEU B 738 3.51 -12.28 -37.62
CA LEU B 738 4.55 -12.80 -36.72
C LEU B 738 5.03 -11.72 -35.76
N LEU B 739 5.10 -10.49 -36.28
CA LEU B 739 5.48 -9.25 -35.66
C LEU B 739 4.43 -8.73 -34.71
N GLY B 740 3.16 -9.10 -34.94
CA GLY B 740 2.09 -8.68 -34.08
C GLY B 740 2.13 -9.35 -32.73
N ASN B 741 1.01 -9.25 -32.01
CA ASN B 741 0.87 -9.80 -30.68
C ASN B 741 -0.13 -10.93 -30.63
N ASP B 742 -0.61 -11.45 -31.80
CA ASP B 742 -1.65 -12.47 -31.83
C ASP B 742 -1.02 -13.86 -31.87
N PRO B 743 -1.70 -14.86 -31.30
CA PRO B 743 -1.22 -16.24 -31.45
C PRO B 743 -1.08 -16.62 -32.92
N VAL B 744 -0.05 -17.40 -33.22
CA VAL B 744 0.23 -17.86 -34.57
C VAL B 744 -0.02 -19.35 -34.60
N GLN B 745 -1.13 -19.76 -35.21
CA GLN B 745 -1.37 -21.19 -35.39
C GLN B 745 -0.54 -21.71 -36.56
N LEU B 746 -0.26 -23.02 -36.53
CA LEU B 746 0.68 -23.58 -37.47
C LEU B 746 0.20 -23.46 -38.91
N SER B 747 -1.11 -23.37 -39.14
CA SER B 747 -1.61 -23.17 -40.49
C SER B 747 -1.24 -21.80 -41.05
N ASP B 748 -0.80 -20.88 -40.19
CA ASP B 748 -0.35 -19.57 -40.65
C ASP B 748 1.04 -19.60 -41.24
N MET B 749 1.78 -20.70 -41.05
CA MET B 749 3.11 -20.89 -41.64
C MET B 749 3.08 -22.23 -42.34
N PRO B 750 2.46 -22.31 -43.53
CA PRO B 750 2.26 -23.64 -44.14
C PRO B 750 3.56 -24.33 -44.47
N GLY B 751 4.61 -23.59 -44.77
CA GLY B 751 5.91 -24.20 -45.01
C GLY B 751 6.46 -24.89 -43.78
N VAL B 752 6.17 -24.35 -42.60
CA VAL B 752 6.58 -25.00 -41.36
C VAL B 752 5.87 -26.34 -41.21
N GLN B 753 4.56 -26.37 -41.45
CA GLN B 753 3.85 -27.65 -41.40
C GLN B 753 4.42 -28.64 -42.40
N LEU B 754 4.73 -28.17 -43.60
CA LEU B 754 5.17 -29.07 -44.66
C LEU B 754 6.52 -29.68 -44.34
N ILE B 755 7.44 -28.90 -43.76
CA ILE B 755 8.75 -29.45 -43.43
C ILE B 755 8.59 -30.56 -42.40
N MET B 756 7.68 -30.40 -41.43
CA MET B 756 7.44 -31.46 -40.47
C MET B 756 6.94 -32.71 -41.16
N LYS B 757 5.94 -32.55 -42.05
CA LYS B 757 5.34 -33.71 -42.70
C LYS B 757 6.34 -34.44 -43.58
N ASN B 758 7.23 -33.72 -44.25
CA ASN B 758 8.20 -34.38 -45.13
C ASN B 758 9.30 -35.06 -44.35
N TYR B 759 9.65 -34.54 -43.17
CA TYR B 759 10.61 -35.23 -42.33
C TYR B 759 10.00 -36.46 -41.68
N ASN B 760 8.71 -36.39 -41.32
CA ASN B 760 8.05 -37.54 -40.71
C ASN B 760 7.81 -38.66 -41.72
N GLU B 761 7.69 -38.31 -43.01
CA GLU B 761 7.52 -39.36 -44.00
C GLU B 761 8.79 -40.19 -44.16
N THR B 762 9.95 -39.61 -43.84
CA THR B 762 11.24 -40.26 -43.98
C THR B 762 11.77 -40.79 -42.65
N VAL B 763 10.88 -41.14 -41.72
CA VAL B 763 11.28 -41.59 -40.40
C VAL B 763 10.16 -42.44 -39.84
N VAL B 764 10.49 -43.26 -38.83
CA VAL B 764 9.53 -44.19 -38.24
C VAL B 764 8.79 -43.52 -37.08
N ALA B 765 7.71 -44.16 -36.62
CA ALA B 765 6.92 -43.64 -35.51
C ALA B 765 7.81 -43.13 -34.37
N ARG B 766 8.76 -43.96 -33.93
CA ARG B 766 9.60 -43.63 -32.79
C ARG B 766 10.34 -42.30 -33.00
N GLU B 767 10.72 -42.01 -34.25
CA GLU B 767 11.56 -40.86 -34.56
C GLU B 767 10.78 -39.65 -35.08
N GLN B 768 9.45 -39.70 -35.05
CA GLN B 768 8.63 -38.63 -35.60
C GLN B 768 8.44 -37.52 -34.58
N ILE B 769 7.92 -36.39 -35.07
CA ILE B 769 7.62 -35.21 -34.26
C ILE B 769 6.11 -35.04 -34.24
N THR B 770 5.55 -34.75 -33.04
CA THR B 770 4.10 -34.54 -32.96
C THR B 770 3.75 -33.07 -33.18
N PRO B 771 2.55 -32.78 -33.71
CA PRO B 771 2.13 -31.38 -33.84
C PRO B 771 1.93 -30.66 -32.53
N THR B 772 2.04 -31.34 -31.39
CA THR B 772 2.03 -30.67 -30.10
C THR B 772 3.44 -30.27 -29.67
N ARG B 773 4.45 -31.09 -29.99
CA ARG B 773 5.82 -30.71 -29.70
C ARG B 773 6.31 -29.65 -30.67
N PHE B 774 5.89 -29.75 -31.95
CA PHE B 774 6.23 -28.72 -32.93
C PHE B 774 5.51 -27.42 -32.62
N GLU B 775 4.24 -27.51 -32.22
CA GLU B 775 3.49 -26.31 -31.88
C GLU B 775 4.13 -25.60 -30.70
N HIS B 776 4.65 -26.37 -29.74
CA HIS B 776 5.28 -25.77 -28.57
C HIS B 776 6.60 -25.12 -28.94
N PHE B 777 7.45 -25.83 -29.67
CA PHE B 777 8.72 -25.25 -30.09
C PHE B 777 8.52 -23.91 -30.77
N TYR B 778 7.58 -23.85 -31.70
CA TYR B 778 7.41 -22.64 -32.49
C TYR B 778 6.69 -21.55 -31.70
N THR B 779 5.81 -21.93 -30.78
CA THR B 779 5.27 -20.92 -29.87
C THR B 779 6.39 -20.23 -29.12
N HIS B 780 7.38 -21.00 -28.64
CA HIS B 780 8.52 -20.41 -27.96
C HIS B 780 9.43 -19.65 -28.93
N ALA B 781 9.49 -20.11 -30.19
CA ALA B 781 10.28 -19.39 -31.18
C ALA B 781 9.63 -18.05 -31.53
N ILE B 782 8.30 -18.03 -31.68
CA ILE B 782 7.61 -16.77 -31.90
C ILE B 782 7.88 -15.81 -30.75
N GLN B 783 7.75 -16.32 -29.52
CA GLN B 783 7.94 -15.48 -28.34
C GLN B 783 9.35 -14.91 -28.28
N ALA B 784 10.35 -15.75 -28.55
CA ALA B 784 11.73 -15.26 -28.55
C ALA B 784 11.94 -14.17 -29.59
N LEU B 785 11.55 -14.46 -30.84
CA LEU B 785 11.75 -13.49 -31.92
C LEU B 785 11.04 -12.17 -31.62
N ARG B 786 9.81 -12.24 -31.13
CA ARG B 786 9.08 -11.02 -30.80
C ARG B 786 9.74 -10.25 -29.67
N PHE B 787 10.19 -10.98 -28.64
CA PHE B 787 10.89 -10.34 -27.53
C PHE B 787 12.12 -9.58 -28.03
N ILE B 788 12.96 -10.25 -28.82
CA ILE B 788 14.17 -9.60 -29.33
C ILE B 788 13.82 -8.40 -30.19
N ILE B 789 12.94 -8.60 -31.19
CA ILE B 789 12.62 -7.53 -32.13
C ILE B 789 12.02 -6.34 -31.39
N ASN B 790 11.05 -6.60 -30.50
CA ASN B 790 10.39 -5.51 -29.79
C ASN B 790 11.38 -4.69 -28.97
N ILE B 791 12.42 -5.34 -28.44
CA ILE B 791 13.47 -4.59 -27.73
C ILE B 791 14.20 -3.68 -28.70
N ARG B 792 14.86 -4.28 -29.70
CA ARG B 792 15.89 -3.56 -30.43
C ARG B 792 15.32 -2.63 -31.50
N SER B 793 14.22 -3.03 -32.14
CA SER B 793 13.73 -2.30 -33.31
C SER B 793 12.56 -1.38 -33.02
N PHE B 794 12.03 -1.38 -31.80
CA PHE B 794 10.84 -0.59 -31.51
C PHE B 794 11.00 0.22 -30.23
N LYS B 795 11.04 -0.45 -29.09
CA LYS B 795 11.20 0.26 -27.82
C LYS B 795 12.47 1.12 -27.84
N THR B 796 13.57 0.56 -28.34
CA THR B 796 14.83 1.30 -28.37
C THR B 796 14.78 2.44 -29.39
N VAL B 797 14.34 2.14 -30.61
CA VAL B 797 14.38 3.13 -31.67
C VAL B 797 13.52 4.34 -31.32
N MET B 798 12.42 4.12 -30.59
CA MET B 798 11.48 5.18 -30.26
C MET B 798 11.83 5.86 -28.94
N MET B 799 13.11 5.96 -28.61
CA MET B 799 13.56 6.58 -27.38
C MET B 799 15.00 7.03 -27.60
N TYR B 800 15.42 8.03 -26.80
CA TYR B 800 16.82 8.43 -26.77
C TYR B 800 17.64 7.25 -26.24
N ASN B 801 18.45 6.62 -27.10
CA ASN B 801 19.04 5.33 -26.76
C ASN B 801 20.56 5.33 -26.78
N GLU B 802 21.21 6.47 -26.86
CA GLU B 802 22.66 6.49 -26.75
C GLU B 802 23.07 6.03 -25.36
N ASN B 803 24.11 5.21 -25.30
CA ASN B 803 24.57 4.63 -24.03
C ASN B 803 23.47 3.81 -23.38
N THR B 804 22.81 2.97 -24.18
CA THR B 804 21.82 2.01 -23.72
C THR B 804 22.08 0.68 -24.41
N PHE B 805 21.44 -0.37 -23.91
CA PHE B 805 21.71 -1.72 -24.39
C PHE B 805 20.81 -2.15 -25.55
N GLY B 806 19.67 -1.48 -25.74
CA GLY B 806 18.65 -2.04 -26.60
C GLY B 806 19.09 -2.30 -28.02
N GLY B 807 19.97 -1.46 -28.56
CA GLY B 807 20.33 -1.51 -29.96
C GLY B 807 21.61 -2.21 -30.31
N VAL B 808 22.21 -2.95 -29.37
CA VAL B 808 23.50 -3.56 -29.64
C VAL B 808 23.39 -4.59 -30.77
N ASN B 809 24.48 -4.72 -31.52
CA ASN B 809 24.54 -5.76 -32.55
C ASN B 809 24.48 -7.14 -31.90
N LEU B 810 23.58 -7.98 -32.39
CA LEU B 810 23.53 -9.38 -31.97
C LEU B 810 24.43 -10.28 -32.80
N ILE B 811 24.92 -9.78 -33.93
CA ILE B 811 25.62 -10.59 -34.92
C ILE B 811 27.02 -10.02 -35.12
N SER B 812 27.95 -10.90 -35.45
CA SER B 812 29.32 -10.47 -35.73
C SER B 812 30.00 -11.50 -36.62
N GLU B 813 30.97 -11.03 -37.40
CA GLU B 813 31.84 -11.90 -38.18
C GLU B 813 33.05 -12.35 -37.37
N ASN B 814 33.11 -12.02 -36.09
CA ASN B 814 34.17 -12.42 -35.19
C ASN B 814 33.54 -13.18 -34.03
N ARG B 815 33.92 -14.45 -33.87
CA ARG B 815 33.33 -15.28 -32.82
C ARG B 815 33.79 -14.87 -31.44
N ASP B 816 34.85 -14.06 -31.33
CA ASP B 816 35.22 -13.48 -30.04
C ASP B 816 34.32 -12.32 -29.65
N ASP B 817 33.40 -11.91 -30.52
CA ASP B 817 32.54 -10.75 -30.29
C ASP B 817 31.11 -11.13 -29.96
N LYS B 818 30.49 -12.02 -30.73
CA LYS B 818 29.08 -12.33 -30.57
C LYS B 818 28.84 -13.81 -30.80
N PRO B 819 27.87 -14.40 -30.09
CA PRO B 819 27.61 -15.85 -30.25
C PRO B 819 26.86 -16.22 -31.52
N ILE B 820 26.28 -15.27 -32.25
CA ILE B 820 25.74 -15.52 -33.57
C ILE B 820 26.81 -15.11 -34.56
N ILE B 821 27.52 -16.09 -35.12
CA ILE B 821 28.70 -15.84 -35.93
C ILE B 821 28.31 -16.00 -37.41
N THR B 822 28.54 -14.95 -38.18
CA THR B 822 28.31 -14.97 -39.62
C THR B 822 29.65 -14.88 -40.34
N ALA B 823 29.81 -15.67 -41.40
CA ALA B 823 30.94 -15.57 -42.32
C ALA B 823 32.28 -15.49 -41.58
N GLY B 824 32.57 -16.53 -40.82
CA GLY B 824 33.87 -16.63 -40.20
C GLY B 824 34.10 -17.99 -39.57
N ILE B 825 35.24 -18.12 -38.90
CA ILE B 825 35.50 -19.30 -38.11
C ILE B 825 34.48 -19.37 -36.98
N GLY B 826 33.78 -20.50 -36.88
CA GLY B 826 32.71 -20.63 -35.92
C GLY B 826 31.35 -20.19 -36.40
N MET B 827 31.19 -19.98 -37.70
CA MET B 827 29.93 -19.51 -38.24
C MET B 827 28.80 -20.49 -37.93
N ASN B 828 27.77 -19.99 -37.24
CA ASN B 828 26.65 -20.84 -36.84
C ASN B 828 25.31 -20.19 -37.09
N ALA B 829 25.25 -19.16 -37.94
CA ALA B 829 24.03 -18.38 -38.14
C ALA B 829 23.15 -18.99 -39.21
N VAL B 830 21.84 -18.75 -39.08
CA VAL B 830 20.87 -19.26 -40.03
C VAL B 830 21.10 -18.64 -41.41
N TYR B 831 20.40 -19.16 -42.42
CA TYR B 831 20.59 -18.67 -43.78
C TYR B 831 20.31 -17.17 -43.87
N SER B 832 19.24 -16.71 -43.22
CA SER B 832 18.82 -15.32 -43.37
C SER B 832 19.81 -14.34 -42.75
N LEU B 833 20.60 -14.78 -41.78
CA LEU B 833 21.59 -13.91 -41.16
C LEU B 833 22.93 -13.94 -41.88
N ARG B 834 23.11 -14.85 -42.82
CA ARG B 834 24.34 -14.92 -43.60
C ARG B 834 24.17 -14.37 -45.02
N LYS B 835 22.97 -13.92 -45.39
CA LYS B 835 22.68 -13.56 -46.76
C LYS B 835 21.96 -12.22 -46.80
N THR B 836 21.77 -11.70 -48.00
CA THR B 836 21.09 -10.43 -48.21
C THR B 836 19.57 -10.63 -48.28
N LEU B 837 18.85 -9.52 -48.17
CA LEU B 837 17.39 -9.58 -48.25
C LEU B 837 16.94 -10.15 -49.59
N GLN B 838 17.62 -9.77 -50.68
CA GLN B 838 17.28 -10.32 -51.98
C GLN B 838 17.38 -11.84 -51.96
N ASP B 839 18.39 -12.38 -51.26
CA ASP B 839 18.55 -13.82 -51.18
C ASP B 839 17.37 -14.48 -50.49
N VAL B 840 16.82 -13.83 -49.47
CA VAL B 840 15.69 -14.41 -48.74
C VAL B 840 14.43 -14.37 -49.60
N ILE B 841 14.15 -13.21 -50.20
CA ILE B 841 12.96 -13.09 -51.03
C ILE B 841 13.01 -14.09 -52.17
N SER B 842 14.16 -14.19 -52.84
CA SER B 842 14.29 -15.16 -53.92
C SER B 842 14.27 -16.58 -53.39
N PHE B 843 14.73 -16.78 -52.16
CA PHE B 843 14.57 -18.09 -51.52
C PHE B 843 13.10 -18.51 -51.53
N VAL B 844 12.19 -17.54 -51.37
CA VAL B 844 10.77 -17.86 -51.31
C VAL B 844 10.18 -18.01 -52.71
N GLU B 845 10.41 -17.02 -53.58
CA GLU B 845 9.70 -16.96 -54.85
C GLU B 845 10.47 -17.59 -56.00
N SER B 846 11.50 -18.38 -55.70
CA SER B 846 12.27 -19.02 -56.76
C SER B 846 11.58 -20.33 -57.18
N SER B 847 11.64 -20.62 -58.49
CA SER B 847 11.08 -21.86 -58.99
C SER B 847 11.94 -23.07 -58.61
N TYR B 848 13.27 -22.91 -58.63
CA TYR B 848 14.21 -24.02 -58.40
C TYR B 848 14.45 -24.12 -56.90
N GLN B 849 13.62 -24.90 -56.23
CA GLN B 849 13.69 -24.97 -54.77
C GLN B 849 14.87 -25.78 -54.27
N GLU B 850 15.28 -26.82 -55.00
CA GLU B 850 16.36 -27.65 -54.50
C GLU B 850 17.65 -26.87 -54.36
N GLU B 851 17.91 -25.92 -55.27
CA GLU B 851 19.15 -25.15 -55.18
C GLU B 851 19.15 -24.31 -53.92
N GLN B 852 17.96 -23.87 -53.48
CA GLN B 852 17.85 -23.20 -52.21
C GLN B 852 18.04 -24.17 -51.06
N ILE B 853 17.41 -25.35 -51.15
CA ILE B 853 17.66 -26.38 -50.14
C ILE B 853 19.13 -26.78 -50.13
N ASN B 854 19.79 -26.73 -51.28
CA ASN B 854 21.23 -27.01 -51.31
C ASN B 854 22.02 -25.87 -50.69
N HIS B 855 21.58 -24.61 -50.80
CA HIS B 855 22.23 -23.47 -50.10
C HIS B 855 22.21 -23.75 -48.59
N ILE B 856 21.12 -24.29 -48.05
CA ILE B 856 21.06 -24.71 -46.63
C ILE B 856 21.87 -26.00 -46.47
#